data_5MDM
#
_entry.id   5MDM
#
_cell.length_a   150.340
_cell.length_b   228.210
_cell.length_c   78.840
_cell.angle_alpha   90.00
_cell.angle_beta   90.00
_cell.angle_gamma   90.00
#
_symmetry.space_group_name_H-M   'P 21 21 2'
#
loop_
_entity.id
_entity.type
_entity.pdbx_description
1 polymer Glycoprotein
2 branched 2-acetamido-2-deoxy-beta-D-glucopyranose-(1-4)-2-acetamido-2-deoxy-beta-D-glucopyranose
3 branched 2-acetamido-2-deoxy-beta-D-glucopyranose-(1-4)-[alpha-L-fucopyranose-(1-6)]2-acetamido-2-deoxy-beta-D-glucopyranose
4 non-polymer 'SULFATE ION'
5 non-polymer 2-acetamido-2-deoxy-beta-D-glucopyranose
#
_entity_poly.entity_id   1
_entity_poly.type   'polypeptide(L)'
_entity_poly.pdbx_seq_one_letter_code
;YLSIAFPENTKLDWKPVTKNTRYCPMGGEWFLEPGLQEESFLSSTPIGATPSKSDGFLCHAAKWVTTCDFRWYGPKYITH
SIHNIKPTRSDCDTALASYKSGTLVSLGFPPESCGYASVTDSEFLVIMITPHHVGVDDYRGHWVDPLFVGGECDQSYCDT
IHNSSVWIPADQTKKNICGQSFTPLTVTVAYDKTKEIAAGGIVFKSKYHSHMEGARTCRLSYCGRNGIKFPNGEWVSLDV
KTRIQEKHLLPLFKECPAGTEVRSTLQSDGAQVLTSEIQRILDYSLCQNTWDKVERKEPLSPLDLSYLASKSPGKGLAYT
VINGTLSFAHTRYVRMWIDGPVLKEPKGKRESPSGISSDIWTQWFKYGDMEIGPNGLLKTAGGYKFPWHLIGMGIVDNEL
HELSEANPLDHPQLPHAQS
;
_entity_poly.pdbx_strand_id   E,F,A,C
#
loop_
_chem_comp.id
_chem_comp.type
_chem_comp.name
_chem_comp.formula
FUC L-saccharide, alpha linking alpha-L-fucopyranose 'C6 H12 O5'
NAG D-saccharide, beta linking 2-acetamido-2-deoxy-beta-D-glucopyranose 'C8 H15 N O6'
SO4 non-polymer 'SULFATE ION' 'O4 S -2'
#
# COMPACT_ATOMS: atom_id res chain seq x y z
N TYR A 1 -57.04 -13.17 -15.89
CA TYR A 1 -55.82 -13.96 -15.98
C TYR A 1 -56.12 -15.37 -16.48
N LEU A 2 -57.38 -15.77 -16.34
CA LEU A 2 -57.85 -17.04 -16.86
C LEU A 2 -58.47 -16.86 -18.23
N SER A 3 -57.96 -17.60 -19.21
CA SER A 3 -58.50 -17.51 -20.56
C SER A 3 -59.06 -18.83 -21.01
N ILE A 4 -59.98 -18.79 -21.97
CA ILE A 4 -60.52 -19.98 -22.59
C ILE A 4 -60.70 -19.68 -24.06
N ALA A 5 -60.82 -20.74 -24.85
CA ALA A 5 -61.24 -20.59 -26.24
C ALA A 5 -62.70 -21.00 -26.26
N PHE A 6 -63.55 -20.12 -26.78
CA PHE A 6 -64.99 -20.30 -26.66
C PHE A 6 -65.67 -19.82 -27.94
N PRO A 7 -66.79 -20.45 -28.31
CA PRO A 7 -67.53 -19.96 -29.48
C PRO A 7 -67.91 -18.49 -29.33
N GLU A 8 -67.69 -17.70 -30.39
CA GLU A 8 -67.90 -16.26 -30.32
C GLU A 8 -69.35 -15.87 -30.07
N ASN A 9 -70.27 -16.46 -30.83
CA ASN A 9 -71.68 -16.14 -30.69
C ASN A 9 -72.29 -16.79 -29.44
N THR A 10 -73.30 -16.14 -28.87
CA THR A 10 -73.95 -16.62 -27.66
C THR A 10 -74.98 -17.68 -28.00
N LYS A 11 -75.28 -17.80 -29.29
CA LYS A 11 -76.20 -18.82 -29.80
C LYS A 11 -75.61 -19.45 -31.04
N LEU A 12 -75.80 -20.75 -31.19
CA LEU A 12 -75.34 -21.46 -32.38
C LEU A 12 -76.46 -22.31 -32.97
N ASP A 13 -76.37 -22.57 -34.27
CA ASP A 13 -77.32 -23.44 -34.94
C ASP A 13 -76.89 -24.89 -34.76
N TRP A 14 -77.59 -25.60 -33.87
CA TRP A 14 -77.25 -26.99 -33.54
C TRP A 14 -77.92 -28.00 -34.47
N LYS A 15 -77.20 -29.08 -34.76
CA LYS A 15 -77.72 -30.19 -35.55
C LYS A 15 -77.22 -31.48 -34.89
N PRO A 16 -78.04 -32.55 -34.97
CA PRO A 16 -77.67 -33.82 -34.35
C PRO A 16 -76.45 -34.46 -35.03
N VAL A 17 -75.52 -34.95 -34.21
CA VAL A 17 -74.35 -35.66 -34.72
C VAL A 17 -74.78 -37.01 -35.29
N THR A 18 -74.39 -37.28 -36.53
CA THR A 18 -74.77 -38.53 -37.19
C THR A 18 -73.57 -39.33 -37.70
N LYS A 19 -72.73 -38.68 -38.49
CA LYS A 19 -71.61 -39.36 -39.14
C LYS A 19 -70.50 -39.74 -38.16
N ASN A 20 -70.53 -39.14 -36.97
CA ASN A 20 -69.62 -39.51 -35.88
C ASN A 20 -68.14 -39.29 -36.18
N THR A 21 -67.82 -38.45 -37.15
CA THR A 21 -66.43 -38.17 -37.49
C THR A 21 -65.72 -37.37 -36.40
N ARG A 22 -64.48 -37.75 -36.12
CA ARG A 22 -63.74 -37.19 -35.01
C ARG A 22 -62.76 -36.13 -35.48
N TYR A 23 -62.84 -34.95 -34.87
CA TYR A 23 -61.88 -33.88 -35.14
C TYR A 23 -61.01 -33.67 -33.90
N CYS A 24 -60.08 -34.59 -33.67
CA CYS A 24 -59.24 -34.56 -32.48
C CYS A 24 -57.80 -34.18 -32.78
N PRO A 25 -57.29 -33.17 -32.08
CA PRO A 25 -58.07 -32.36 -31.14
C PRO A 25 -58.73 -31.24 -31.92
N MET A 26 -59.76 -30.61 -31.34
CA MET A 26 -60.47 -29.57 -32.07
C MET A 26 -59.60 -28.33 -32.26
N GLY A 27 -59.58 -27.85 -33.49
CA GLY A 27 -58.78 -26.68 -33.84
C GLY A 27 -59.19 -26.15 -35.19
N GLY A 28 -58.65 -25.00 -35.55
CA GLY A 28 -58.92 -24.41 -36.85
C GLY A 28 -58.18 -25.13 -37.97
N GLU A 29 -57.23 -25.98 -37.59
CA GLU A 29 -56.44 -26.73 -38.55
C GLU A 29 -57.29 -27.65 -39.42
N TRP A 30 -58.35 -28.20 -38.84
CA TRP A 30 -59.22 -29.13 -39.56
C TRP A 30 -60.04 -28.44 -40.62
N PHE A 31 -60.26 -27.14 -40.45
CA PHE A 31 -61.20 -26.42 -41.29
C PHE A 31 -60.55 -25.29 -42.09
N LEU A 32 -60.76 -25.34 -43.40
CA LEU A 32 -60.18 -24.38 -44.33
C LEU A 32 -60.89 -23.03 -44.22
N GLU A 33 -60.17 -22.02 -43.75
CA GLU A 33 -60.71 -20.67 -43.69
C GLU A 33 -60.34 -19.91 -44.98
N PRO A 34 -61.33 -19.71 -45.85
CA PRO A 34 -61.17 -19.23 -47.23
C PRO A 34 -60.37 -17.94 -47.34
N GLY A 35 -60.82 -16.90 -46.65
CA GLY A 35 -60.23 -15.59 -46.79
C GLY A 35 -58.88 -15.44 -46.12
N LEU A 36 -58.40 -16.51 -45.49
CA LEU A 36 -57.14 -16.44 -44.75
C LEU A 36 -55.93 -16.86 -45.58
N GLN A 37 -54.90 -16.04 -45.49
CA GLN A 37 -53.63 -16.26 -46.16
C GLN A 37 -52.55 -16.29 -45.10
N GLU A 38 -51.56 -17.17 -45.27
CA GLU A 38 -50.45 -17.23 -44.33
C GLU A 38 -49.12 -16.93 -45.00
N GLU A 39 -48.23 -16.26 -44.26
CA GLU A 39 -46.88 -15.97 -44.71
C GLU A 39 -45.96 -16.04 -43.51
N SER A 40 -44.79 -16.65 -43.71
CA SER A 40 -43.85 -16.82 -42.62
C SER A 40 -42.56 -16.04 -42.86
N PHE A 41 -41.90 -15.66 -41.78
CA PHE A 41 -40.59 -15.02 -41.86
C PHE A 41 -39.64 -15.56 -40.80
N LEU A 42 -38.35 -15.63 -41.14
CA LEU A 42 -37.35 -16.10 -40.19
C LEU A 42 -37.23 -15.10 -39.05
N SER A 43 -37.22 -15.59 -37.83
CA SER A 43 -37.18 -14.71 -36.68
C SER A 43 -36.29 -15.25 -35.56
N SER A 44 -36.31 -14.54 -34.45
CA SER A 44 -35.45 -14.85 -33.34
C SER A 44 -36.24 -14.51 -32.08
N THR A 45 -36.11 -15.32 -31.04
CA THR A 45 -36.83 -15.04 -29.80
C THR A 45 -35.96 -15.33 -28.58
N PRO A 46 -36.01 -14.44 -27.58
CA PRO A 46 -35.21 -14.60 -26.36
C PRO A 46 -35.70 -15.76 -25.51
N ILE A 47 -34.78 -16.65 -25.13
CA ILE A 47 -35.15 -17.88 -24.43
C ILE A 47 -34.63 -17.92 -23.00
N GLY A 48 -34.07 -16.81 -22.54
CA GLY A 48 -33.60 -16.75 -21.17
C GLY A 48 -32.40 -15.85 -20.98
N ALA A 49 -32.27 -15.34 -19.76
CA ALA A 49 -31.11 -14.53 -19.41
C ALA A 49 -29.96 -15.46 -19.03
N THR A 50 -28.86 -15.31 -19.72
CA THR A 50 -27.67 -16.04 -19.34
C THR A 50 -26.62 -15.06 -18.84
N PRO A 51 -26.47 -14.98 -17.50
CA PRO A 51 -25.69 -13.95 -16.81
C PRO A 51 -24.23 -13.90 -17.25
N SER A 52 -23.70 -15.03 -17.71
CA SER A 52 -22.32 -15.10 -18.15
C SER A 52 -22.03 -14.14 -19.32
N LYS A 53 -23.08 -13.73 -20.02
CA LYS A 53 -22.94 -12.78 -21.12
C LYS A 53 -22.54 -11.39 -20.63
N SER A 54 -22.50 -11.20 -19.31
CA SER A 54 -22.06 -9.93 -18.75
C SER A 54 -21.00 -10.13 -17.66
N ASP A 55 -20.28 -11.25 -17.73
CA ASP A 55 -19.14 -11.48 -16.88
C ASP A 55 -18.05 -10.49 -17.28
N GLY A 56 -17.33 -9.97 -16.29
CA GLY A 56 -16.32 -8.98 -16.56
C GLY A 56 -15.08 -9.09 -15.71
N PHE A 57 -14.17 -8.14 -15.91
CA PHE A 57 -12.95 -8.05 -15.16
C PHE A 57 -12.67 -6.60 -14.85
N LEU A 58 -12.31 -6.34 -13.60
CA LEU A 58 -11.80 -5.03 -13.22
C LEU A 58 -10.30 -5.03 -13.43
N CYS A 59 -9.86 -4.22 -14.40
CA CYS A 59 -8.46 -4.07 -14.71
C CYS A 59 -7.89 -2.90 -13.90
N HIS A 60 -7.14 -3.23 -12.86
CA HIS A 60 -6.51 -2.22 -12.01
C HIS A 60 -5.07 -1.99 -12.43
N ALA A 61 -4.65 -0.73 -12.45
CA ALA A 61 -3.28 -0.39 -12.82
C ALA A 61 -2.64 0.49 -11.77
N ALA A 62 -1.44 0.14 -11.34
CA ALA A 62 -0.70 0.94 -10.37
C ALA A 62 0.79 0.72 -10.51
N LYS A 63 1.54 1.81 -10.60
CA LYS A 63 3.00 1.74 -10.62
C LYS A 63 3.54 1.53 -9.21
N TRP A 64 4.32 0.48 -9.02
CA TRP A 64 5.00 0.25 -7.76
C TRP A 64 6.41 0.85 -7.87
N VAL A 65 6.67 1.86 -7.06
CA VAL A 65 7.89 2.65 -7.18
C VAL A 65 8.84 2.46 -6.01
N THR A 66 10.04 1.98 -6.32
CA THR A 66 11.14 1.90 -5.37
C THR A 66 12.05 3.10 -5.57
N THR A 67 12.13 3.97 -4.57
CA THR A 67 12.89 5.20 -4.68
C THR A 67 14.15 5.17 -3.83
N CYS A 68 15.28 5.48 -4.45
CA CYS A 68 16.56 5.54 -3.75
C CYS A 68 17.01 6.98 -3.57
N ASP A 69 17.19 7.38 -2.32
CA ASP A 69 17.66 8.73 -2.02
C ASP A 69 19.11 8.73 -1.54
N PHE A 70 19.97 9.32 -2.36
CA PHE A 70 21.39 9.43 -2.02
C PHE A 70 21.82 10.89 -2.15
N ARG A 71 21.90 11.58 -1.01
CA ARG A 71 22.25 13.00 -1.00
C ARG A 71 23.74 13.22 -0.74
N TRP A 72 24.04 14.19 0.13
CA TRP A 72 25.42 14.51 0.48
C TRP A 72 26.16 13.31 1.07
N TYR A 73 25.52 12.65 2.04
CA TYR A 73 26.08 11.46 2.67
C TYR A 73 24.98 10.65 3.35
N GLY A 74 25.33 10.07 4.49
CA GLY A 74 24.36 9.32 5.27
C GLY A 74 24.02 7.97 4.67
N PRO A 75 23.15 7.21 5.34
CA PRO A 75 22.73 5.88 4.90
C PRO A 75 22.00 5.92 3.56
N LYS A 76 21.71 4.74 3.01
CA LYS A 76 20.91 4.63 1.79
C LYS A 76 19.43 4.65 2.15
N TYR A 77 18.77 5.77 1.90
CA TYR A 77 17.35 5.90 2.23
C TYR A 77 16.47 5.42 1.09
N ILE A 78 15.88 4.24 1.26
CA ILE A 78 14.99 3.67 0.25
C ILE A 78 13.54 3.74 0.70
N THR A 79 12.69 4.30 -0.15
CA THR A 79 11.27 4.33 0.14
C THR A 79 10.49 3.51 -0.89
N HIS A 80 9.30 3.07 -0.50
CA HIS A 80 8.45 2.29 -1.39
C HIS A 80 7.05 2.91 -1.47
N SER A 81 6.63 3.25 -2.67
CA SER A 81 5.30 3.85 -2.87
C SER A 81 4.52 3.10 -3.95
N ILE A 82 3.22 3.37 -4.01
CA ILE A 82 2.38 2.82 -5.08
C ILE A 82 1.46 3.91 -5.63
N HIS A 83 1.52 4.11 -6.94
CA HIS A 83 0.74 5.17 -7.59
C HIS A 83 -0.32 4.57 -8.52
N ASN A 84 -1.58 4.67 -8.11
CA ASN A 84 -2.68 4.22 -8.96
C ASN A 84 -2.76 5.05 -10.23
N ILE A 85 -2.79 4.37 -11.37
CA ILE A 85 -2.97 5.05 -12.66
C ILE A 85 -4.04 4.36 -13.49
N LYS A 86 -4.58 5.07 -14.48
CA LYS A 86 -5.57 4.46 -15.36
C LYS A 86 -4.89 3.66 -16.44
N PRO A 87 -5.25 2.38 -16.57
CA PRO A 87 -4.63 1.48 -17.55
C PRO A 87 -5.05 1.83 -18.97
N THR A 88 -4.17 1.55 -19.92
CA THR A 88 -4.52 1.67 -21.33
C THR A 88 -5.29 0.42 -21.71
N ARG A 89 -5.89 0.41 -22.89
CA ARG A 89 -6.60 -0.76 -23.36
C ARG A 89 -5.61 -1.91 -23.59
N SER A 90 -4.42 -1.56 -24.07
CA SER A 90 -3.39 -2.55 -24.32
C SER A 90 -2.94 -3.26 -23.04
N ASP A 91 -2.72 -2.46 -22.00
CA ASP A 91 -2.33 -2.97 -20.69
C ASP A 91 -3.34 -3.99 -20.19
N CYS A 92 -4.61 -3.59 -20.23
CA CYS A 92 -5.70 -4.45 -19.79
C CYS A 92 -5.80 -5.73 -20.60
N ASP A 93 -5.65 -5.61 -21.92
CA ASP A 93 -5.72 -6.78 -22.80
C ASP A 93 -4.61 -7.79 -22.48
N THR A 94 -3.38 -7.31 -22.44
CA THR A 94 -2.23 -8.17 -22.15
C THR A 94 -2.37 -8.82 -20.79
N ALA A 95 -2.72 -8.02 -19.78
CA ALA A 95 -2.82 -8.52 -18.42
C ALA A 95 -3.99 -9.49 -18.24
N LEU A 96 -5.05 -9.29 -19.02
CA LEU A 96 -6.21 -10.17 -18.96
C LEU A 96 -5.87 -11.50 -19.62
N ALA A 97 -5.14 -11.45 -20.73
CA ALA A 97 -4.66 -12.66 -21.37
C ALA A 97 -3.77 -13.45 -20.41
N SER A 98 -2.85 -12.74 -19.76
CA SER A 98 -1.98 -13.33 -18.75
C SER A 98 -2.79 -13.95 -17.62
N TYR A 99 -3.87 -13.29 -17.22
CA TYR A 99 -4.72 -13.79 -16.15
C TYR A 99 -5.42 -15.09 -16.58
N LYS A 100 -5.95 -15.10 -17.78
CA LYS A 100 -6.66 -16.26 -18.32
C LYS A 100 -5.72 -17.46 -18.46
N SER A 101 -4.51 -17.21 -18.94
CA SER A 101 -3.54 -18.28 -19.11
C SER A 101 -2.83 -18.63 -17.81
N GLY A 102 -2.97 -17.77 -16.80
CA GLY A 102 -2.35 -17.99 -15.51
C GLY A 102 -0.91 -17.49 -15.47
N THR A 103 -0.61 -16.49 -16.28
CA THR A 103 0.75 -15.95 -16.37
C THR A 103 0.90 -14.72 -15.47
N LEU A 104 -0.19 -13.99 -15.27
CA LEU A 104 -0.16 -12.74 -14.51
C LEU A 104 0.29 -12.94 -13.07
N VAL A 105 1.43 -12.33 -12.71
CA VAL A 105 1.98 -12.47 -11.37
C VAL A 105 2.33 -11.11 -10.74
N SER A 106 1.89 -10.90 -9.50
CA SER A 106 2.23 -9.69 -8.75
C SER A 106 3.69 -9.74 -8.29
N LEU A 107 4.58 -9.21 -9.11
CA LEU A 107 6.02 -9.32 -8.87
C LEU A 107 6.50 -8.45 -7.71
N GLY A 108 5.64 -7.55 -7.25
CA GLY A 108 5.99 -6.69 -6.13
C GLY A 108 6.87 -5.52 -6.53
N PHE A 109 7.55 -4.93 -5.54
CA PHE A 109 8.40 -3.76 -5.77
C PHE A 109 9.61 -4.05 -6.65
N PRO A 110 10.09 -3.02 -7.36
CA PRO A 110 11.32 -3.10 -8.17
C PRO A 110 12.57 -3.08 -7.31
N PRO A 111 13.66 -3.69 -7.79
CA PRO A 111 14.93 -3.67 -7.08
C PRO A 111 15.46 -2.25 -6.96
N GLU A 112 16.21 -1.97 -5.91
CA GLU A 112 16.74 -0.63 -5.66
C GLU A 112 17.67 -0.18 -6.77
N SER A 113 17.41 1.02 -7.29
CA SER A 113 18.27 1.62 -8.30
C SER A 113 18.90 2.88 -7.74
N CYS A 114 20.09 2.75 -7.15
CA CYS A 114 20.73 3.85 -6.44
C CYS A 114 21.81 4.57 -7.23
N GLY A 115 21.98 5.85 -6.94
CA GLY A 115 23.03 6.67 -7.52
C GLY A 115 23.70 7.48 -6.43
N TYR A 116 24.06 8.71 -6.76
CA TYR A 116 24.67 9.61 -5.78
C TYR A 116 24.35 11.06 -6.13
N ALA A 117 24.08 11.87 -5.11
CA ALA A 117 23.72 13.28 -5.28
C ALA A 117 22.50 13.45 -6.18
N SER A 118 21.66 12.41 -6.25
CA SER A 118 20.46 12.43 -7.07
C SER A 118 19.49 11.36 -6.61
N VAL A 119 18.25 11.77 -6.33
CA VAL A 119 17.21 10.84 -5.92
C VAL A 119 16.42 10.32 -7.13
N THR A 120 16.81 9.15 -7.62
CA THR A 120 16.15 8.54 -8.76
C THR A 120 15.41 7.28 -8.34
N ASP A 121 14.33 6.97 -9.03
CA ASP A 121 13.51 5.81 -8.67
C ASP A 121 13.26 4.87 -9.84
N SER A 122 13.01 3.60 -9.53
CA SER A 122 12.64 2.61 -10.53
C SER A 122 11.22 2.15 -10.26
N GLU A 123 10.49 1.80 -11.32
CA GLU A 123 9.08 1.46 -11.17
C GLU A 123 8.63 0.25 -11.98
N PHE A 124 7.65 -0.46 -11.42
CA PHE A 124 7.04 -1.64 -12.04
C PHE A 124 5.55 -1.39 -12.24
N LEU A 125 5.09 -1.34 -13.48
CA LEU A 125 3.66 -1.17 -13.73
C LEU A 125 2.88 -2.45 -13.46
N VAL A 126 2.16 -2.47 -12.35
CA VAL A 126 1.46 -3.66 -11.88
C VAL A 126 -0.03 -3.62 -12.23
N ILE A 127 -0.50 -4.65 -12.91
CA ILE A 127 -1.92 -4.79 -13.23
C ILE A 127 -2.56 -5.89 -12.40
N MET A 128 -3.71 -5.59 -11.82
CA MET A 128 -4.45 -6.56 -11.01
C MET A 128 -5.85 -6.79 -11.59
N ILE A 129 -6.14 -8.02 -11.94
CA ILE A 129 -7.41 -8.37 -12.58
C ILE A 129 -8.40 -9.00 -11.59
N THR A 130 -9.41 -8.23 -11.21
CA THR A 130 -10.42 -8.73 -10.28
C THR A 130 -11.76 -8.94 -10.99
N PRO A 131 -12.09 -10.22 -11.27
CA PRO A 131 -13.34 -10.57 -11.96
C PRO A 131 -14.57 -9.93 -11.32
N HIS A 132 -15.28 -9.12 -12.09
CA HIS A 132 -16.46 -8.40 -11.61
C HIS A 132 -17.62 -8.50 -12.60
N HIS A 133 -18.74 -9.05 -12.14
CA HIS A 133 -19.91 -9.21 -13.00
C HIS A 133 -20.81 -7.98 -12.95
N VAL A 134 -21.28 -7.54 -14.12
CA VAL A 134 -22.15 -6.37 -14.21
C VAL A 134 -23.47 -6.71 -14.88
N GLY A 135 -24.43 -5.79 -14.80
CA GLY A 135 -25.73 -6.01 -15.41
C GLY A 135 -25.79 -5.51 -16.83
N VAL A 136 -26.92 -5.75 -17.50
CA VAL A 136 -27.11 -5.35 -18.89
C VAL A 136 -28.46 -4.69 -19.08
N ASP A 137 -28.50 -3.54 -19.75
CA ASP A 137 -29.75 -3.01 -20.25
C ASP A 137 -29.99 -3.59 -21.64
N ASP A 138 -30.81 -4.63 -21.71
CA ASP A 138 -31.09 -5.28 -22.99
C ASP A 138 -31.83 -4.34 -23.94
N TYR A 139 -32.51 -3.34 -23.40
CA TYR A 139 -33.35 -2.48 -24.22
C TYR A 139 -32.55 -1.33 -24.85
N ARG A 140 -31.59 -0.80 -24.11
CA ARG A 140 -30.78 0.29 -24.60
C ARG A 140 -29.42 -0.19 -25.10
N GLY A 141 -29.14 -1.47 -24.86
CA GLY A 141 -27.96 -2.11 -25.41
C GLY A 141 -26.63 -1.71 -24.81
N HIS A 142 -26.61 -1.47 -23.51
CA HIS A 142 -25.36 -1.14 -22.83
C HIS A 142 -25.21 -1.81 -21.46
N TRP A 143 -23.97 -1.88 -20.99
CA TRP A 143 -23.68 -2.42 -19.67
C TRP A 143 -24.23 -1.49 -18.61
N VAL A 144 -24.51 -2.03 -17.43
CA VAL A 144 -25.00 -1.22 -16.33
C VAL A 144 -24.50 -1.74 -14.99
N ASP A 145 -23.82 -0.85 -14.25
CA ASP A 145 -23.23 -1.18 -12.96
C ASP A 145 -22.90 0.15 -12.29
N PRO A 146 -23.06 0.21 -10.96
CA PRO A 146 -22.76 1.44 -10.20
C PRO A 146 -21.30 1.89 -10.31
N LEU A 147 -20.38 0.97 -10.61
CA LEU A 147 -18.98 1.31 -10.73
C LEU A 147 -18.67 2.14 -11.98
N PHE A 148 -19.55 2.06 -12.98
CA PHE A 148 -19.33 2.76 -14.23
C PHE A 148 -19.53 4.27 -14.09
N VAL A 149 -18.89 5.02 -14.96
CA VAL A 149 -19.12 6.46 -15.03
C VAL A 149 -20.49 6.71 -15.67
N GLY A 150 -21.41 7.20 -14.86
CA GLY A 150 -22.77 7.43 -15.31
C GLY A 150 -23.65 6.23 -15.01
N GLY A 151 -23.07 5.23 -14.34
CA GLY A 151 -23.79 4.03 -13.97
C GLY A 151 -23.99 3.07 -15.12
N GLU A 152 -23.35 3.36 -16.25
CA GLU A 152 -23.54 2.59 -17.47
C GLU A 152 -22.37 2.80 -18.43
N CYS A 153 -22.29 1.93 -19.44
CA CYS A 153 -21.26 2.02 -20.47
C CYS A 153 -21.61 1.10 -21.64
N ASP A 154 -21.11 1.43 -22.83
CA ASP A 154 -21.39 0.60 -24.00
C ASP A 154 -20.15 0.28 -24.83
N GLN A 155 -18.99 0.25 -24.19
CA GLN A 155 -17.73 -0.05 -24.86
C GLN A 155 -17.15 -1.40 -24.46
N SER A 156 -15.99 -1.75 -25.01
CA SER A 156 -15.29 -2.97 -24.63
C SER A 156 -14.21 -2.66 -23.62
N TYR A 157 -14.07 -1.37 -23.29
CA TYR A 157 -13.12 -0.93 -22.28
C TYR A 157 -13.77 0.22 -21.51
N CYS A 158 -14.63 -0.14 -20.56
CA CYS A 158 -15.43 0.85 -19.83
C CYS A 158 -14.68 1.50 -18.67
N ASP A 159 -14.87 2.80 -18.52
CA ASP A 159 -14.24 3.54 -17.43
C ASP A 159 -15.06 3.48 -16.15
N THR A 160 -14.38 3.22 -15.04
CA THR A 160 -15.04 3.17 -13.74
C THR A 160 -14.89 4.49 -13.01
N ILE A 161 -15.42 4.57 -11.79
CA ILE A 161 -15.30 5.77 -10.99
C ILE A 161 -13.92 5.89 -10.35
N HIS A 162 -13.38 4.77 -9.90
CA HIS A 162 -12.03 4.74 -9.34
C HIS A 162 -11.02 4.98 -10.45
N ASN A 163 -10.11 5.92 -10.23
CA ASN A 163 -9.10 6.29 -11.21
C ASN A 163 -8.23 5.11 -11.62
N SER A 164 -8.01 4.19 -10.68
CA SER A 164 -7.09 3.08 -10.88
C SER A 164 -7.62 1.98 -11.80
N SER A 165 -8.93 1.71 -11.73
CA SER A 165 -9.50 0.55 -12.42
C SER A 165 -10.44 0.89 -13.58
N VAL A 166 -10.48 0.01 -14.57
CA VAL A 166 -11.49 0.05 -15.61
C VAL A 166 -12.18 -1.31 -15.68
N TRP A 167 -13.12 -1.47 -16.61
CA TRP A 167 -13.86 -2.73 -16.74
C TRP A 167 -13.83 -3.29 -18.16
N ILE A 168 -13.46 -4.56 -18.28
CA ILE A 168 -13.43 -5.24 -19.57
C ILE A 168 -14.41 -6.40 -19.54
N PRO A 169 -15.31 -6.47 -20.54
CA PRO A 169 -16.20 -7.62 -20.64
C PRO A 169 -15.39 -8.87 -20.99
N ALA A 170 -15.72 -10.00 -20.37
CA ALA A 170 -14.98 -11.24 -20.58
C ALA A 170 -15.11 -11.73 -22.02
N ASP A 171 -16.09 -11.20 -22.73
CA ASP A 171 -16.25 -11.45 -24.15
C ASP A 171 -16.20 -10.13 -24.91
N GLN A 172 -15.12 -9.88 -25.63
CA GLN A 172 -14.94 -8.63 -26.35
C GLN A 172 -15.37 -8.72 -27.81
N THR A 173 -16.22 -9.68 -28.12
CA THR A 173 -16.76 -9.83 -29.47
C THR A 173 -17.59 -8.60 -29.84
N LYS A 174 -17.06 -7.79 -30.75
CA LYS A 174 -17.68 -6.53 -31.13
C LYS A 174 -19.07 -6.70 -31.73
N LYS A 175 -20.03 -7.06 -30.88
CA LYS A 175 -21.42 -7.18 -31.29
C LYS A 175 -22.31 -6.46 -30.29
N ASN A 176 -23.60 -6.77 -30.30
CA ASN A 176 -24.55 -6.14 -29.40
C ASN A 176 -24.36 -6.55 -27.95
N ILE A 177 -24.44 -5.58 -27.04
CA ILE A 177 -24.47 -5.87 -25.62
C ILE A 177 -25.84 -6.44 -25.25
N CYS A 178 -25.85 -7.70 -24.83
CA CYS A 178 -27.09 -8.38 -24.52
C CYS A 178 -26.86 -9.38 -23.40
N GLY A 179 -27.77 -9.42 -22.45
CA GLY A 179 -27.68 -10.41 -21.40
C GLY A 179 -28.69 -11.52 -21.64
N GLN A 180 -29.03 -11.74 -22.90
CA GLN A 180 -30.12 -12.65 -23.24
C GLN A 180 -29.72 -13.58 -24.39
N SER A 181 -30.07 -14.86 -24.25
CA SER A 181 -29.86 -15.82 -25.32
C SER A 181 -31.09 -15.92 -26.21
N PHE A 182 -30.87 -16.19 -27.49
CA PHE A 182 -31.97 -16.27 -28.45
C PHE A 182 -32.06 -17.63 -29.13
N THR A 183 -33.09 -17.80 -29.93
CA THR A 183 -33.20 -18.96 -30.80
C THR A 183 -33.92 -18.60 -32.10
N PRO A 184 -33.47 -19.19 -33.21
CA PRO A 184 -34.17 -18.99 -34.48
C PRO A 184 -35.57 -19.57 -34.41
N LEU A 185 -36.47 -19.00 -35.19
CA LEU A 185 -37.88 -19.28 -35.04
C LEU A 185 -38.57 -18.87 -36.31
N THR A 186 -39.38 -19.75 -36.88
CA THR A 186 -40.25 -19.34 -37.96
C THR A 186 -41.50 -18.73 -37.35
N VAL A 187 -41.75 -17.47 -37.67
CA VAL A 187 -42.98 -16.81 -37.24
C VAL A 187 -43.89 -16.71 -38.45
N THR A 188 -45.15 -17.10 -38.28
CA THR A 188 -46.11 -17.11 -39.36
C THR A 188 -47.17 -16.03 -39.16
N VAL A 189 -47.45 -15.30 -40.23
CA VAL A 189 -48.44 -14.24 -40.20
C VAL A 189 -49.70 -14.72 -40.92
N ALA A 190 -50.84 -14.61 -40.26
CA ALA A 190 -52.12 -14.94 -40.88
C ALA A 190 -52.97 -13.67 -41.03
N TYR A 191 -53.53 -13.48 -42.21
CA TYR A 191 -54.29 -12.26 -42.48
C TYR A 191 -55.34 -12.50 -43.54
N ASP A 192 -56.34 -11.61 -43.58
CA ASP A 192 -57.40 -11.72 -44.55
C ASP A 192 -56.86 -11.43 -45.95
N LYS A 193 -56.96 -12.43 -46.83
CA LYS A 193 -56.38 -12.40 -48.17
C LYS A 193 -56.90 -11.23 -48.99
N THR A 194 -58.15 -10.84 -48.74
CA THR A 194 -58.84 -9.86 -49.57
C THR A 194 -58.60 -8.43 -49.10
N LYS A 195 -58.69 -8.21 -47.79
CA LYS A 195 -58.53 -6.88 -47.22
C LYS A 195 -57.08 -6.39 -47.31
N GLU A 196 -56.89 -5.10 -47.09
CA GLU A 196 -55.56 -4.50 -47.04
C GLU A 196 -54.88 -4.89 -45.73
N ILE A 197 -53.62 -5.33 -45.82
CA ILE A 197 -52.89 -5.77 -44.64
C ILE A 197 -52.71 -4.65 -43.61
N ALA A 198 -53.04 -4.96 -42.35
CA ALA A 198 -52.91 -4.00 -41.25
C ALA A 198 -52.75 -4.72 -39.92
N ALA A 199 -52.13 -4.05 -38.95
CA ALA A 199 -51.80 -4.65 -37.66
C ALA A 199 -53.00 -5.33 -36.99
N GLY A 200 -54.19 -4.75 -37.16
CA GLY A 200 -55.38 -5.28 -36.52
C GLY A 200 -55.89 -6.54 -37.17
N GLY A 201 -55.54 -6.73 -38.44
CA GLY A 201 -56.00 -7.89 -39.18
C GLY A 201 -54.95 -8.97 -39.36
N ILE A 202 -53.95 -8.95 -38.48
CA ILE A 202 -52.87 -9.92 -38.50
C ILE A 202 -52.89 -10.74 -37.22
N VAL A 203 -52.65 -12.04 -37.36
CA VAL A 203 -52.45 -12.91 -36.22
C VAL A 203 -51.13 -13.65 -36.36
N PHE A 204 -50.30 -13.59 -35.32
CA PHE A 204 -49.01 -14.28 -35.33
C PHE A 204 -49.07 -15.67 -34.70
N LYS A 205 -48.35 -16.62 -35.31
CA LYS A 205 -48.22 -17.96 -34.76
C LYS A 205 -46.76 -18.33 -34.78
N SER A 206 -46.33 -19.16 -33.84
CA SER A 206 -45.02 -19.76 -33.89
C SER A 206 -45.08 -21.03 -33.04
N LYS A 207 -44.00 -21.79 -33.02
CA LYS A 207 -44.01 -23.03 -32.25
C LYS A 207 -44.12 -22.71 -30.75
N TYR A 208 -43.91 -21.44 -30.43
CA TYR A 208 -43.89 -20.97 -29.05
C TYR A 208 -45.01 -19.99 -28.76
N HIS A 209 -45.69 -19.54 -29.81
CA HIS A 209 -46.68 -18.48 -29.67
C HIS A 209 -48.01 -18.86 -30.30
N SER A 210 -49.04 -18.96 -29.46
CA SER A 210 -50.34 -19.40 -29.91
C SER A 210 -51.25 -18.22 -30.20
N HIS A 211 -51.66 -18.11 -31.46
CA HIS A 211 -52.66 -17.13 -31.91
C HIS A 211 -52.49 -15.77 -31.23
N MET A 212 -51.48 -15.02 -31.65
CA MET A 212 -51.12 -13.78 -30.97
C MET A 212 -51.65 -12.57 -31.74
N GLU A 213 -52.52 -11.80 -31.09
CA GLU A 213 -53.23 -10.71 -31.75
C GLU A 213 -52.33 -9.55 -32.15
N GLY A 214 -52.17 -9.34 -33.46
CA GLY A 214 -51.37 -8.25 -33.97
C GLY A 214 -51.92 -6.89 -33.56
N ALA A 215 -53.23 -6.85 -33.34
CA ALA A 215 -53.90 -5.63 -32.91
C ALA A 215 -53.43 -5.16 -31.54
N ARG A 216 -52.96 -6.10 -30.72
CA ARG A 216 -52.40 -5.77 -29.42
C ARG A 216 -50.89 -6.01 -29.42
N THR A 217 -50.31 -5.97 -30.61
CA THR A 217 -48.88 -6.19 -30.80
C THR A 217 -48.18 -4.88 -31.13
N CYS A 218 -47.09 -4.57 -30.42
CA CYS A 218 -46.43 -3.29 -30.63
C CYS A 218 -44.96 -3.47 -31.00
N ARG A 219 -44.38 -2.46 -31.66
CA ARG A 219 -43.00 -2.52 -32.13
C ARG A 219 -42.02 -2.14 -31.02
N LEU A 220 -40.91 -2.89 -30.91
CA LEU A 220 -39.93 -2.64 -29.86
C LEU A 220 -38.55 -3.15 -30.26
N SER A 221 -37.54 -2.36 -29.92
CA SER A 221 -36.16 -2.72 -30.23
C SER A 221 -35.55 -3.40 -29.03
N TYR A 222 -35.12 -4.64 -29.22
CA TYR A 222 -34.62 -5.44 -28.11
C TYR A 222 -33.26 -6.04 -28.45
N CYS A 223 -32.29 -5.82 -27.57
CA CYS A 223 -30.95 -6.35 -27.75
C CYS A 223 -30.34 -5.94 -29.08
N GLY A 224 -30.56 -4.68 -29.45
CA GLY A 224 -29.95 -4.12 -30.64
C GLY A 224 -30.60 -4.52 -31.94
N ARG A 225 -31.81 -5.06 -31.89
CA ARG A 225 -32.54 -5.34 -33.13
C ARG A 225 -34.05 -5.16 -33.06
N ASN A 226 -34.63 -4.77 -34.19
CA ASN A 226 -36.05 -4.48 -34.28
C ASN A 226 -36.88 -5.72 -34.11
N GLY A 227 -37.99 -5.58 -33.41
CA GLY A 227 -38.92 -6.68 -33.31
C GLY A 227 -40.27 -6.24 -32.85
N ILE A 228 -41.10 -7.21 -32.50
CA ILE A 228 -42.42 -6.92 -32.02
C ILE A 228 -42.65 -7.66 -30.71
N LYS A 229 -43.25 -6.94 -29.76
CA LYS A 229 -43.74 -7.51 -28.53
C LYS A 229 -45.19 -7.89 -28.73
N PHE A 230 -45.46 -9.15 -28.46
CA PHE A 230 -46.79 -9.73 -28.47
C PHE A 230 -47.58 -9.33 -27.22
N PRO A 231 -48.91 -9.42 -27.28
CA PRO A 231 -49.79 -9.08 -26.15
C PRO A 231 -49.43 -9.81 -24.87
N ASN A 232 -48.77 -10.97 -24.98
CA ASN A 232 -48.34 -11.70 -23.79
C ASN A 232 -46.98 -11.24 -23.29
N GLY A 233 -46.47 -10.16 -23.87
CA GLY A 233 -45.23 -9.57 -23.41
C GLY A 233 -43.99 -10.25 -23.94
N GLU A 234 -44.18 -11.28 -24.76
CA GLU A 234 -43.05 -11.95 -25.40
C GLU A 234 -42.67 -11.25 -26.70
N TRP A 235 -41.44 -11.49 -27.17
CA TRP A 235 -40.88 -10.69 -28.24
C TRP A 235 -40.25 -11.55 -29.33
N VAL A 236 -40.53 -11.22 -30.59
CA VAL A 236 -39.82 -11.89 -31.67
C VAL A 236 -39.19 -10.83 -32.54
N SER A 237 -38.09 -11.18 -33.22
CA SER A 237 -37.38 -10.22 -34.03
C SER A 237 -38.03 -10.08 -35.40
N LEU A 238 -38.02 -8.86 -35.93
CA LEU A 238 -38.58 -8.58 -37.25
C LEU A 238 -37.88 -7.39 -37.87
N ASP A 239 -37.21 -7.59 -39.01
CA ASP A 239 -36.48 -6.49 -39.65
C ASP A 239 -37.34 -5.71 -40.64
N VAL A 240 -36.89 -4.49 -40.94
CA VAL A 240 -37.64 -3.59 -41.80
C VAL A 240 -37.80 -4.15 -43.20
N LYS A 241 -36.93 -5.10 -43.55
CA LYS A 241 -36.91 -5.66 -44.89
C LYS A 241 -38.03 -6.65 -45.14
N THR A 242 -38.49 -7.32 -44.09
CA THR A 242 -39.49 -8.38 -44.25
C THR A 242 -40.84 -7.85 -44.74
N ARG A 243 -41.27 -8.39 -45.87
CA ARG A 243 -42.53 -7.98 -46.48
C ARG A 243 -43.64 -9.02 -46.30
N ILE A 244 -44.85 -8.52 -46.04
CA ILE A 244 -46.05 -9.36 -45.98
C ILE A 244 -47.08 -8.70 -46.86
N GLN A 245 -47.71 -9.49 -47.72
CA GLN A 245 -48.58 -8.95 -48.77
C GLN A 245 -47.83 -7.88 -49.55
N GLU A 246 -46.58 -8.20 -49.88
CA GLU A 246 -45.70 -7.33 -50.65
C GLU A 246 -45.55 -5.93 -50.06
N LYS A 247 -45.65 -5.83 -48.74
CA LYS A 247 -45.46 -4.56 -48.06
C LYS A 247 -44.62 -4.79 -46.82
N HIS A 248 -43.78 -3.82 -46.48
CA HIS A 248 -43.03 -3.81 -45.23
C HIS A 248 -43.92 -4.16 -44.01
N LEU A 249 -43.57 -5.24 -43.32
CA LEU A 249 -44.40 -5.74 -42.22
C LEU A 249 -44.22 -4.94 -40.92
N LEU A 250 -42.97 -4.64 -40.58
CA LEU A 250 -42.64 -3.96 -39.33
C LEU A 250 -43.32 -2.58 -39.11
N PRO A 251 -43.30 -1.69 -40.12
CA PRO A 251 -43.90 -0.37 -39.90
C PRO A 251 -45.40 -0.37 -39.62
N LEU A 252 -46.06 -1.50 -39.83
CA LEU A 252 -47.49 -1.62 -39.57
C LEU A 252 -47.82 -1.54 -38.08
N PHE A 253 -46.79 -1.60 -37.24
CA PHE A 253 -47.00 -1.71 -35.80
C PHE A 253 -46.54 -0.48 -35.03
N LYS A 254 -47.41 -0.02 -34.14
CA LYS A 254 -47.11 1.12 -33.29
C LYS A 254 -45.87 0.83 -32.43
N GLU A 255 -45.00 1.82 -32.30
CA GLU A 255 -43.87 1.72 -31.38
C GLU A 255 -44.40 1.50 -29.97
N CYS A 256 -43.68 0.73 -29.18
CA CYS A 256 -44.14 0.40 -27.84
C CYS A 256 -43.98 1.56 -26.88
N PRO A 257 -44.94 1.74 -25.97
CA PRO A 257 -44.90 2.73 -24.89
C PRO A 257 -43.54 2.74 -24.23
N ALA A 258 -42.98 3.92 -23.99
CA ALA A 258 -41.68 4.02 -23.35
C ALA A 258 -41.68 3.22 -22.04
N GLY A 259 -40.60 2.49 -21.81
CA GLY A 259 -40.48 1.71 -20.60
C GLY A 259 -41.19 0.37 -20.68
N THR A 260 -41.59 -0.01 -21.88
CA THR A 260 -42.18 -1.33 -22.11
C THR A 260 -41.12 -2.39 -21.91
N GLU A 261 -41.44 -3.41 -21.12
CA GLU A 261 -40.50 -4.51 -20.92
C GLU A 261 -40.88 -5.75 -21.72
N VAL A 262 -39.96 -6.71 -21.80
CA VAL A 262 -40.13 -7.91 -22.60
C VAL A 262 -39.76 -9.13 -21.78
N ARG A 263 -40.55 -10.19 -21.90
CA ARG A 263 -40.26 -11.43 -21.18
C ARG A 263 -39.68 -12.53 -22.07
N SER A 264 -38.91 -13.43 -21.46
CA SER A 264 -38.40 -14.60 -22.15
C SER A 264 -39.55 -15.45 -22.65
N THR A 265 -39.34 -16.11 -23.78
CA THR A 265 -40.36 -16.97 -24.35
C THR A 265 -40.52 -18.18 -23.48
N LEU A 266 -41.65 -18.23 -22.76
CA LEU A 266 -41.87 -19.23 -21.73
C LEU A 266 -41.96 -20.61 -22.36
N GLN A 267 -42.55 -20.66 -23.56
CA GLN A 267 -42.82 -21.95 -24.19
C GLN A 267 -41.57 -22.68 -24.66
N SER A 268 -40.44 -22.01 -24.62
CA SER A 268 -39.19 -22.62 -25.05
C SER A 268 -38.50 -23.31 -23.89
N ASP A 269 -39.01 -23.10 -22.68
CA ASP A 269 -38.45 -23.71 -21.48
C ASP A 269 -38.75 -25.20 -21.49
N GLY A 270 -37.79 -25.99 -21.01
CA GLY A 270 -37.90 -27.44 -21.08
C GLY A 270 -39.06 -27.99 -20.30
N ALA A 271 -39.29 -27.42 -19.11
CA ALA A 271 -40.43 -27.82 -18.29
C ALA A 271 -41.69 -27.55 -19.07
N GLN A 272 -41.73 -26.38 -19.72
CA GLN A 272 -42.84 -25.99 -20.55
C GLN A 272 -43.04 -26.91 -21.74
N VAL A 273 -41.95 -27.31 -22.42
CA VAL A 273 -42.13 -28.25 -23.53
C VAL A 273 -42.64 -29.59 -23.06
N LEU A 274 -42.16 -30.08 -21.91
CA LEU A 274 -42.67 -31.33 -21.37
C LEU A 274 -44.17 -31.24 -21.11
N THR A 275 -44.55 -30.21 -20.35
CA THR A 275 -45.95 -30.00 -20.02
C THR A 275 -46.80 -29.91 -21.28
N SER A 276 -46.28 -29.19 -22.27
CA SER A 276 -46.98 -29.00 -23.53
C SER A 276 -47.21 -30.32 -24.25
N GLU A 277 -46.15 -31.12 -24.37
CA GLU A 277 -46.22 -32.38 -25.09
C GLU A 277 -47.17 -33.37 -24.41
N ILE A 278 -47.00 -33.54 -23.11
CA ILE A 278 -47.93 -34.37 -22.35
C ILE A 278 -49.37 -33.87 -22.51
N GLN A 279 -49.58 -32.56 -22.43
CA GLN A 279 -50.92 -32.02 -22.59
C GLN A 279 -51.46 -32.30 -23.99
N ARG A 280 -50.59 -32.26 -25.00
CA ARG A 280 -50.97 -32.52 -26.38
C ARG A 280 -51.50 -33.94 -26.51
N ILE A 281 -50.70 -34.90 -26.04
CA ILE A 281 -51.12 -36.29 -26.14
C ILE A 281 -52.36 -36.59 -25.30
N LEU A 282 -52.48 -35.94 -24.14
CA LEU A 282 -53.65 -36.15 -23.29
C LEU A 282 -54.91 -35.54 -23.89
N ASP A 283 -54.79 -34.38 -24.51
CA ASP A 283 -55.94 -33.75 -25.17
C ASP A 283 -56.42 -34.66 -26.28
N TYR A 284 -55.49 -35.12 -27.11
CA TYR A 284 -55.82 -36.04 -28.20
C TYR A 284 -56.50 -37.31 -27.71
N SER A 285 -55.86 -38.00 -26.77
CA SER A 285 -56.36 -39.28 -26.32
C SER A 285 -57.66 -39.16 -25.51
N LEU A 286 -57.87 -38.03 -24.84
CA LEU A 286 -59.10 -37.85 -24.07
C LEU A 286 -60.25 -37.55 -25.01
N CYS A 287 -59.95 -36.80 -26.07
CA CYS A 287 -60.91 -36.56 -27.13
C CYS A 287 -61.33 -37.91 -27.75
N GLN A 288 -60.34 -38.69 -28.18
CA GLN A 288 -60.59 -40.00 -28.76
C GLN A 288 -61.37 -40.90 -27.78
N ASN A 289 -61.08 -40.78 -26.50
CA ASN A 289 -61.74 -41.61 -25.49
C ASN A 289 -63.21 -41.23 -25.37
N THR A 290 -63.49 -39.93 -25.39
CA THR A 290 -64.87 -39.45 -25.42
C THR A 290 -65.62 -40.00 -26.64
N TRP A 291 -65.00 -39.91 -27.82
CA TRP A 291 -65.63 -40.44 -29.02
C TRP A 291 -65.80 -41.97 -28.96
N ASP A 292 -64.95 -42.62 -28.18
CA ASP A 292 -65.10 -44.05 -27.93
C ASP A 292 -66.32 -44.29 -27.06
N LYS A 293 -66.57 -43.39 -26.11
CA LYS A 293 -67.77 -43.49 -25.29
C LYS A 293 -69.00 -43.31 -26.17
N VAL A 294 -68.93 -42.35 -27.09
CA VAL A 294 -70.01 -42.12 -28.04
C VAL A 294 -70.26 -43.37 -28.89
N GLU A 295 -69.17 -43.96 -29.39
CA GLU A 295 -69.26 -45.15 -30.24
C GLU A 295 -69.92 -46.31 -29.50
N ARG A 296 -69.52 -46.51 -28.25
CA ARG A 296 -70.07 -47.58 -27.43
C ARG A 296 -71.46 -47.25 -26.90
N LYS A 297 -72.03 -46.14 -27.39
CA LYS A 297 -73.36 -45.69 -26.98
C LYS A 297 -73.47 -45.42 -25.48
N GLU A 298 -72.34 -45.15 -24.85
CA GLU A 298 -72.32 -44.80 -23.44
C GLU A 298 -72.78 -43.35 -23.28
N PRO A 299 -73.36 -43.02 -22.12
CA PRO A 299 -73.81 -41.64 -21.89
C PRO A 299 -72.60 -40.72 -21.71
N LEU A 300 -72.79 -39.43 -21.96
CA LEU A 300 -71.69 -38.47 -21.86
C LEU A 300 -71.87 -37.49 -20.71
N SER A 301 -70.78 -37.25 -19.97
CA SER A 301 -70.77 -36.24 -18.93
C SER A 301 -70.30 -34.92 -19.54
N PRO A 302 -70.59 -33.79 -18.87
CA PRO A 302 -70.10 -32.49 -19.32
C PRO A 302 -68.60 -32.49 -19.58
N LEU A 303 -67.85 -33.20 -18.74
CA LEU A 303 -66.40 -33.26 -18.87
C LEU A 303 -65.99 -33.97 -20.18
N ASP A 304 -66.66 -35.08 -20.45
CA ASP A 304 -66.48 -35.82 -21.69
C ASP A 304 -66.72 -34.89 -22.87
N LEU A 305 -67.75 -34.06 -22.77
CA LEU A 305 -68.04 -33.07 -23.81
C LEU A 305 -66.90 -32.07 -23.96
N SER A 306 -66.34 -31.65 -22.83
CA SER A 306 -65.29 -30.64 -22.83
C SER A 306 -64.02 -31.18 -23.47
N TYR A 307 -63.84 -32.50 -23.46
CA TYR A 307 -62.69 -33.08 -24.14
C TYR A 307 -62.77 -32.92 -25.67
N LEU A 308 -63.91 -32.44 -26.16
CA LEU A 308 -64.12 -32.27 -27.60
C LEU A 308 -63.91 -30.81 -27.99
N ALA A 309 -63.85 -29.95 -26.97
CA ALA A 309 -63.74 -28.51 -27.19
C ALA A 309 -62.41 -28.12 -27.84
N SER A 310 -62.42 -27.03 -28.59
CA SER A 310 -61.19 -26.45 -29.08
C SER A 310 -60.56 -25.68 -27.94
N LYS A 311 -59.24 -25.78 -27.80
CA LYS A 311 -58.55 -25.05 -26.75
C LYS A 311 -57.84 -23.82 -27.30
N SER A 312 -57.92 -23.63 -28.62
CA SER A 312 -57.30 -22.50 -29.27
C SER A 312 -58.30 -21.84 -30.21
N PRO A 313 -58.12 -20.55 -30.51
CA PRO A 313 -59.02 -19.87 -31.44
C PRO A 313 -58.98 -20.50 -32.82
N GLY A 314 -60.05 -20.36 -33.57
CA GLY A 314 -60.12 -20.92 -34.91
C GLY A 314 -61.50 -21.43 -35.27
N LYS A 315 -61.73 -21.59 -36.57
CA LYS A 315 -62.97 -22.18 -37.05
C LYS A 315 -63.03 -23.63 -36.59
N GLY A 316 -64.09 -23.98 -35.86
CA GLY A 316 -64.26 -25.34 -35.39
C GLY A 316 -65.70 -25.74 -35.12
N LEU A 317 -65.86 -26.79 -34.33
CA LEU A 317 -67.17 -27.28 -33.95
C LEU A 317 -67.31 -27.29 -32.44
N ALA A 318 -68.54 -27.08 -31.96
CA ALA A 318 -68.83 -27.24 -30.55
C ALA A 318 -69.81 -28.39 -30.40
N TYR A 319 -69.87 -28.97 -29.20
CA TYR A 319 -70.72 -30.12 -28.96
C TYR A 319 -71.54 -29.93 -27.68
N THR A 320 -72.74 -30.48 -27.67
CA THR A 320 -73.58 -30.44 -26.48
C THR A 320 -74.58 -31.59 -26.49
N VAL A 321 -75.38 -31.69 -25.44
CA VAL A 321 -76.39 -32.74 -25.36
C VAL A 321 -77.80 -32.15 -25.24
N ILE A 322 -78.50 -32.08 -26.37
CA ILE A 322 -79.86 -31.56 -26.39
C ILE A 322 -80.87 -32.70 -26.29
N ASN A 323 -81.63 -32.71 -25.21
CA ASN A 323 -82.64 -33.74 -24.96
C ASN A 323 -82.06 -35.17 -25.08
N GLY A 324 -80.89 -35.37 -24.51
CA GLY A 324 -80.26 -36.68 -24.52
C GLY A 324 -79.57 -37.02 -25.85
N THR A 325 -79.53 -36.06 -26.76
CA THR A 325 -78.94 -36.29 -28.07
C THR A 325 -77.65 -35.48 -28.29
N LEU A 326 -76.61 -36.16 -28.77
CA LEU A 326 -75.35 -35.51 -29.08
C LEU A 326 -75.54 -34.60 -30.30
N SER A 327 -75.29 -33.31 -30.09
CA SER A 327 -75.43 -32.33 -31.15
C SER A 327 -74.14 -31.55 -31.34
N PHE A 328 -73.86 -31.18 -32.59
CA PHE A 328 -72.71 -30.36 -32.90
C PHE A 328 -73.17 -29.03 -33.47
N ALA A 329 -72.25 -28.08 -33.59
CA ALA A 329 -72.55 -26.82 -34.24
C ALA A 329 -71.27 -26.19 -34.79
N HIS A 330 -71.34 -25.68 -36.02
CA HIS A 330 -70.23 -24.92 -36.57
C HIS A 330 -70.08 -23.63 -35.78
N THR A 331 -68.84 -23.19 -35.58
CA THR A 331 -68.60 -21.94 -34.88
C THR A 331 -67.16 -21.50 -35.09
N ARG A 332 -66.84 -20.29 -34.67
CA ARG A 332 -65.45 -19.85 -34.65
C ARG A 332 -65.08 -19.57 -33.21
N TYR A 333 -64.19 -20.40 -32.67
CA TYR A 333 -63.69 -20.20 -31.33
C TYR A 333 -62.84 -18.93 -31.30
N VAL A 334 -62.97 -18.17 -30.22
CA VAL A 334 -62.14 -17.00 -30.01
C VAL A 334 -61.64 -17.01 -28.57
N ARG A 335 -60.57 -16.26 -28.31
CA ARG A 335 -60.01 -16.20 -26.98
C ARG A 335 -60.79 -15.22 -26.11
N MET A 336 -61.19 -15.68 -24.95
CA MET A 336 -61.90 -14.84 -23.99
C MET A 336 -61.23 -14.97 -22.63
N TRP A 337 -61.36 -13.92 -21.81
CA TRP A 337 -60.92 -14.00 -20.43
C TRP A 337 -62.11 -14.06 -19.49
N ILE A 338 -62.12 -15.04 -18.61
CA ILE A 338 -63.20 -15.19 -17.64
C ILE A 338 -62.69 -14.95 -16.23
N ASP A 339 -63.61 -14.64 -15.31
CA ASP A 339 -63.24 -14.22 -13.96
C ASP A 339 -62.83 -15.39 -13.05
N GLY A 340 -63.21 -16.61 -13.42
CA GLY A 340 -62.85 -17.78 -12.65
C GLY A 340 -63.46 -19.04 -13.23
N PRO A 341 -63.00 -20.22 -12.76
CA PRO A 341 -63.49 -21.50 -13.26
C PRO A 341 -64.98 -21.68 -13.01
N VAL A 342 -65.48 -21.00 -11.97
CA VAL A 342 -66.91 -20.95 -11.70
C VAL A 342 -67.34 -19.48 -11.64
N LEU A 343 -68.46 -19.16 -12.31
CA LEU A 343 -68.88 -17.77 -12.48
C LEU A 343 -70.29 -17.52 -11.99
N LYS A 344 -70.58 -16.26 -11.65
CA LYS A 344 -71.94 -15.86 -11.25
C LYS A 344 -72.86 -15.66 -12.45
N GLU A 345 -72.37 -14.91 -13.44
CA GLU A 345 -73.10 -14.68 -14.67
C GLU A 345 -72.31 -15.23 -15.86
N PRO A 346 -72.99 -15.67 -16.93
CA PRO A 346 -72.30 -16.32 -18.06
C PRO A 346 -71.60 -15.29 -18.94
N LYS A 347 -70.72 -14.48 -18.34
CA LYS A 347 -70.06 -13.41 -19.07
C LYS A 347 -68.55 -13.64 -19.15
N GLY A 348 -67.91 -12.88 -20.03
CA GLY A 348 -66.47 -12.96 -20.17
C GLY A 348 -65.93 -11.75 -20.90
N LYS A 349 -64.66 -11.45 -20.66
CA LYS A 349 -64.01 -10.33 -21.33
C LYS A 349 -63.47 -10.80 -22.68
N ARG A 350 -63.91 -10.16 -23.75
CA ARG A 350 -63.71 -10.69 -25.09
C ARG A 350 -62.50 -10.13 -25.83
N GLU A 351 -62.03 -8.94 -25.44
CA GLU A 351 -60.92 -8.30 -26.14
C GLU A 351 -59.58 -8.35 -25.39
N SER A 352 -59.63 -8.21 -24.07
CA SER A 352 -58.42 -8.28 -23.25
C SER A 352 -58.80 -8.65 -21.82
N PRO A 353 -57.82 -9.09 -21.01
CA PRO A 353 -58.11 -9.46 -19.62
C PRO A 353 -58.61 -8.29 -18.79
N SER A 354 -58.42 -7.08 -19.30
CA SER A 354 -58.89 -5.88 -18.63
C SER A 354 -59.98 -5.22 -19.47
N GLY A 355 -60.59 -6.01 -20.35
CA GLY A 355 -61.63 -5.51 -21.23
C GLY A 355 -63.00 -5.52 -20.58
N ILE A 356 -64.03 -5.25 -21.36
CA ILE A 356 -65.40 -5.22 -20.85
C ILE A 356 -66.04 -6.61 -20.91
N SER A 357 -66.77 -6.95 -19.85
CA SER A 357 -67.43 -8.25 -19.76
C SER A 357 -68.73 -8.25 -20.55
N SER A 358 -68.90 -9.26 -21.39
CA SER A 358 -70.07 -9.38 -22.24
C SER A 358 -70.68 -10.77 -22.11
N ASP A 359 -71.94 -10.91 -22.51
CA ASP A 359 -72.58 -12.22 -22.55
C ASP A 359 -71.87 -13.07 -23.59
N ILE A 360 -71.42 -14.26 -23.18
CA ILE A 360 -70.66 -15.12 -24.07
C ILE A 360 -71.46 -16.32 -24.55
N TRP A 361 -72.43 -16.75 -23.74
CA TRP A 361 -73.35 -17.82 -24.11
C TRP A 361 -74.67 -17.69 -23.37
N THR A 362 -75.78 -17.84 -24.11
CA THR A 362 -77.10 -17.65 -23.52
C THR A 362 -78.12 -18.68 -23.99
N GLN A 363 -77.68 -19.62 -24.82
CA GLN A 363 -78.56 -20.64 -25.38
C GLN A 363 -78.44 -21.95 -24.60
N TRP A 364 -79.12 -22.02 -23.45
CA TRP A 364 -78.97 -23.16 -22.54
C TRP A 364 -79.97 -24.29 -22.82
N PHE A 365 -79.48 -25.53 -22.74
CA PHE A 365 -80.32 -26.68 -23.02
C PHE A 365 -80.65 -27.47 -21.75
N LYS A 366 -81.84 -28.04 -21.70
CA LYS A 366 -82.27 -28.86 -20.58
C LYS A 366 -81.39 -30.10 -20.47
N TYR A 367 -80.59 -30.16 -19.41
CA TYR A 367 -79.69 -31.28 -19.20
C TYR A 367 -79.91 -31.86 -17.80
N GLY A 368 -80.95 -32.67 -17.66
CA GLY A 368 -81.33 -33.21 -16.37
C GLY A 368 -81.94 -32.13 -15.49
N ASP A 369 -81.38 -31.96 -14.30
CA ASP A 369 -81.85 -30.95 -13.35
C ASP A 369 -81.33 -29.56 -13.69
N MET A 370 -80.24 -29.51 -14.45
CA MET A 370 -79.56 -28.26 -14.77
C MET A 370 -79.49 -27.99 -16.26
N GLU A 371 -79.03 -26.79 -16.62
CA GLU A 371 -78.87 -26.44 -18.03
C GLU A 371 -77.41 -26.61 -18.47
N ILE A 372 -77.22 -27.04 -19.71
CA ILE A 372 -75.89 -27.25 -20.25
C ILE A 372 -75.70 -26.45 -21.54
N GLY A 373 -74.47 -26.09 -21.83
CA GLY A 373 -74.13 -25.32 -23.01
C GLY A 373 -73.13 -26.04 -23.89
N PRO A 374 -72.32 -25.27 -24.63
CA PRO A 374 -71.35 -25.86 -25.55
C PRO A 374 -70.17 -26.49 -24.79
N ASN A 375 -69.78 -27.70 -25.21
CA ASN A 375 -68.62 -28.37 -24.65
C ASN A 375 -68.67 -28.55 -23.13
N GLY A 376 -69.85 -28.92 -22.64
CA GLY A 376 -70.03 -29.22 -21.23
C GLY A 376 -69.96 -28.01 -20.31
N LEU A 377 -70.39 -26.86 -20.80
CA LEU A 377 -70.51 -25.68 -19.96
C LEU A 377 -71.73 -25.87 -19.08
N LEU A 378 -71.55 -25.79 -17.77
CA LEU A 378 -72.68 -26.05 -16.87
C LEU A 378 -73.35 -24.81 -16.29
N LYS A 379 -74.67 -24.79 -16.34
CA LYS A 379 -75.46 -23.78 -15.66
C LYS A 379 -76.06 -24.41 -14.42
N THR A 380 -75.49 -24.08 -13.26
CA THR A 380 -75.93 -24.71 -12.01
C THR A 380 -76.31 -23.68 -10.96
N ALA A 381 -76.83 -24.15 -9.83
CA ALA A 381 -77.20 -23.29 -8.72
C ALA A 381 -75.97 -22.60 -8.12
N GLY A 382 -74.84 -23.31 -8.13
CA GLY A 382 -73.58 -22.77 -7.64
C GLY A 382 -72.92 -21.84 -8.63
N GLY A 383 -73.57 -21.59 -9.76
CA GLY A 383 -73.06 -20.70 -10.77
C GLY A 383 -72.86 -21.37 -12.12
N TYR A 384 -71.96 -20.79 -12.91
CA TYR A 384 -71.63 -21.35 -14.22
C TYR A 384 -70.25 -21.98 -14.16
N LYS A 385 -70.17 -23.26 -14.54
CA LYS A 385 -68.94 -24.03 -14.39
C LYS A 385 -68.28 -24.45 -15.71
N PHE A 386 -66.99 -24.12 -15.82
CA PHE A 386 -66.13 -24.63 -16.87
C PHE A 386 -65.25 -25.71 -16.25
N PRO A 387 -64.94 -26.76 -17.02
CA PRO A 387 -63.95 -27.74 -16.60
C PRO A 387 -62.56 -27.10 -16.60
N TRP A 388 -61.78 -27.35 -15.56
CA TRP A 388 -60.53 -26.63 -15.37
C TRP A 388 -59.54 -26.74 -16.52
N HIS A 389 -59.65 -27.81 -17.31
CA HIS A 389 -58.67 -28.06 -18.36
C HIS A 389 -58.86 -27.17 -19.57
N LEU A 390 -60.05 -26.60 -19.72
CA LEU A 390 -60.33 -25.70 -20.82
C LEU A 390 -59.76 -24.32 -20.55
N ILE A 391 -59.34 -24.10 -19.31
CA ILE A 391 -58.83 -22.83 -18.87
C ILE A 391 -57.31 -22.80 -18.90
N GLY A 392 -56.76 -21.70 -19.38
CA GLY A 392 -55.32 -21.50 -19.38
C GLY A 392 -54.93 -20.24 -18.64
N MET A 393 -53.68 -20.20 -18.20
CA MET A 393 -53.16 -19.06 -17.45
C MET A 393 -51.65 -18.91 -17.64
N GLY A 394 -51.18 -17.67 -17.66
CA GLY A 394 -49.75 -17.40 -17.68
C GLY A 394 -49.05 -17.71 -18.98
N ILE A 395 -49.81 -18.02 -20.03
CA ILE A 395 -49.20 -18.28 -21.34
C ILE A 395 -49.54 -17.18 -22.37
N VAL A 396 -50.83 -17.02 -22.66
CA VAL A 396 -51.24 -16.11 -23.73
C VAL A 396 -51.43 -14.66 -23.29
N ASP A 397 -51.20 -14.40 -22.00
CA ASP A 397 -51.22 -13.03 -21.49
C ASP A 397 -50.13 -12.84 -20.44
N ASN A 398 -49.86 -11.59 -20.07
CA ASN A 398 -48.80 -11.29 -19.11
C ASN A 398 -49.35 -11.15 -17.69
N GLU A 399 -50.55 -11.66 -17.46
CA GLU A 399 -51.25 -11.45 -16.19
C GLU A 399 -50.61 -12.14 -14.99
N LEU A 400 -49.84 -13.19 -15.24
CA LEU A 400 -49.23 -13.92 -14.13
C LEU A 400 -47.72 -14.03 -14.27
N HIS A 401 -47.09 -12.95 -14.72
CA HIS A 401 -45.66 -12.95 -14.97
C HIS A 401 -44.86 -13.20 -13.70
N GLU A 402 -45.42 -12.81 -12.55
CA GLU A 402 -44.70 -12.97 -11.28
C GLU A 402 -44.44 -14.44 -10.98
N LEU A 403 -45.34 -15.29 -11.47
CA LEU A 403 -45.24 -16.72 -11.22
C LEU A 403 -44.16 -17.39 -12.06
N SER A 404 -43.99 -16.93 -13.29
CA SER A 404 -43.03 -17.55 -14.20
C SER A 404 -41.71 -16.79 -14.35
N GLU A 405 -41.59 -15.64 -13.71
CA GLU A 405 -40.36 -14.87 -13.77
C GLU A 405 -39.29 -15.43 -12.84
N ALA A 406 -38.16 -15.81 -13.44
CA ALA A 406 -37.08 -16.48 -12.72
C ALA A 406 -36.19 -15.48 -11.98
N ASN A 407 -35.74 -15.88 -10.79
CA ASN A 407 -34.86 -15.05 -9.98
C ASN A 407 -33.72 -15.89 -9.41
N PRO A 408 -32.48 -15.37 -9.49
CA PRO A 408 -31.29 -16.08 -9.01
C PRO A 408 -31.31 -16.34 -7.51
N LEU A 409 -30.48 -17.27 -7.05
CA LEU A 409 -30.47 -17.62 -5.63
C LEU A 409 -29.16 -17.20 -4.95
N ASP A 410 -29.13 -17.35 -3.63
CA ASP A 410 -27.97 -17.01 -2.79
C ASP A 410 -27.52 -15.56 -2.97
N TYR B 1 -63.34 -25.55 -5.39
CA TYR B 1 -63.69 -26.17 -6.67
C TYR B 1 -62.50 -26.90 -7.26
N LEU B 2 -61.29 -26.42 -6.95
CA LEU B 2 -60.08 -27.06 -7.42
C LEU B 2 -59.40 -27.78 -6.26
N SER B 3 -59.24 -29.08 -6.38
CA SER B 3 -58.56 -29.84 -5.34
C SER B 3 -57.04 -29.69 -5.46
N ILE B 4 -56.39 -29.44 -4.34
CA ILE B 4 -54.94 -29.42 -4.30
C ILE B 4 -54.44 -30.18 -3.09
N ALA B 5 -53.12 -30.34 -3.00
CA ALA B 5 -52.49 -30.96 -1.86
C ALA B 5 -51.52 -29.93 -1.34
N PHE B 6 -51.74 -29.50 -0.10
CA PHE B 6 -51.02 -28.38 0.46
C PHE B 6 -50.59 -28.79 1.86
N PRO B 7 -49.44 -28.28 2.34
CA PRO B 7 -48.97 -28.57 3.69
C PRO B 7 -50.05 -28.26 4.73
N GLU B 8 -50.25 -29.16 5.68
CA GLU B 8 -51.38 -29.02 6.58
C GLU B 8 -51.22 -27.86 7.57
N ASN B 9 -50.00 -27.35 7.69
CA ASN B 9 -49.73 -26.27 8.62
C ASN B 9 -49.48 -24.95 7.92
N THR B 10 -49.92 -23.86 8.54
CA THR B 10 -49.77 -22.54 7.95
C THR B 10 -48.35 -22.02 8.14
N LYS B 11 -47.55 -22.77 8.87
CA LYS B 11 -46.13 -22.45 9.05
C LYS B 11 -45.32 -23.72 9.30
N LEU B 12 -44.07 -23.73 8.86
CA LEU B 12 -43.22 -24.92 8.98
C LEU B 12 -41.83 -24.53 9.48
N ASP B 13 -41.04 -25.52 9.88
CA ASP B 13 -39.68 -25.27 10.36
C ASP B 13 -38.67 -25.44 9.23
N TRP B 14 -38.28 -24.32 8.62
CA TRP B 14 -37.44 -24.35 7.42
C TRP B 14 -35.95 -24.50 7.71
N LYS B 15 -35.29 -25.27 6.87
CA LYS B 15 -33.85 -25.42 6.92
C LYS B 15 -33.31 -25.19 5.52
N PRO B 16 -32.08 -24.69 5.41
CA PRO B 16 -31.50 -24.50 4.07
C PRO B 16 -31.24 -25.83 3.38
N VAL B 17 -31.08 -25.79 2.07
CA VAL B 17 -30.60 -26.95 1.33
C VAL B 17 -29.39 -26.54 0.49
N THR B 18 -28.20 -26.94 0.94
CA THR B 18 -26.98 -26.79 0.15
C THR B 18 -26.47 -28.21 -0.07
N LYS B 19 -27.08 -29.14 0.67
CA LYS B 19 -26.72 -30.54 0.64
C LYS B 19 -26.92 -31.18 -0.73
N ASN B 20 -27.94 -30.71 -1.46
CA ASN B 20 -28.31 -31.28 -2.76
C ASN B 20 -28.60 -32.78 -2.70
N THR B 21 -29.85 -33.11 -2.39
CA THR B 21 -30.25 -34.50 -2.19
C THR B 21 -30.99 -35.04 -3.40
N ARG B 22 -31.63 -34.14 -4.12
CA ARG B 22 -32.33 -34.46 -5.36
C ARG B 22 -33.53 -35.38 -5.09
N TYR B 23 -34.28 -35.05 -4.05
CA TYR B 23 -35.50 -35.78 -3.71
C TYR B 23 -36.67 -35.29 -4.55
N CYS B 24 -37.33 -36.22 -5.22
CA CYS B 24 -38.56 -35.90 -5.95
C CYS B 24 -39.69 -36.74 -5.39
N PRO B 25 -40.88 -36.14 -5.24
CA PRO B 25 -42.00 -36.85 -4.64
C PRO B 25 -42.74 -37.67 -5.70
N MET B 26 -43.49 -38.69 -5.28
CA MET B 26 -44.33 -39.41 -6.23
C MET B 26 -45.41 -38.48 -6.76
N GLY B 27 -45.71 -38.60 -8.06
CA GLY B 27 -46.56 -37.64 -8.74
C GLY B 27 -48.00 -37.57 -8.27
N GLY B 28 -48.80 -36.80 -8.99
CA GLY B 28 -50.20 -36.64 -8.67
C GLY B 28 -51.02 -37.90 -8.86
N GLU B 29 -52.33 -37.78 -8.71
CA GLU B 29 -53.21 -38.91 -8.89
C GLU B 29 -53.81 -38.86 -10.29
N TRP B 30 -54.40 -39.97 -10.70
CA TRP B 30 -55.00 -40.07 -12.03
C TRP B 30 -56.51 -40.16 -11.87
N PHE B 31 -57.23 -40.17 -12.99
CA PHE B 31 -58.67 -40.28 -12.98
C PHE B 31 -59.15 -41.56 -12.28
N LEU B 32 -60.28 -41.45 -11.58
CA LEU B 32 -60.96 -42.62 -11.07
C LEU B 32 -62.27 -42.80 -11.82
N GLU B 33 -62.82 -44.03 -11.79
CA GLU B 33 -64.10 -44.28 -12.41
C GLU B 33 -65.17 -43.44 -11.72
N PRO B 34 -65.91 -42.64 -12.52
CA PRO B 34 -66.88 -41.67 -11.99
C PRO B 34 -68.13 -42.30 -11.38
N GLY B 35 -68.43 -43.55 -11.72
CA GLY B 35 -69.65 -44.18 -11.23
C GLY B 35 -69.48 -44.86 -9.87
N LEU B 36 -68.42 -44.50 -9.17
CA LEU B 36 -68.06 -45.14 -7.91
C LEU B 36 -68.84 -44.64 -6.71
N GLN B 37 -69.34 -45.57 -5.92
CA GLN B 37 -69.98 -45.25 -4.65
C GLN B 37 -68.92 -44.96 -3.60
N GLU B 38 -69.17 -43.94 -2.78
CA GLU B 38 -68.27 -43.59 -1.69
C GLU B 38 -68.93 -43.76 -0.33
N GLU B 39 -68.33 -44.60 0.52
CA GLU B 39 -68.75 -44.72 1.91
C GLU B 39 -67.54 -44.51 2.82
N SER B 40 -67.65 -43.60 3.78
CA SER B 40 -66.53 -43.34 4.66
C SER B 40 -66.78 -43.90 6.06
N PHE B 41 -65.72 -44.42 6.68
CA PHE B 41 -65.79 -44.88 8.06
C PHE B 41 -64.82 -44.09 8.93
N LEU B 42 -65.11 -44.04 10.23
CA LEU B 42 -64.22 -43.36 11.16
C LEU B 42 -63.07 -44.30 11.54
N SER B 43 -61.86 -43.75 11.60
CA SER B 43 -60.66 -44.53 11.85
C SER B 43 -59.68 -43.71 12.68
N SER B 44 -58.45 -44.16 12.78
CA SER B 44 -57.43 -43.45 13.54
C SER B 44 -56.03 -43.73 13.04
N THR B 45 -55.09 -42.88 13.44
CA THR B 45 -53.72 -42.95 12.96
C THR B 45 -52.80 -42.18 13.90
N PRO B 46 -51.56 -42.65 14.07
CA PRO B 46 -50.55 -41.95 14.89
C PRO B 46 -50.23 -40.58 14.29
N ILE B 47 -50.52 -40.40 13.00
CA ILE B 47 -50.34 -39.12 12.33
C ILE B 47 -51.10 -38.03 13.08
N GLY B 48 -50.37 -37.19 13.81
CA GLY B 48 -50.97 -36.14 14.60
C GLY B 48 -50.58 -36.25 16.04
N ALA B 49 -50.45 -37.48 16.52
CA ALA B 49 -50.02 -37.72 17.88
C ALA B 49 -48.51 -37.60 17.96
N THR B 50 -47.85 -38.42 17.17
CA THR B 50 -46.40 -38.42 17.09
C THR B 50 -45.91 -37.03 16.64
N PRO B 51 -44.86 -36.52 17.31
CA PRO B 51 -44.24 -35.26 16.93
C PRO B 51 -43.73 -35.27 15.49
N SER B 52 -43.74 -34.10 14.86
CA SER B 52 -43.35 -33.97 13.47
C SER B 52 -41.93 -33.48 13.34
N LYS B 53 -41.35 -33.07 14.47
CA LYS B 53 -40.04 -32.44 14.49
C LYS B 53 -39.21 -33.04 15.60
N SER B 54 -37.91 -33.14 15.37
CA SER B 54 -37.00 -33.68 16.36
C SER B 54 -35.71 -32.88 16.34
N ASP B 55 -35.38 -32.24 17.47
CA ASP B 55 -34.18 -31.42 17.55
C ASP B 55 -32.93 -32.29 17.70
N GLY B 56 -31.82 -31.80 17.17
CA GLY B 56 -30.56 -32.53 17.26
C GLY B 56 -29.37 -31.63 17.01
N PHE B 57 -28.23 -32.25 16.69
CA PHE B 57 -27.01 -31.51 16.48
C PHE B 57 -26.15 -32.17 15.39
N LEU B 58 -25.75 -31.36 14.42
CA LEU B 58 -24.72 -31.78 13.48
C LEU B 58 -23.36 -31.55 14.11
N CYS B 59 -22.58 -32.62 14.16
CA CYS B 59 -21.23 -32.59 14.66
C CYS B 59 -20.31 -32.68 13.45
N HIS B 60 -19.59 -31.59 13.18
CA HIS B 60 -18.69 -31.54 12.03
C HIS B 60 -17.23 -31.44 12.49
N ALA B 61 -16.38 -32.30 11.93
CA ALA B 61 -14.96 -32.28 12.28
C ALA B 61 -14.13 -31.73 11.14
N ALA B 62 -13.19 -30.84 11.48
CA ALA B 62 -12.31 -30.26 10.47
C ALA B 62 -10.95 -29.92 11.06
N LYS B 63 -9.89 -30.26 10.33
CA LYS B 63 -8.55 -29.90 10.74
C LYS B 63 -8.12 -28.59 10.10
N TRP B 64 -7.96 -27.57 10.93
CA TRP B 64 -7.46 -26.28 10.48
C TRP B 64 -5.95 -26.34 10.44
N VAL B 65 -5.38 -26.26 9.25
CA VAL B 65 -3.95 -26.47 9.08
C VAL B 65 -3.20 -25.20 8.67
N THR B 66 -2.27 -24.78 9.52
CA THR B 66 -1.33 -23.72 9.20
C THR B 66 -0.02 -24.34 8.74
N THR B 67 0.34 -24.09 7.48
CA THR B 67 1.52 -24.71 6.89
C THR B 67 2.64 -23.70 6.66
N CYS B 68 3.83 -24.01 7.16
CA CYS B 68 4.99 -23.16 6.97
C CYS B 68 5.95 -23.78 5.96
N ASP B 69 6.22 -23.05 4.89
CA ASP B 69 7.15 -23.52 3.87
C ASP B 69 8.47 -22.74 3.92
N PHE B 70 9.53 -23.44 4.29
CA PHE B 70 10.86 -22.85 4.34
C PHE B 70 11.83 -23.70 3.53
N ARG B 71 12.12 -23.27 2.30
CA ARG B 71 12.98 -24.03 1.40
C ARG B 71 14.43 -23.54 1.45
N TRP B 72 15.03 -23.40 0.27
CA TRP B 72 16.41 -22.94 0.16
C TRP B 72 16.60 -21.56 0.79
N TYR B 73 15.72 -20.63 0.42
CA TYR B 73 15.75 -19.27 0.95
C TYR B 73 14.40 -18.60 0.77
N GLY B 74 14.41 -17.30 0.49
CA GLY B 74 13.20 -16.56 0.23
C GLY B 74 12.40 -16.28 1.49
N PRO B 75 11.28 -15.57 1.33
CA PRO B 75 10.39 -15.20 2.45
C PRO B 75 9.79 -16.42 3.14
N LYS B 76 9.10 -16.19 4.25
CA LYS B 76 8.39 -17.26 4.94
C LYS B 76 7.02 -17.44 4.32
N TYR B 77 6.85 -18.50 3.54
CA TYR B 77 5.58 -18.76 2.87
C TYR B 77 4.63 -19.57 3.76
N ILE B 78 3.62 -18.89 4.30
CA ILE B 78 2.64 -19.54 5.15
C ILE B 78 1.31 -19.68 4.42
N THR B 79 0.78 -20.90 4.40
CA THR B 79 -0.55 -21.12 3.83
C THR B 79 -1.52 -21.61 4.88
N HIS B 80 -2.81 -21.39 4.63
CA HIS B 80 -3.85 -21.83 5.56
C HIS B 80 -4.89 -22.67 4.83
N SER B 81 -5.10 -23.90 5.31
CA SER B 81 -6.07 -24.79 4.69
C SER B 81 -7.02 -25.36 5.73
N ILE B 82 -8.13 -25.95 5.27
CA ILE B 82 -9.06 -26.64 6.16
C ILE B 82 -9.44 -27.98 5.55
N HIS B 83 -9.25 -29.06 6.31
CA HIS B 83 -9.54 -30.40 5.83
C HIS B 83 -10.70 -31.03 6.59
N ASN B 84 -11.84 -31.16 5.91
CA ASN B 84 -13.00 -31.83 6.52
C ASN B 84 -12.69 -33.30 6.79
N ILE B 85 -12.94 -33.74 8.02
CA ILE B 85 -12.76 -35.15 8.37
C ILE B 85 -13.98 -35.64 9.16
N LYS B 86 -14.16 -36.96 9.18
CA LYS B 86 -15.26 -37.54 9.94
C LYS B 86 -14.88 -37.63 11.41
N PRO B 87 -15.72 -37.05 12.29
CA PRO B 87 -15.45 -37.05 13.73
C PRO B 87 -15.64 -38.42 14.34
N THR B 88 -14.89 -38.71 15.40
CA THR B 88 -15.09 -39.92 16.18
C THR B 88 -16.28 -39.66 17.10
N ARG B 89 -16.76 -40.70 17.76
CA ARG B 89 -17.85 -40.52 18.71
C ARG B 89 -17.39 -39.70 19.91
N SER B 90 -16.13 -39.91 20.30
CA SER B 90 -15.54 -39.18 21.43
C SER B 90 -15.46 -37.69 21.15
N ASP B 91 -14.98 -37.34 19.96
CA ASP B 91 -14.89 -35.94 19.51
C ASP B 91 -16.24 -35.26 19.62
N CYS B 92 -17.26 -35.91 19.06
CA CYS B 92 -18.62 -35.38 19.07
C CYS B 92 -19.17 -35.24 20.48
N ASP B 93 -18.91 -36.21 21.33
CA ASP B 93 -19.39 -36.17 22.72
C ASP B 93 -18.78 -34.99 23.48
N THR B 94 -17.45 -34.89 23.43
CA THR B 94 -16.73 -33.83 24.12
C THR B 94 -17.17 -32.45 23.61
N ALA B 95 -17.23 -32.31 22.29
CA ALA B 95 -17.59 -31.04 21.68
C ALA B 95 -19.05 -30.66 21.94
N LEU B 96 -19.91 -31.66 22.06
CA LEU B 96 -21.32 -31.42 22.34
C LEU B 96 -21.50 -30.99 23.79
N ALA B 97 -20.75 -31.62 24.68
CA ALA B 97 -20.75 -31.21 26.08
C ALA B 97 -20.27 -29.77 26.19
N SER B 98 -19.19 -29.45 25.49
CA SER B 98 -18.66 -28.09 25.45
C SER B 98 -19.69 -27.11 24.91
N TYR B 99 -20.45 -27.54 23.91
CA TYR B 99 -21.48 -26.70 23.31
C TYR B 99 -22.60 -26.43 24.32
N LYS B 100 -23.04 -27.47 25.02
CA LYS B 100 -24.12 -27.35 25.98
C LYS B 100 -23.71 -26.45 27.15
N SER B 101 -22.48 -26.61 27.61
CA SER B 101 -21.98 -25.79 28.71
C SER B 101 -21.53 -24.40 28.25
N GLY B 102 -21.38 -24.23 26.94
CA GLY B 102 -20.95 -22.97 26.37
C GLY B 102 -19.44 -22.81 26.37
N THR B 103 -18.73 -23.94 26.31
CA THR B 103 -17.27 -23.94 26.33
C THR B 103 -16.68 -23.99 24.92
N LEU B 104 -17.43 -24.61 24.01
CA LEU B 104 -16.96 -24.81 22.64
C LEU B 104 -16.66 -23.50 21.92
N VAL B 105 -15.40 -23.28 21.58
CA VAL B 105 -14.98 -22.12 20.83
C VAL B 105 -14.05 -22.52 19.70
N SER B 106 -14.33 -22.05 18.49
CA SER B 106 -13.47 -22.31 17.34
C SER B 106 -12.11 -21.69 17.56
N LEU B 107 -11.07 -22.52 17.49
CA LEU B 107 -9.72 -22.08 17.82
C LEU B 107 -9.04 -21.32 16.68
N GLY B 108 -9.76 -21.09 15.59
CA GLY B 108 -9.21 -20.43 14.42
C GLY B 108 -8.06 -21.24 13.82
N PHE B 109 -7.10 -20.56 13.23
CA PHE B 109 -5.93 -21.23 12.66
C PHE B 109 -4.81 -21.34 13.68
N PRO B 110 -4.08 -22.47 13.67
CA PRO B 110 -2.95 -22.68 14.58
C PRO B 110 -1.83 -21.68 14.31
N PRO B 111 -1.04 -21.34 15.35
CA PRO B 111 0.10 -20.45 15.18
C PRO B 111 1.13 -21.09 14.25
N GLU B 112 1.88 -20.25 13.53
CA GLU B 112 2.87 -20.74 12.57
C GLU B 112 3.96 -21.56 13.24
N SER B 113 4.21 -22.74 12.69
CA SER B 113 5.28 -23.60 13.19
C SER B 113 6.32 -23.79 12.09
N CYS B 114 7.33 -22.92 12.10
CA CYS B 114 8.32 -22.88 11.02
C CYS B 114 9.62 -23.58 11.33
N GLY B 115 10.25 -24.10 10.28
CA GLY B 115 11.56 -24.71 10.38
C GLY B 115 12.44 -24.22 9.24
N TYR B 116 13.28 -25.11 8.73
CA TYR B 116 14.14 -24.77 7.59
C TYR B 116 14.41 -26.00 6.75
N ALA B 117 14.43 -25.82 5.43
CA ALA B 117 14.64 -26.91 4.48
C ALA B 117 13.62 -28.05 4.66
N SER B 118 12.46 -27.70 5.21
CA SER B 118 11.41 -28.67 5.45
C SER B 118 10.07 -27.96 5.62
N VAL B 119 9.09 -28.37 4.84
CA VAL B 119 7.74 -27.80 4.95
C VAL B 119 6.88 -28.61 5.91
N THR B 120 6.81 -28.13 7.15
CA THR B 120 6.02 -28.80 8.19
C THR B 120 4.83 -27.92 8.57
N ASP B 121 3.74 -28.57 8.99
CA ASP B 121 2.53 -27.83 9.34
C ASP B 121 2.00 -28.19 10.72
N SER B 122 1.26 -27.25 11.31
CA SER B 122 0.58 -27.48 12.59
C SER B 122 -0.93 -27.43 12.38
N GLU B 123 -1.67 -28.22 13.14
CA GLU B 123 -3.10 -28.32 12.91
C GLU B 123 -3.94 -28.32 14.18
N PHE B 124 -5.16 -27.80 14.06
CA PHE B 124 -6.14 -27.86 15.14
C PHE B 124 -7.31 -28.75 14.74
N LEU B 125 -7.68 -29.65 15.64
CA LEU B 125 -8.85 -30.50 15.43
C LEU B 125 -10.09 -29.75 15.89
N VAL B 126 -10.63 -28.91 15.01
CA VAL B 126 -11.82 -28.14 15.33
C VAL B 126 -13.09 -28.95 15.11
N ILE B 127 -13.79 -29.21 16.21
CA ILE B 127 -15.11 -29.83 16.14
C ILE B 127 -16.15 -28.74 16.35
N MET B 128 -17.14 -28.70 15.46
CA MET B 128 -18.21 -27.73 15.53
C MET B 128 -19.55 -28.43 15.76
N ILE B 129 -20.38 -27.82 16.60
CA ILE B 129 -21.70 -28.37 16.90
C ILE B 129 -22.79 -27.37 16.48
N THR B 130 -23.73 -27.83 15.67
CA THR B 130 -24.78 -26.95 15.18
C THR B 130 -26.15 -27.56 15.40
N PRO B 131 -27.06 -26.82 16.06
CA PRO B 131 -28.43 -27.31 16.22
C PRO B 131 -29.06 -27.57 14.85
N HIS B 132 -29.69 -28.72 14.70
CA HIS B 132 -30.24 -29.12 13.41
C HIS B 132 -31.39 -30.10 13.61
N HIS B 133 -32.59 -29.69 13.23
CA HIS B 133 -33.78 -30.50 13.46
C HIS B 133 -34.13 -31.35 12.24
N VAL B 134 -34.79 -32.48 12.50
CA VAL B 134 -35.13 -33.43 11.46
C VAL B 134 -36.59 -33.86 11.59
N GLY B 135 -37.11 -34.54 10.57
CA GLY B 135 -38.47 -35.03 10.63
C GLY B 135 -38.55 -36.32 11.43
N VAL B 136 -39.77 -36.78 11.68
CA VAL B 136 -39.98 -38.00 12.46
C VAL B 136 -40.93 -38.95 11.73
N ASP B 137 -40.61 -40.23 11.74
CA ASP B 137 -41.51 -41.26 11.25
C ASP B 137 -42.73 -41.32 12.14
N ASP B 138 -43.91 -41.09 11.56
CA ASP B 138 -45.14 -41.00 12.32
C ASP B 138 -45.53 -42.31 12.98
N TYR B 139 -45.11 -43.43 12.40
CA TYR B 139 -45.53 -44.74 12.87
C TYR B 139 -44.48 -45.46 13.71
N ARG B 140 -43.21 -45.27 13.38
CA ARG B 140 -42.13 -45.98 14.05
C ARG B 140 -41.37 -45.09 15.02
N GLY B 141 -41.42 -43.79 14.80
CA GLY B 141 -40.71 -42.86 15.65
C GLY B 141 -39.27 -42.64 15.21
N HIS B 142 -38.88 -43.32 14.12
CA HIS B 142 -37.55 -43.13 13.55
C HIS B 142 -37.36 -41.68 13.12
N TRP B 143 -36.11 -41.29 12.95
CA TRP B 143 -35.83 -39.95 12.45
C TRP B 143 -35.78 -39.98 10.92
N VAL B 144 -36.45 -39.01 10.32
CA VAL B 144 -36.59 -38.97 8.87
C VAL B 144 -36.11 -37.62 8.34
N ASP B 145 -35.11 -37.65 7.47
CA ASP B 145 -34.58 -36.43 6.87
C ASP B 145 -33.65 -36.77 5.70
N PRO B 146 -33.61 -35.90 4.68
CA PRO B 146 -32.70 -36.11 3.55
C PRO B 146 -31.24 -36.16 3.99
N LEU B 147 -30.92 -35.49 5.09
CA LEU B 147 -29.56 -35.46 5.63
C LEU B 147 -29.00 -36.84 5.93
N PHE B 148 -29.86 -37.74 6.40
CA PHE B 148 -29.44 -39.08 6.77
C PHE B 148 -29.15 -39.93 5.54
N VAL B 149 -28.14 -40.79 5.66
CA VAL B 149 -27.93 -41.84 4.67
C VAL B 149 -29.16 -42.71 4.69
N GLY B 150 -29.72 -43.00 3.52
CA GLY B 150 -30.92 -43.80 3.43
C GLY B 150 -32.16 -43.03 3.86
N GLY B 151 -31.97 -41.77 4.21
CA GLY B 151 -33.09 -40.89 4.52
C GLY B 151 -33.65 -41.04 5.93
N GLU B 152 -33.26 -42.11 6.63
CA GLU B 152 -33.74 -42.33 7.98
C GLU B 152 -32.65 -42.83 8.91
N CYS B 153 -32.91 -42.72 10.21
CA CYS B 153 -31.99 -43.18 11.24
C CYS B 153 -32.73 -43.37 12.57
N ASP B 154 -32.24 -44.30 13.38
CA ASP B 154 -32.86 -44.57 14.68
C ASP B 154 -31.79 -44.88 15.73
N GLN B 155 -30.61 -44.30 15.56
CA GLN B 155 -29.49 -44.57 16.44
C GLN B 155 -29.05 -43.33 17.21
N SER B 156 -28.17 -43.52 18.18
CA SER B 156 -27.66 -42.42 18.98
C SER B 156 -26.71 -41.55 18.17
N TYR B 157 -26.04 -42.15 17.20
CA TYR B 157 -25.20 -41.42 16.26
C TYR B 157 -25.64 -41.76 14.84
N CYS B 158 -25.88 -40.74 14.03
CA CYS B 158 -26.44 -40.93 12.69
C CYS B 158 -25.52 -40.45 11.57
N ASP B 159 -25.19 -41.35 10.66
CA ASP B 159 -24.39 -40.99 9.49
C ASP B 159 -25.19 -40.09 8.56
N THR B 160 -24.53 -39.09 7.99
CA THR B 160 -25.19 -38.18 7.08
C THR B 160 -24.62 -38.32 5.68
N ILE B 161 -25.27 -37.68 4.72
CA ILE B 161 -24.79 -37.66 3.35
C ILE B 161 -23.46 -36.88 3.28
N HIS B 162 -23.29 -35.94 4.22
CA HIS B 162 -22.01 -35.29 4.41
C HIS B 162 -21.08 -36.30 5.06
N ASN B 163 -20.01 -36.67 4.35
CA ASN B 163 -19.10 -37.68 4.88
C ASN B 163 -18.33 -37.19 6.10
N SER B 164 -18.47 -35.90 6.40
CA SER B 164 -17.72 -35.29 7.49
C SER B 164 -18.62 -34.88 8.66
N SER B 165 -19.92 -35.11 8.52
CA SER B 165 -20.87 -34.68 9.55
C SER B 165 -21.60 -35.87 10.16
N VAL B 166 -21.93 -35.75 11.45
CA VAL B 166 -22.71 -36.78 12.12
C VAL B 166 -23.83 -36.15 12.92
N TRP B 167 -25.05 -36.63 12.74
CA TRP B 167 -26.20 -36.07 13.46
C TRP B 167 -26.48 -36.82 14.76
N ILE B 168 -26.76 -36.07 15.81
CA ILE B 168 -26.98 -36.62 17.14
C ILE B 168 -28.28 -36.07 17.71
N PRO B 169 -29.23 -36.97 18.01
CA PRO B 169 -30.53 -36.55 18.52
C PRO B 169 -30.42 -35.91 19.90
N ALA B 170 -31.15 -34.82 20.13
CA ALA B 170 -31.10 -34.12 21.41
C ALA B 170 -31.74 -34.96 22.51
N ASP B 171 -32.85 -35.61 22.18
CA ASP B 171 -33.54 -36.50 23.12
C ASP B 171 -33.59 -37.91 22.54
N GLN B 172 -32.80 -38.81 23.10
CA GLN B 172 -32.67 -40.16 22.56
C GLN B 172 -33.65 -41.14 23.18
N THR B 173 -34.89 -40.70 23.39
CA THR B 173 -35.92 -41.54 24.00
C THR B 173 -36.86 -42.15 22.96
N LYS B 174 -37.00 -41.46 21.82
CA LYS B 174 -37.83 -41.90 20.70
C LYS B 174 -39.31 -42.08 21.05
N LYS B 175 -39.70 -41.54 22.22
CA LYS B 175 -41.09 -41.54 22.68
C LYS B 175 -41.71 -42.94 22.78
N ASN B 176 -43.03 -42.97 22.89
CA ASN B 176 -43.78 -44.22 22.91
C ASN B 176 -45.01 -44.10 22.03
N ILE B 177 -44.88 -44.51 20.77
CA ILE B 177 -45.94 -44.33 19.79
C ILE B 177 -47.25 -45.01 20.18
N CYS B 178 -47.15 -46.28 20.58
CA CYS B 178 -48.35 -47.09 20.86
C CYS B 178 -49.22 -46.53 21.96
N GLY B 179 -48.59 -45.92 22.95
CA GLY B 179 -49.30 -45.39 24.10
C GLY B 179 -50.15 -44.18 23.79
N GLN B 180 -49.85 -43.50 22.69
CA GLN B 180 -50.52 -42.25 22.34
C GLN B 180 -52.02 -42.39 22.07
N SER B 181 -52.71 -41.25 22.07
CA SER B 181 -54.10 -41.22 21.65
C SER B 181 -54.16 -40.93 20.17
N PHE B 182 -54.32 -41.98 19.37
CA PHE B 182 -54.31 -41.87 17.91
C PHE B 182 -55.35 -40.87 17.40
N THR B 183 -54.93 -40.02 16.46
CA THR B 183 -55.78 -39.00 15.88
C THR B 183 -56.93 -39.62 15.11
N PRO B 184 -58.16 -39.17 15.37
CA PRO B 184 -59.28 -39.68 14.58
C PRO B 184 -59.17 -39.18 13.15
N LEU B 185 -59.39 -40.07 12.19
CA LEU B 185 -59.22 -39.77 10.79
C LEU B 185 -60.32 -40.46 9.99
N THR B 186 -61.01 -39.70 9.14
CA THR B 186 -62.06 -40.27 8.32
C THR B 186 -61.50 -40.91 7.04
N VAL B 187 -61.76 -42.19 6.87
CA VAL B 187 -61.28 -42.90 5.69
C VAL B 187 -62.40 -43.16 4.71
N THR B 188 -62.26 -42.62 3.51
CA THR B 188 -63.24 -42.80 2.45
C THR B 188 -62.92 -44.05 1.63
N VAL B 189 -63.96 -44.83 1.36
CA VAL B 189 -63.84 -46.06 0.58
C VAL B 189 -64.70 -45.97 -0.68
N ALA B 190 -64.04 -46.09 -1.85
CA ALA B 190 -64.74 -46.04 -3.13
C ALA B 190 -64.81 -47.43 -3.75
N TYR B 191 -66.00 -47.82 -4.19
CA TYR B 191 -66.21 -49.14 -4.77
C TYR B 191 -67.27 -49.09 -5.85
N ASP B 192 -67.29 -50.12 -6.70
CA ASP B 192 -68.32 -50.23 -7.72
C ASP B 192 -69.64 -50.63 -7.06
N LYS B 193 -70.65 -49.78 -7.18
CA LYS B 193 -71.92 -50.02 -6.50
C LYS B 193 -72.65 -51.26 -7.04
N THR B 194 -72.49 -51.52 -8.34
CA THR B 194 -73.18 -52.63 -8.98
C THR B 194 -72.42 -53.95 -8.89
N LYS B 195 -71.48 -54.04 -7.95
CA LYS B 195 -70.73 -55.28 -7.74
C LYS B 195 -70.64 -55.64 -6.27
N GLU B 196 -70.45 -56.93 -6.00
CA GLU B 196 -70.22 -57.38 -4.63
C GLU B 196 -68.88 -56.84 -4.18
N ILE B 197 -68.87 -56.10 -3.08
CA ILE B 197 -67.65 -55.42 -2.64
C ILE B 197 -66.52 -56.39 -2.28
N ALA B 198 -65.33 -56.10 -2.80
CA ALA B 198 -64.17 -56.94 -2.56
C ALA B 198 -62.92 -56.08 -2.50
N ALA B 199 -61.85 -56.66 -1.95
CA ALA B 199 -60.58 -55.95 -1.77
C ALA B 199 -60.08 -55.32 -3.08
N GLY B 200 -60.19 -56.08 -4.17
CA GLY B 200 -59.69 -55.63 -5.45
C GLY B 200 -60.57 -54.60 -6.14
N GLY B 201 -61.73 -54.32 -5.55
CA GLY B 201 -62.64 -53.34 -6.10
C GLY B 201 -62.70 -52.07 -5.28
N ILE B 202 -61.79 -51.96 -4.31
CA ILE B 202 -61.80 -50.84 -3.38
C ILE B 202 -60.65 -49.87 -3.63
N VAL B 203 -60.94 -48.57 -3.53
CA VAL B 203 -59.91 -47.55 -3.48
C VAL B 203 -60.09 -46.74 -2.21
N PHE B 204 -59.06 -46.71 -1.36
CA PHE B 204 -59.09 -45.91 -0.14
C PHE B 204 -58.56 -44.51 -0.39
N LYS B 205 -59.06 -43.54 0.36
CA LYS B 205 -58.46 -42.21 0.37
C LYS B 205 -58.80 -41.51 1.67
N SER B 206 -58.02 -40.50 2.03
CA SER B 206 -58.31 -39.70 3.22
C SER B 206 -57.67 -38.35 3.02
N LYS B 207 -57.78 -37.47 4.02
CA LYS B 207 -57.17 -36.16 3.88
C LYS B 207 -55.66 -36.33 3.89
N TYR B 208 -55.20 -37.46 4.42
CA TYR B 208 -53.78 -37.74 4.57
C TYR B 208 -53.23 -38.63 3.46
N HIS B 209 -54.11 -39.42 2.84
CA HIS B 209 -53.69 -40.46 1.92
C HIS B 209 -54.24 -40.28 0.51
N SER B 210 -53.34 -40.26 -0.47
CA SER B 210 -53.74 -40.31 -1.86
C SER B 210 -54.28 -41.72 -2.14
N HIS B 211 -54.92 -41.91 -3.30
CA HIS B 211 -55.61 -43.16 -3.62
C HIS B 211 -54.81 -44.43 -3.35
N MET B 212 -55.33 -45.26 -2.45
CA MET B 212 -54.68 -46.51 -2.08
C MET B 212 -55.48 -47.68 -2.62
N GLU B 213 -54.81 -48.53 -3.40
CA GLU B 213 -55.49 -49.64 -4.05
C GLU B 213 -55.76 -50.74 -3.05
N GLY B 214 -57.05 -51.05 -2.85
CA GLY B 214 -57.45 -52.08 -1.92
C GLY B 214 -56.85 -53.44 -2.24
N ALA B 215 -56.62 -53.68 -3.53
CA ALA B 215 -56.05 -54.94 -3.99
C ALA B 215 -54.67 -55.19 -3.40
N ARG B 216 -54.01 -54.11 -3.00
CA ARG B 216 -52.69 -54.22 -2.40
C ARG B 216 -52.70 -53.71 -0.96
N THR B 217 -53.82 -53.93 -0.28
CA THR B 217 -53.97 -53.50 1.10
C THR B 217 -54.29 -54.71 1.97
N CYS B 218 -53.50 -54.92 3.01
CA CYS B 218 -53.64 -56.12 3.83
C CYS B 218 -53.97 -55.82 5.29
N ARG B 219 -54.65 -56.76 5.94
CA ARG B 219 -54.94 -56.66 7.37
C ARG B 219 -53.65 -56.77 8.16
N LEU B 220 -53.48 -55.91 9.15
CA LEU B 220 -52.26 -55.93 9.96
C LEU B 220 -52.48 -55.25 11.31
N SER B 221 -52.23 -56.01 12.38
CA SER B 221 -52.32 -55.45 13.72
C SER B 221 -51.17 -54.49 13.96
N TYR B 222 -51.49 -53.33 14.52
CA TYR B 222 -50.49 -52.30 14.79
C TYR B 222 -50.75 -51.68 16.14
N CYS B 223 -49.75 -51.76 17.02
CA CYS B 223 -49.86 -51.25 18.38
C CYS B 223 -51.07 -51.82 19.11
N GLY B 224 -51.32 -53.10 18.91
CA GLY B 224 -52.41 -53.79 19.57
C GLY B 224 -53.79 -53.48 19.00
N ARG B 225 -53.84 -52.58 18.04
CA ARG B 225 -55.10 -52.18 17.44
C ARG B 225 -55.27 -52.83 16.06
N ASN B 226 -56.46 -53.39 15.83
CA ASN B 226 -56.77 -53.97 14.53
C ASN B 226 -56.84 -52.90 13.47
N GLY B 227 -56.25 -53.19 12.32
CA GLY B 227 -56.23 -52.22 11.25
C GLY B 227 -55.78 -52.74 9.91
N ILE B 228 -55.60 -51.82 8.98
CA ILE B 228 -55.30 -52.16 7.61
C ILE B 228 -54.08 -51.33 7.15
N LYS B 229 -53.22 -51.95 6.34
CA LYS B 229 -51.99 -51.31 5.90
C LYS B 229 -52.02 -51.03 4.40
N PHE B 230 -52.05 -49.75 4.05
CA PHE B 230 -52.04 -49.30 2.65
C PHE B 230 -50.74 -49.69 1.95
N PRO B 231 -50.76 -49.73 0.61
CA PRO B 231 -49.55 -50.07 -0.15
C PRO B 231 -48.37 -49.13 0.12
N ASN B 232 -48.64 -47.94 0.64
CA ASN B 232 -47.55 -47.00 0.91
C ASN B 232 -46.92 -47.20 2.30
N GLY B 233 -47.24 -48.33 2.92
CA GLY B 233 -46.63 -48.71 4.18
C GLY B 233 -47.28 -48.08 5.40
N GLU B 234 -48.20 -47.16 5.16
CA GLU B 234 -48.91 -46.52 6.25
C GLU B 234 -50.07 -47.38 6.71
N TRP B 235 -50.64 -47.07 7.87
CA TRP B 235 -51.63 -47.92 8.50
C TRP B 235 -52.78 -47.09 9.10
N VAL B 236 -54.00 -47.59 9.00
CA VAL B 236 -55.12 -46.97 9.68
C VAL B 236 -55.92 -48.02 10.42
N SER B 237 -56.47 -47.65 11.58
CA SER B 237 -57.23 -48.59 12.40
C SER B 237 -58.54 -49.02 11.73
N LEU B 238 -58.86 -50.30 11.86
CA LEU B 238 -60.10 -50.84 11.32
C LEU B 238 -60.44 -52.16 12.01
N ASP B 239 -61.52 -52.14 12.79
CA ASP B 239 -61.97 -53.34 13.48
C ASP B 239 -63.12 -54.02 12.74
N VAL B 240 -63.53 -55.18 13.23
CA VAL B 240 -64.52 -56.00 12.53
C VAL B 240 -65.92 -55.39 12.55
N LYS B 241 -66.16 -54.46 13.48
CA LYS B 241 -67.48 -53.85 13.64
C LYS B 241 -67.89 -52.99 12.45
N THR B 242 -66.91 -52.55 11.66
CA THR B 242 -67.17 -51.59 10.60
C THR B 242 -67.73 -52.23 9.33
N ARG B 243 -68.95 -51.84 8.99
CA ARG B 243 -69.63 -52.35 7.80
C ARG B 243 -69.49 -51.40 6.62
N ILE B 244 -69.31 -51.98 5.43
CA ILE B 244 -69.39 -51.23 4.18
C ILE B 244 -70.16 -52.06 3.15
N GLN B 245 -71.12 -51.42 2.48
CA GLN B 245 -72.10 -52.12 1.65
C GLN B 245 -72.79 -53.18 2.48
N GLU B 246 -73.17 -52.80 3.70
CA GLU B 246 -73.83 -53.69 4.65
C GLU B 246 -73.06 -55.00 4.82
N LYS B 247 -71.75 -54.89 5.02
CA LYS B 247 -70.89 -56.07 5.09
C LYS B 247 -69.58 -55.76 5.79
N HIS B 248 -69.05 -56.74 6.51
CA HIS B 248 -67.78 -56.58 7.22
C HIS B 248 -66.64 -56.18 6.29
N LEU B 249 -65.98 -55.06 6.60
CA LEU B 249 -64.92 -54.54 5.75
C LEU B 249 -63.59 -55.25 5.95
N LEU B 250 -63.13 -55.28 7.20
CA LEU B 250 -61.82 -55.87 7.54
C LEU B 250 -61.53 -57.27 6.98
N PRO B 251 -62.50 -58.21 7.04
CA PRO B 251 -62.17 -59.55 6.55
C PRO B 251 -61.94 -59.65 5.04
N LEU B 252 -62.15 -58.56 4.30
CA LEU B 252 -61.96 -58.58 2.86
C LEU B 252 -60.47 -58.59 2.46
N PHE B 253 -59.60 -58.41 3.44
CA PHE B 253 -58.17 -58.24 3.17
C PHE B 253 -57.35 -59.34 3.83
N LYS B 254 -56.40 -59.90 3.08
CA LYS B 254 -55.52 -60.94 3.61
C LYS B 254 -54.61 -60.39 4.69
N GLU B 255 -54.06 -61.27 5.52
CA GLU B 255 -53.09 -60.86 6.52
C GLU B 255 -51.84 -60.35 5.83
N CYS B 256 -51.11 -59.46 6.49
CA CYS B 256 -49.85 -58.98 5.94
C CYS B 256 -48.81 -60.09 6.03
N PRO B 257 -47.99 -60.24 4.98
CA PRO B 257 -46.90 -61.22 4.91
C PRO B 257 -46.01 -61.21 6.14
N ALA B 258 -45.32 -62.31 6.38
CA ALA B 258 -44.43 -62.44 7.54
C ALA B 258 -43.48 -61.26 7.70
N GLY B 259 -43.57 -60.59 8.84
CA GLY B 259 -42.69 -59.49 9.15
C GLY B 259 -42.92 -58.26 8.28
N THR B 260 -44.18 -57.86 8.13
CA THR B 260 -44.50 -56.64 7.41
C THR B 260 -44.26 -55.45 8.33
N GLU B 261 -43.44 -54.51 7.89
CA GLU B 261 -43.17 -53.33 8.70
C GLU B 261 -43.99 -52.14 8.23
N VAL B 262 -44.74 -51.55 9.14
CA VAL B 262 -45.52 -50.36 8.85
C VAL B 262 -44.64 -49.14 9.11
N ARG B 263 -44.38 -48.38 8.04
CA ARG B 263 -43.43 -47.28 8.09
C ARG B 263 -44.05 -45.99 7.55
N SER B 264 -43.29 -44.90 7.61
CA SER B 264 -43.72 -43.64 7.03
C SER B 264 -42.55 -42.69 6.81
N THR B 265 -41.71 -43.01 5.83
CA THR B 265 -40.57 -42.17 5.50
C THR B 265 -40.94 -41.23 4.36
N LEU B 266 -39.94 -40.71 3.65
CA LEU B 266 -40.22 -39.81 2.54
C LEU B 266 -40.54 -40.57 1.24
N GLN B 267 -39.99 -41.78 1.11
CA GLN B 267 -40.27 -42.62 -0.04
C GLN B 267 -41.45 -43.57 0.20
N SER B 268 -41.17 -44.75 0.74
CA SER B 268 -42.18 -45.76 1.06
C SER B 268 -43.07 -46.11 -0.13
N ALA B 271 -40.63 -50.33 -6.02
CA ALA B 271 -40.08 -49.01 -5.77
C ALA B 271 -38.64 -48.91 -6.25
N GLN B 272 -38.44 -49.02 -7.56
CA GLN B 272 -37.12 -48.87 -8.18
C GLN B 272 -37.17 -48.53 -9.66
N VAL B 273 -37.89 -49.35 -10.43
CA VAL B 273 -38.05 -49.09 -11.86
C VAL B 273 -38.95 -47.87 -12.07
N LEU B 274 -38.79 -47.21 -13.21
CA LEU B 274 -39.55 -45.99 -13.48
C LEU B 274 -41.03 -46.30 -13.55
N THR B 275 -41.85 -45.43 -12.98
CA THR B 275 -43.30 -45.56 -13.09
C THR B 275 -43.68 -45.47 -14.55
N SER B 276 -44.81 -46.06 -14.91
CA SER B 276 -45.31 -45.94 -16.27
C SER B 276 -46.47 -44.96 -16.33
N GLU B 277 -46.87 -44.45 -15.18
CA GLU B 277 -47.99 -43.51 -15.12
C GLU B 277 -47.59 -42.13 -15.66
N ILE B 278 -48.27 -41.70 -16.72
CA ILE B 278 -47.85 -40.52 -17.46
C ILE B 278 -47.77 -39.27 -16.60
N GLN B 279 -48.73 -39.09 -15.69
CA GLN B 279 -48.71 -37.91 -14.84
C GLN B 279 -47.54 -37.98 -13.87
N ARG B 280 -47.21 -39.18 -13.42
CA ARG B 280 -46.10 -39.36 -12.49
C ARG B 280 -44.76 -39.13 -13.18
N ILE B 281 -44.66 -39.58 -14.43
CA ILE B 281 -43.47 -39.37 -15.24
C ILE B 281 -43.27 -37.89 -15.48
N LEU B 282 -44.36 -37.21 -15.84
CA LEU B 282 -44.33 -35.76 -16.06
C LEU B 282 -43.87 -35.01 -14.82
N ASP B 283 -44.57 -35.24 -13.71
CA ASP B 283 -44.24 -34.60 -12.44
C ASP B 283 -42.78 -34.85 -12.02
N TYR B 284 -42.35 -36.10 -12.12
CA TYR B 284 -40.97 -36.49 -11.86
C TYR B 284 -39.99 -35.69 -12.71
N SER B 285 -40.26 -35.65 -14.02
CA SER B 285 -39.43 -34.94 -14.97
C SER B 285 -39.33 -33.46 -14.65
N LEU B 286 -40.44 -32.87 -14.22
CA LEU B 286 -40.49 -31.44 -13.88
C LEU B 286 -39.67 -31.16 -12.64
N CYS B 287 -39.83 -32.02 -11.63
CA CYS B 287 -39.04 -31.91 -10.41
C CYS B 287 -37.56 -31.95 -10.75
N GLN B 288 -37.18 -32.98 -11.50
CA GLN B 288 -35.79 -33.17 -11.89
C GLN B 288 -35.29 -31.99 -12.71
N ASN B 289 -36.19 -31.38 -13.48
CA ASN B 289 -35.82 -30.22 -14.27
C ASN B 289 -35.46 -29.07 -13.36
N THR B 290 -36.26 -28.87 -12.32
CA THR B 290 -35.96 -27.84 -11.33
C THR B 290 -34.63 -28.11 -10.62
N TRP B 291 -34.37 -29.36 -10.25
CA TRP B 291 -33.09 -29.70 -9.64
C TRP B 291 -31.92 -29.47 -10.61
N ASP B 292 -32.12 -29.75 -11.89
CA ASP B 292 -31.13 -29.43 -12.92
C ASP B 292 -30.84 -27.94 -12.86
N LYS B 293 -31.89 -27.12 -12.81
CA LYS B 293 -31.73 -25.68 -12.68
C LYS B 293 -30.93 -25.31 -11.45
N VAL B 294 -31.23 -25.95 -10.32
CA VAL B 294 -30.54 -25.68 -9.07
C VAL B 294 -29.04 -25.98 -9.18
N GLU B 295 -28.71 -27.17 -9.68
CA GLU B 295 -27.33 -27.59 -9.84
C GLU B 295 -26.56 -26.72 -10.84
N ARG B 296 -27.24 -26.27 -11.89
CA ARG B 296 -26.58 -25.38 -12.86
C ARG B 296 -26.55 -23.94 -12.36
N LYS B 297 -27.05 -23.72 -11.15
CA LYS B 297 -27.09 -22.40 -10.53
C LYS B 297 -27.83 -21.37 -11.40
N GLU B 298 -28.85 -21.85 -12.10
CA GLU B 298 -29.72 -20.98 -12.89
C GLU B 298 -30.79 -20.38 -12.00
N PRO B 299 -31.28 -19.17 -12.35
CA PRO B 299 -32.36 -18.53 -11.59
C PRO B 299 -33.64 -19.36 -11.58
N LEU B 300 -34.40 -19.24 -10.49
CA LEU B 300 -35.59 -20.05 -10.28
C LEU B 300 -36.86 -19.20 -10.18
N SER B 301 -37.92 -19.66 -10.84
CA SER B 301 -39.23 -19.02 -10.73
C SER B 301 -40.03 -19.77 -9.68
N PRO B 302 -41.09 -19.12 -9.15
CA PRO B 302 -41.97 -19.81 -8.20
C PRO B 302 -42.58 -21.07 -8.81
N LEU B 303 -42.74 -21.08 -10.12
CA LEU B 303 -43.27 -22.24 -10.83
C LEU B 303 -42.29 -23.42 -10.76
N ASP B 304 -41.03 -23.13 -11.09
CA ASP B 304 -39.94 -24.08 -10.91
C ASP B 304 -39.96 -24.67 -9.51
N LEU B 305 -40.14 -23.80 -8.51
CA LEU B 305 -40.23 -24.24 -7.13
C LEU B 305 -41.39 -25.21 -6.96
N SER B 306 -42.53 -24.86 -7.55
CA SER B 306 -43.72 -25.68 -7.40
C SER B 306 -43.48 -27.09 -7.93
N TYR B 307 -42.63 -27.22 -8.93
CA TYR B 307 -42.32 -28.55 -9.47
C TYR B 307 -41.72 -29.51 -8.42
N LEU B 308 -41.21 -28.95 -7.32
CA LEU B 308 -40.56 -29.76 -6.29
C LEU B 308 -41.58 -30.27 -5.29
N ALA B 309 -42.77 -29.68 -5.32
CA ALA B 309 -43.80 -29.98 -4.35
C ALA B 309 -44.49 -31.29 -4.67
N SER B 310 -45.00 -31.94 -3.63
CA SER B 310 -45.89 -33.07 -3.81
C SER B 310 -47.23 -32.55 -4.32
N LYS B 311 -47.91 -33.33 -5.15
CA LYS B 311 -49.20 -32.93 -5.70
C LYS B 311 -50.29 -33.87 -5.25
N SER B 312 -49.93 -34.82 -4.39
CA SER B 312 -50.90 -35.71 -3.77
C SER B 312 -50.64 -35.73 -2.26
N PRO B 313 -51.65 -36.12 -1.48
CA PRO B 313 -51.46 -36.14 -0.03
C PRO B 313 -50.38 -37.12 0.39
N GLY B 314 -49.57 -36.75 1.38
CA GLY B 314 -48.56 -37.64 1.90
C GLY B 314 -47.43 -36.94 2.59
N LYS B 315 -46.64 -37.70 3.35
CA LYS B 315 -45.50 -37.14 4.07
C LYS B 315 -44.47 -36.68 3.06
N GLY B 316 -44.07 -35.41 3.15
CA GLY B 316 -43.15 -34.86 2.17
C GLY B 316 -42.44 -33.61 2.59
N LEU B 317 -41.79 -32.99 1.62
CA LEU B 317 -41.05 -31.76 1.87
C LEU B 317 -41.73 -30.60 1.13
N ALA B 318 -41.71 -29.43 1.74
CA ALA B 318 -42.11 -28.21 1.06
C ALA B 318 -40.86 -27.36 0.86
N TYR B 319 -40.87 -26.49 -0.14
CA TYR B 319 -39.72 -25.66 -0.44
C TYR B 319 -40.11 -24.19 -0.50
N THR B 320 -39.14 -23.32 -0.23
CA THR B 320 -39.36 -21.88 -0.34
C THR B 320 -38.01 -21.20 -0.45
N VAL B 321 -38.00 -19.89 -0.59
CA VAL B 321 -36.74 -19.16 -0.64
C VAL B 321 -36.70 -18.10 0.46
N ILE B 322 -35.75 -18.27 1.38
CA ILE B 322 -35.62 -17.37 2.52
C ILE B 322 -34.31 -16.61 2.45
N ASN B 323 -34.40 -15.29 2.31
CA ASN B 323 -33.23 -14.43 2.15
C ASN B 323 -32.32 -14.92 1.03
N GLY B 324 -32.94 -15.40 -0.05
CA GLY B 324 -32.19 -15.85 -1.20
C GLY B 324 -31.68 -17.29 -1.09
N THR B 325 -31.88 -17.89 0.08
CA THR B 325 -31.46 -19.27 0.29
C THR B 325 -32.59 -20.24 0.02
N LEU B 326 -32.35 -21.21 -0.86
CA LEU B 326 -33.31 -22.27 -1.10
C LEU B 326 -33.46 -23.08 0.18
N SER B 327 -34.68 -23.18 0.67
CA SER B 327 -34.95 -23.81 1.95
C SER B 327 -36.04 -24.84 1.82
N PHE B 328 -36.01 -25.83 2.71
CA PHE B 328 -37.04 -26.87 2.71
C PHE B 328 -37.48 -27.18 4.12
N ALA B 329 -38.66 -27.77 4.24
CA ALA B 329 -39.20 -28.13 5.54
C ALA B 329 -39.99 -29.41 5.44
N HIS B 330 -39.98 -30.20 6.51
CA HIS B 330 -40.83 -31.37 6.57
C HIS B 330 -42.26 -30.91 6.76
N THR B 331 -43.17 -31.61 6.10
CA THR B 331 -44.59 -31.36 6.28
C THR B 331 -45.39 -32.57 5.81
N ARG B 332 -46.69 -32.52 6.06
CA ARG B 332 -47.60 -33.48 5.48
C ARG B 332 -48.51 -32.75 4.53
N TYR B 333 -48.59 -33.27 3.32
CA TYR B 333 -49.52 -32.74 2.36
C TYR B 333 -50.87 -33.36 2.61
N VAL B 334 -51.90 -32.52 2.63
CA VAL B 334 -53.26 -32.95 2.85
C VAL B 334 -54.17 -32.43 1.75
N ARG B 335 -55.24 -33.16 1.45
CA ARG B 335 -56.17 -32.68 0.44
C ARG B 335 -56.84 -31.40 0.91
N MET B 336 -56.87 -30.42 0.03
CA MET B 336 -57.60 -29.20 0.27
C MET B 336 -58.31 -28.79 -0.99
N TRP B 337 -59.23 -27.85 -0.87
CA TRP B 337 -59.88 -27.31 -2.04
C TRP B 337 -59.71 -25.81 -2.06
N ILE B 338 -59.45 -25.30 -3.25
CA ILE B 338 -59.09 -23.91 -3.46
C ILE B 338 -60.10 -23.35 -4.47
N ASP B 339 -60.43 -22.06 -4.35
CA ASP B 339 -61.44 -21.48 -5.23
C ASP B 339 -60.93 -21.25 -6.64
N GLY B 340 -59.63 -20.95 -6.74
CA GLY B 340 -58.97 -20.74 -8.01
C GLY B 340 -57.50 -20.52 -7.74
N PRO B 341 -56.71 -20.27 -8.79
CA PRO B 341 -55.27 -20.12 -8.60
C PRO B 341 -54.89 -18.78 -7.96
N VAL B 342 -55.74 -17.77 -8.15
CA VAL B 342 -55.52 -16.49 -7.47
C VAL B 342 -56.62 -16.23 -6.45
N LEU B 343 -56.22 -15.94 -5.22
CA LEU B 343 -57.16 -15.81 -4.11
C LEU B 343 -57.00 -14.48 -3.40
N LYS B 344 -58.11 -13.95 -2.88
CA LYS B 344 -58.06 -12.70 -2.12
C LYS B 344 -57.47 -12.93 -0.73
N GLU B 345 -57.84 -14.03 -0.10
CA GLU B 345 -57.28 -14.41 1.19
C GLU B 345 -56.56 -15.75 1.06
N PRO B 346 -55.51 -15.97 1.85
CA PRO B 346 -54.75 -17.23 1.79
C PRO B 346 -55.50 -18.35 2.49
N LYS B 347 -56.71 -18.63 2.00
CA LYS B 347 -57.59 -19.60 2.63
C LYS B 347 -57.93 -20.74 1.69
N GLY B 348 -58.22 -21.91 2.26
CA GLY B 348 -58.63 -23.06 1.49
C GLY B 348 -59.59 -23.91 2.28
N LYS B 349 -60.27 -24.82 1.60
CA LYS B 349 -61.21 -25.71 2.28
C LYS B 349 -60.50 -26.99 2.68
N ARG B 350 -60.52 -27.30 3.98
CA ARG B 350 -59.77 -28.44 4.49
C ARG B 350 -60.58 -29.73 4.55
N GLU B 351 -61.88 -29.62 4.79
CA GLU B 351 -62.69 -30.80 5.02
C GLU B 351 -63.45 -31.26 3.77
N SER B 352 -63.93 -30.32 2.99
CA SER B 352 -64.78 -30.63 1.85
C SER B 352 -64.90 -29.43 0.92
N PRO B 353 -65.06 -29.69 -0.39
CA PRO B 353 -65.27 -28.60 -1.35
C PRO B 353 -66.54 -27.81 -1.05
N SER B 354 -67.49 -28.44 -0.35
CA SER B 354 -68.71 -27.75 0.05
C SER B 354 -68.57 -27.18 1.46
N GLY B 355 -67.36 -27.29 2.01
CA GLY B 355 -67.11 -26.86 3.38
C GLY B 355 -66.75 -25.40 3.47
N ILE B 356 -66.04 -25.04 4.54
CA ILE B 356 -65.65 -23.65 4.76
C ILE B 356 -64.15 -23.45 4.57
N SER B 357 -63.75 -22.20 4.37
CA SER B 357 -62.34 -21.87 4.18
C SER B 357 -61.67 -21.56 5.51
N SER B 358 -60.40 -21.87 5.58
CA SER B 358 -59.58 -21.53 6.75
C SER B 358 -58.21 -21.13 6.25
N ASP B 359 -57.47 -20.39 7.07
CA ASP B 359 -56.10 -20.00 6.71
C ASP B 359 -55.28 -21.25 6.44
N ILE B 360 -54.52 -21.24 5.34
CA ILE B 360 -53.72 -22.40 4.99
C ILE B 360 -52.23 -22.07 4.95
N TRP B 361 -51.91 -20.79 4.80
CA TRP B 361 -50.53 -20.36 4.93
C TRP B 361 -50.36 -18.99 5.59
N THR B 362 -49.37 -18.90 6.46
CA THR B 362 -49.19 -17.75 7.34
C THR B 362 -47.82 -17.10 7.24
N GLN B 363 -46.76 -17.89 7.30
CA GLN B 363 -45.41 -17.32 7.26
C GLN B 363 -44.94 -16.99 5.86
N TRP B 364 -44.89 -15.70 5.58
CA TRP B 364 -44.45 -15.22 4.28
C TRP B 364 -43.03 -14.71 4.38
N PHE B 365 -42.20 -15.05 3.40
CA PHE B 365 -40.83 -14.56 3.38
C PHE B 365 -40.71 -13.50 2.30
N LYS B 366 -39.87 -12.49 2.53
CA LYS B 366 -39.71 -11.44 1.53
C LYS B 366 -39.14 -12.05 0.26
N TYR B 367 -39.86 -11.85 -0.84
CA TYR B 367 -39.43 -12.36 -2.14
C TYR B 367 -39.46 -11.21 -3.14
N GLY B 368 -38.42 -10.37 -3.08
CA GLY B 368 -38.38 -9.16 -3.88
C GLY B 368 -39.43 -8.19 -3.37
N ASP B 369 -40.19 -7.61 -4.29
CA ASP B 369 -41.27 -6.72 -3.91
C ASP B 369 -42.48 -7.52 -3.42
N MET B 370 -42.43 -8.84 -3.58
CA MET B 370 -43.51 -9.71 -3.16
C MET B 370 -43.12 -10.48 -1.91
N GLU B 371 -43.98 -11.42 -1.54
CA GLU B 371 -43.70 -12.36 -0.48
C GLU B 371 -44.04 -13.76 -0.96
N ILE B 372 -43.16 -14.71 -0.65
CA ILE B 372 -43.31 -16.07 -1.11
C ILE B 372 -43.58 -16.98 0.07
N GLY B 373 -44.31 -18.05 -0.19
CA GLY B 373 -44.59 -19.06 0.80
C GLY B 373 -44.04 -20.39 0.33
N PRO B 374 -44.77 -21.48 0.61
CA PRO B 374 -44.29 -22.82 0.25
C PRO B 374 -44.57 -23.17 -1.20
N ASN B 375 -43.59 -23.78 -1.85
CA ASN B 375 -43.77 -24.35 -3.18
C ASN B 375 -44.26 -23.37 -4.24
N GLY B 376 -43.83 -22.12 -4.11
CA GLY B 376 -44.11 -21.13 -5.13
C GLY B 376 -45.32 -20.26 -4.87
N LEU B 377 -46.03 -20.51 -3.78
CA LEU B 377 -47.19 -19.70 -3.42
C LEU B 377 -46.77 -18.26 -3.17
N LEU B 378 -47.32 -17.34 -3.95
CA LEU B 378 -46.95 -15.94 -3.85
C LEU B 378 -47.99 -15.10 -3.14
N LYS B 379 -47.53 -14.21 -2.27
CA LYS B 379 -48.40 -13.19 -1.69
C LYS B 379 -48.06 -11.88 -2.38
N THR B 380 -48.99 -11.39 -3.19
CA THR B 380 -48.74 -10.20 -3.99
C THR B 380 -49.89 -9.22 -3.83
N ALA B 381 -49.67 -7.97 -4.24
CA ALA B 381 -50.68 -6.94 -4.16
C ALA B 381 -51.97 -7.33 -4.88
N GLY B 382 -51.82 -8.14 -5.93
CA GLY B 382 -52.96 -8.57 -6.74
C GLY B 382 -53.61 -9.85 -6.24
N GLY B 383 -53.20 -10.29 -5.06
CA GLY B 383 -53.78 -11.49 -4.46
C GLY B 383 -52.77 -12.59 -4.18
N TYR B 384 -53.25 -13.70 -3.65
CA TYR B 384 -52.40 -14.86 -3.39
C TYR B 384 -52.45 -15.77 -4.61
N LYS B 385 -51.28 -15.98 -5.22
CA LYS B 385 -51.19 -16.69 -6.49
C LYS B 385 -50.49 -18.04 -6.33
N PHE B 386 -51.20 -19.10 -6.70
CA PHE B 386 -50.63 -20.45 -6.72
C PHE B 386 -50.05 -20.70 -8.09
N PRO B 387 -48.87 -21.34 -8.15
CA PRO B 387 -48.39 -21.85 -9.43
C PRO B 387 -49.35 -22.90 -9.94
N TRP B 388 -49.78 -22.77 -11.20
CA TRP B 388 -50.83 -23.62 -11.74
C TRP B 388 -50.48 -25.12 -11.75
N HIS B 389 -49.19 -25.44 -11.66
CA HIS B 389 -48.77 -26.83 -11.60
C HIS B 389 -49.40 -27.57 -10.44
N LEU B 390 -49.53 -26.89 -9.30
CA LEU B 390 -50.02 -27.49 -8.07
C LEU B 390 -51.46 -28.00 -8.15
N ILE B 391 -52.20 -27.54 -9.14
CA ILE B 391 -53.58 -27.97 -9.34
C ILE B 391 -53.63 -29.20 -10.23
N GLY B 392 -52.96 -29.11 -11.37
CA GLY B 392 -52.70 -30.26 -12.23
C GLY B 392 -53.83 -30.68 -13.14
N MET B 393 -54.48 -31.78 -12.77
CA MET B 393 -55.57 -32.34 -13.56
C MET B 393 -56.88 -31.62 -13.27
N GLU B 399 -65.11 -31.76 -8.81
CA GLU B 399 -66.52 -31.49 -9.03
C GLU B 399 -67.26 -32.73 -9.54
N LEU B 400 -68.40 -33.02 -8.93
CA LEU B 400 -69.18 -34.20 -9.30
C LEU B 400 -70.22 -33.88 -10.37
N HIS B 401 -70.55 -32.61 -10.53
CA HIS B 401 -71.49 -32.16 -11.55
C HIS B 401 -70.96 -32.46 -12.95
N GLU B 402 -69.64 -32.34 -13.10
CA GLU B 402 -68.97 -32.53 -14.38
C GLU B 402 -68.98 -33.97 -14.84
N LEU B 403 -69.17 -34.89 -13.90
CA LEU B 403 -69.13 -36.32 -14.18
C LEU B 403 -70.47 -36.97 -13.88
N SER B 404 -71.41 -36.88 -14.83
CA SER B 404 -72.74 -37.43 -14.62
C SER B 404 -73.49 -37.69 -15.92
N GLU B 405 -74.30 -38.75 -15.92
CA GLU B 405 -75.20 -39.09 -17.02
C GLU B 405 -74.45 -39.25 -18.35
N TYR C 1 43.45 32.43 29.02
CA TYR C 1 43.48 31.48 27.91
C TYR C 1 44.87 31.38 27.32
N LEU C 2 45.68 32.42 27.59
CA LEU C 2 47.07 32.45 27.18
C LEU C 2 47.95 31.96 28.32
N SER C 3 48.77 30.94 28.04
CA SER C 3 49.66 30.40 29.05
C SER C 3 51.12 30.54 28.63
N ILE C 4 52.01 30.57 29.60
CA ILE C 4 53.44 30.57 29.34
C ILE C 4 54.09 29.70 30.39
N ALA C 5 55.30 29.25 30.11
CA ALA C 5 56.13 28.63 31.12
C ALA C 5 57.11 29.69 31.56
N PHE C 6 57.17 29.94 32.87
CA PHE C 6 57.90 31.08 33.38
C PHE C 6 58.56 30.71 34.71
N PRO C 7 59.73 31.30 35.01
CA PRO C 7 60.36 31.02 36.30
C PRO C 7 59.41 31.36 37.46
N GLU C 8 59.32 30.48 38.44
CA GLU C 8 58.35 30.65 39.52
C GLU C 8 58.62 31.88 40.39
N ASN C 9 59.87 32.04 40.81
CA ASN C 9 60.23 33.18 41.66
C ASN C 9 60.31 34.48 40.87
N THR C 10 60.02 35.58 41.54
CA THR C 10 60.02 36.90 40.92
C THR C 10 61.44 37.45 40.84
N LYS C 11 62.35 36.80 41.54
CA LYS C 11 63.76 37.15 41.54
C LYS C 11 64.59 35.87 41.44
N LEU C 12 65.70 35.95 40.70
CA LEU C 12 66.60 34.81 40.57
C LEU C 12 68.03 35.24 40.83
N ASP C 13 68.86 34.29 41.27
CA ASP C 13 70.28 34.56 41.45
C ASP C 13 71.01 34.40 40.11
N TRP C 14 71.38 35.54 39.52
CA TRP C 14 72.02 35.54 38.20
C TRP C 14 73.54 35.44 38.29
N LYS C 15 74.11 34.72 37.32
CA LYS C 15 75.56 34.60 37.18
C LYS C 15 75.90 34.72 35.71
N PRO C 16 77.07 35.28 35.39
CA PRO C 16 77.48 35.45 34.00
C PRO C 16 77.71 34.13 33.28
N VAL C 17 77.19 34.00 32.06
CA VAL C 17 77.43 32.82 31.25
C VAL C 17 78.88 32.79 30.81
N THR C 18 79.55 31.66 31.06
CA THR C 18 80.95 31.52 30.69
C THR C 18 81.21 30.31 29.79
N LYS C 19 80.79 29.13 30.24
CA LYS C 19 81.08 27.88 29.54
C LYS C 19 80.31 27.74 28.23
N ASN C 20 79.27 28.57 28.06
CA ASN C 20 78.53 28.65 26.80
C ASN C 20 77.84 27.35 26.36
N THR C 21 77.61 26.44 27.30
CA THR C 21 76.95 25.18 26.99
C THR C 21 75.49 25.39 26.64
N ARG C 22 75.03 24.68 25.63
CA ARG C 22 73.69 24.87 25.08
C ARG C 22 72.73 23.81 25.60
N TYR C 23 71.61 24.26 26.15
CA TYR C 23 70.55 23.35 26.56
C TYR C 23 69.34 23.55 25.67
N CYS C 24 69.44 23.04 24.43
CA CYS C 24 68.39 23.23 23.43
C CYS C 24 67.60 21.97 23.13
N PRO C 25 66.27 22.04 23.25
CA PRO C 25 65.57 23.24 23.73
C PRO C 25 65.49 23.18 25.25
N MET C 26 65.23 24.31 25.90
CA MET C 26 65.21 24.33 27.36
C MET C 26 64.03 23.51 27.90
N GLY C 27 64.32 22.65 28.86
CA GLY C 27 63.31 21.80 29.46
C GLY C 27 63.83 21.18 30.72
N GLY C 28 62.96 20.50 31.46
CA GLY C 28 63.35 19.80 32.68
C GLY C 28 64.11 18.54 32.37
N GLU C 29 64.08 18.12 31.10
CA GLU C 29 64.73 16.88 30.66
C GLU C 29 66.25 16.94 30.87
N TRP C 30 66.82 18.13 30.72
CA TRP C 30 68.26 18.29 30.87
C TRP C 30 68.72 18.15 32.31
N PHE C 31 67.81 18.42 33.25
CA PHE C 31 68.20 18.51 34.64
C PHE C 31 67.52 17.47 35.52
N LEU C 32 68.34 16.73 36.25
CA LEU C 32 67.88 15.65 37.12
C LEU C 32 67.20 16.21 38.36
N GLU C 33 65.89 15.99 38.48
CA GLU C 33 65.16 16.39 39.68
C GLU C 33 65.13 15.23 40.67
N PRO C 34 65.92 15.37 41.76
CA PRO C 34 66.23 14.29 42.72
C PRO C 34 65.00 13.60 43.30
N GLY C 35 64.10 14.38 43.90
CA GLY C 35 62.97 13.82 44.61
C GLY C 35 61.88 13.29 43.70
N LEU C 36 62.09 13.39 42.39
CA LEU C 36 61.06 12.97 41.44
C LEU C 36 61.22 11.53 40.97
N GLN C 37 60.11 10.81 40.99
CA GLN C 37 60.04 9.42 40.56
C GLN C 37 58.98 9.36 39.47
N GLU C 38 59.23 8.53 38.45
CA GLU C 38 58.25 8.37 37.38
C GLU C 38 57.76 6.93 37.29
N GLU C 39 56.49 6.78 36.94
CA GLU C 39 55.88 5.46 36.70
C GLU C 39 54.87 5.59 35.59
N SER C 40 54.85 4.61 34.69
CA SER C 40 53.96 4.66 33.55
C SER C 40 52.94 3.55 33.59
N PHE C 41 51.78 3.79 32.97
CA PHE C 41 50.77 2.76 32.83
C PHE C 41 50.14 2.81 31.44
N LEU C 42 49.74 1.64 30.94
CA LEU C 42 49.11 1.56 29.62
C LEU C 42 47.75 2.22 29.68
N SER C 43 47.45 3.05 28.71
CA SER C 43 46.20 3.78 28.73
C SER C 43 45.59 3.90 27.34
N SER C 44 44.51 4.66 27.27
CA SER C 44 43.72 4.79 26.06
C SER C 44 43.18 6.20 26.06
N THR C 45 43.12 6.83 24.91
CA THR C 45 42.61 8.19 24.84
C THR C 45 41.77 8.37 23.59
N PRO C 46 40.64 9.07 23.71
CA PRO C 46 39.75 9.32 22.58
C PRO C 46 40.36 10.28 21.57
N ILE C 47 40.36 9.89 20.30
CA ILE C 47 41.01 10.67 19.25
C ILE C 47 40.05 11.23 18.23
N GLY C 48 38.76 11.10 18.49
CA GLY C 48 37.77 11.70 17.63
C GLY C 48 36.48 10.93 17.57
N ALA C 49 35.41 11.64 17.23
CA ALA C 49 34.11 11.01 17.05
C ALA C 49 34.03 10.41 15.65
N THR C 50 33.79 9.09 15.58
CA THR C 50 33.58 8.40 14.30
C THR C 50 32.14 7.86 14.19
N PRO C 51 31.29 8.56 13.44
CA PRO C 51 29.84 8.37 13.40
C PRO C 51 29.43 6.97 12.97
N SER C 52 30.27 6.30 12.18
CA SER C 52 29.98 4.95 11.72
C SER C 52 29.81 3.96 12.87
N LYS C 53 30.34 4.31 14.03
CA LYS C 53 30.19 3.46 15.21
C LYS C 53 28.75 3.42 15.73
N SER C 54 27.87 4.20 15.12
CA SER C 54 26.46 4.19 15.48
C SER C 54 25.56 4.08 14.25
N ASP C 55 26.11 3.52 13.18
CA ASP C 55 25.33 3.19 12.01
C ASP C 55 24.37 2.07 12.39
N GLY C 56 23.16 2.12 11.86
CA GLY C 56 22.18 1.12 12.20
C GLY C 56 21.25 0.74 11.07
N PHE C 57 20.29 -0.12 11.41
CA PHE C 57 19.30 -0.60 10.46
C PHE C 57 17.96 -0.66 11.16
N LEU C 58 16.93 -0.16 10.50
CA LEU C 58 15.57 -0.35 10.95
C LEU C 58 15.04 -1.64 10.33
N CYS C 59 14.76 -2.61 11.19
CA CYS C 59 14.24 -3.89 10.75
C CYS C 59 12.72 -3.84 10.82
N HIS C 60 12.07 -3.81 9.65
CA HIS C 60 10.62 -3.74 9.57
C HIS C 60 10.03 -5.08 9.15
N ALA C 61 9.03 -5.55 9.89
CA ALA C 61 8.39 -6.82 9.55
C ALA C 61 6.91 -6.65 9.21
N ALA C 62 6.47 -7.37 8.18
CA ALA C 62 5.07 -7.35 7.80
C ALA C 62 4.72 -8.58 6.97
N LYS C 63 3.54 -9.13 7.19
CA LYS C 63 3.05 -10.23 6.38
C LYS C 63 2.24 -9.70 5.20
N TRP C 64 2.63 -10.09 4.00
CA TRP C 64 1.87 -9.73 2.80
C TRP C 64 0.89 -10.86 2.50
N VAL C 65 -0.40 -10.53 2.56
CA VAL C 65 -1.45 -11.55 2.48
C VAL C 65 -2.29 -11.48 1.22
N THR C 66 -2.25 -12.57 0.44
CA THR C 66 -3.15 -12.74 -0.69
C THR C 66 -4.32 -13.61 -0.26
N THR C 67 -5.52 -13.03 -0.29
CA THR C 67 -6.71 -13.73 0.18
C THR C 67 -7.64 -14.11 -0.96
N CYS C 68 -8.02 -15.38 -1.01
CA CYS C 68 -8.94 -15.88 -2.02
C CYS C 68 -10.32 -16.16 -1.40
N ASP C 69 -11.33 -15.47 -1.91
CA ASP C 69 -12.69 -15.68 -1.43
C ASP C 69 -13.54 -16.45 -2.45
N PHE C 70 -13.92 -17.66 -2.07
CA PHE C 70 -14.76 -18.49 -2.93
C PHE C 70 -15.98 -18.97 -2.13
N ARG C 71 -17.11 -18.31 -2.34
CA ARG C 71 -18.33 -18.62 -1.59
C ARG C 71 -19.24 -19.57 -2.36
N TRP C 72 -20.54 -19.26 -2.36
CA TRP C 72 -21.54 -20.07 -3.06
C TRP C 72 -21.23 -20.18 -4.55
N TYR C 73 -20.98 -19.03 -5.17
CA TYR C 73 -20.63 -18.98 -6.58
C TYR C 73 -19.92 -17.68 -6.91
N GLY C 74 -20.20 -17.14 -8.09
CA GLY C 74 -19.64 -15.86 -8.51
C GLY C 74 -18.18 -15.95 -8.89
N PRO C 75 -17.60 -14.82 -9.29
CA PRO C 75 -16.20 -14.75 -9.71
C PRO C 75 -15.24 -15.09 -8.58
N LYS C 76 -13.95 -15.18 -8.91
CA LYS C 76 -12.92 -15.39 -7.89
C LYS C 76 -12.49 -14.06 -7.31
N TYR C 77 -12.94 -13.77 -6.09
CA TYR C 77 -12.62 -12.50 -5.44
C TYR C 77 -11.31 -12.59 -4.67
N ILE C 78 -10.27 -11.98 -5.23
CA ILE C 78 -8.95 -11.96 -4.61
C ILE C 78 -8.65 -10.58 -4.04
N THR C 79 -8.27 -10.53 -2.77
CA THR C 79 -7.85 -9.28 -2.14
C THR C 79 -6.40 -9.35 -1.72
N HIS C 80 -5.76 -8.19 -1.60
CA HIS C 80 -4.38 -8.11 -1.19
C HIS C 80 -4.22 -7.16 -0.01
N SER C 81 -3.68 -7.65 1.10
CA SER C 81 -3.48 -6.82 2.28
C SER C 81 -2.04 -6.92 2.78
N ILE C 82 -1.67 -6.00 3.68
CA ILE C 82 -0.37 -6.05 4.34
C ILE C 82 -0.52 -5.79 5.83
N HIS C 83 -0.03 -6.72 6.65
CA HIS C 83 -0.17 -6.61 8.10
C HIS C 83 1.18 -6.41 8.77
N ASN C 84 1.43 -5.21 9.26
CA ASN C 84 2.65 -4.93 10.01
C ASN C 84 2.72 -5.75 11.28
N ILE C 85 3.82 -6.46 11.48
CA ILE C 85 4.04 -7.21 12.70
C ILE C 85 5.44 -6.94 13.27
N LYS C 86 5.63 -7.22 14.56
CA LYS C 86 6.94 -7.05 15.16
C LYS C 86 7.82 -8.24 14.85
N PRO C 87 9.02 -7.99 14.28
CA PRO C 87 9.93 -9.06 13.89
C PRO C 87 10.58 -9.71 15.11
N THR C 88 10.90 -10.99 15.00
CA THR C 88 11.69 -11.66 16.02
C THR C 88 13.14 -11.28 15.80
N ARG C 89 13.99 -11.63 16.75
CA ARG C 89 15.41 -11.36 16.61
C ARG C 89 15.99 -12.19 15.46
N SER C 90 15.48 -13.42 15.32
CA SER C 90 15.93 -14.32 14.27
C SER C 90 15.61 -13.76 12.87
N ASP C 91 14.39 -13.28 12.71
CA ASP C 91 13.94 -12.68 11.46
C ASP C 91 14.86 -11.54 11.06
N CYS C 92 15.11 -10.64 12.01
CA CYS C 92 15.98 -9.49 11.77
C CYS C 92 17.40 -9.90 11.43
N ASP C 93 17.94 -10.90 12.14
CA ASP C 93 19.29 -11.38 11.89
C ASP C 93 19.43 -11.95 10.47
N THR C 94 18.53 -12.86 10.12
CA THR C 94 18.56 -13.49 8.80
C THR C 94 18.40 -12.44 7.70
N ALA C 95 17.43 -11.55 7.86
CA ALA C 95 17.15 -10.53 6.85
C ALA C 95 18.27 -9.52 6.73
N LEU C 96 18.96 -9.24 7.84
CA LEU C 96 20.07 -8.31 7.82
C LEU C 96 21.26 -8.93 7.14
N ALA C 97 21.49 -10.22 7.38
CA ALA C 97 22.54 -10.95 6.69
C ALA C 97 22.27 -10.94 5.19
N SER C 98 21.02 -11.22 4.83
CA SER C 98 20.60 -11.18 3.43
C SER C 98 20.81 -9.79 2.83
N TYR C 99 20.55 -8.75 3.60
CA TYR C 99 20.74 -7.39 3.14
C TYR C 99 22.22 -7.09 2.88
N LYS C 100 23.07 -7.49 3.82
CA LYS C 100 24.51 -7.27 3.71
C LYS C 100 25.10 -8.00 2.51
N SER C 101 24.66 -9.24 2.31
CA SER C 101 25.16 -10.04 1.18
C SER C 101 24.45 -9.68 -0.13
N GLY C 102 23.35 -8.93 -0.02
CA GLY C 102 22.59 -8.53 -1.19
C GLY C 102 21.60 -9.60 -1.65
N THR C 103 21.14 -10.42 -0.70
CA THR C 103 20.22 -11.51 -1.00
C THR C 103 18.76 -11.09 -0.77
N LEU C 104 18.56 -10.17 0.17
CA LEU C 104 17.22 -9.74 0.57
C LEU C 104 16.45 -9.11 -0.60
N VAL C 105 15.34 -9.73 -0.99
CA VAL C 105 14.52 -9.21 -2.08
C VAL C 105 13.04 -9.12 -1.72
N SER C 106 12.45 -7.94 -1.97
CA SER C 106 11.03 -7.72 -1.74
C SER C 106 10.21 -8.39 -2.84
N LEU C 107 10.00 -9.70 -2.71
CA LEU C 107 9.35 -10.51 -3.74
C LEU C 107 7.91 -10.09 -4.03
N GLY C 108 7.25 -9.50 -3.03
CA GLY C 108 5.88 -9.04 -3.22
C GLY C 108 4.84 -9.98 -2.66
N PHE C 109 3.65 -9.94 -3.25
CA PHE C 109 2.52 -10.72 -2.76
C PHE C 109 2.60 -12.20 -3.15
N PRO C 110 2.03 -13.06 -2.30
CA PRO C 110 1.98 -14.52 -2.54
C PRO C 110 1.00 -14.88 -3.66
N PRO C 111 1.28 -15.98 -4.37
CA PRO C 111 0.36 -16.47 -5.41
C PRO C 111 -0.99 -16.84 -4.81
N GLU C 112 -2.05 -16.72 -5.60
CA GLU C 112 -3.40 -17.00 -5.13
C GLU C 112 -3.56 -18.46 -4.71
N SER C 113 -4.09 -18.66 -3.52
CA SER C 113 -4.38 -20.00 -3.02
C SER C 113 -5.88 -20.16 -2.81
N CYS C 114 -6.56 -20.65 -3.85
CA CYS C 114 -8.02 -20.69 -3.85
C CYS C 114 -8.60 -22.06 -3.51
N GLY C 115 -9.79 -22.04 -2.91
CA GLY C 115 -10.54 -23.25 -2.61
C GLY C 115 -11.98 -23.06 -3.02
N TYR C 116 -12.90 -23.61 -2.23
CA TYR C 116 -14.32 -23.46 -2.49
C TYR C 116 -15.09 -23.51 -1.17
N ALA C 117 -16.12 -22.67 -1.06
CA ALA C 117 -16.94 -22.58 0.16
C ALA C 117 -16.11 -22.27 1.40
N SER C 118 -14.94 -21.65 1.19
CA SER C 118 -14.04 -21.31 2.28
C SER C 118 -13.07 -20.21 1.84
N VAL C 119 -13.02 -19.13 2.59
CA VAL C 119 -12.10 -18.04 2.31
C VAL C 119 -10.77 -18.23 3.03
N THR C 120 -9.80 -18.80 2.33
CA THR C 120 -8.47 -19.03 2.89
C THR C 120 -7.44 -18.15 2.22
N ASP C 121 -6.41 -17.78 2.96
CA ASP C 121 -5.38 -16.88 2.43
C ASP C 121 -3.97 -17.43 2.57
N SER C 122 -3.08 -16.97 1.71
CA SER C 122 -1.66 -17.33 1.78
C SER C 122 -0.85 -16.08 2.08
N GLU C 123 0.24 -16.22 2.81
CA GLU C 123 1.01 -15.06 3.25
C GLU C 123 2.51 -15.22 3.13
N PHE C 124 3.18 -14.12 2.82
CA PHE C 124 4.64 -14.05 2.86
C PHE C 124 5.04 -13.28 4.10
N LEU C 125 6.13 -13.66 4.74
CA LEU C 125 6.66 -12.81 5.80
C LEU C 125 7.82 -11.99 5.26
N VAL C 126 7.55 -10.71 5.03
CA VAL C 126 8.50 -9.79 4.42
C VAL C 126 9.17 -8.89 5.44
N ILE C 127 10.51 -8.92 5.44
CA ILE C 127 11.30 -8.01 6.25
C ILE C 127 12.00 -7.01 5.34
N MET C 128 11.86 -5.73 5.67
CA MET C 128 12.56 -4.67 4.94
C MET C 128 13.56 -3.96 5.85
N ILE C 129 14.78 -3.79 5.35
CA ILE C 129 15.86 -3.21 6.14
C ILE C 129 16.17 -1.79 5.68
N THR C 130 15.79 -0.80 6.48
CA THR C 130 16.06 0.60 6.15
C THR C 130 17.17 1.18 7.01
N PRO C 131 18.38 1.31 6.45
CA PRO C 131 19.55 1.85 7.18
C PRO C 131 19.25 3.17 7.86
N HIS C 132 19.37 3.19 9.18
CA HIS C 132 19.09 4.39 9.99
C HIS C 132 20.20 4.64 11.01
N HIS C 133 20.83 5.81 10.92
CA HIS C 133 21.90 6.18 11.83
C HIS C 133 21.38 6.86 13.09
N VAL C 134 21.89 6.46 14.24
CA VAL C 134 21.45 7.04 15.52
C VAL C 134 22.62 7.63 16.29
N GLY C 135 22.31 8.38 17.34
CA GLY C 135 23.34 9.01 18.14
C GLY C 135 23.80 8.13 19.29
N VAL C 136 24.81 8.59 20.01
CA VAL C 136 25.35 7.84 21.15
C VAL C 136 25.55 8.73 22.36
N ASP C 137 25.11 8.28 23.53
CA ASP C 137 25.52 8.92 24.77
C ASP C 137 26.80 8.24 25.25
N ASP C 138 27.95 8.86 24.94
CA ASP C 138 29.23 8.30 25.33
C ASP C 138 29.39 8.22 26.84
N TYR C 139 28.64 9.05 27.56
CA TYR C 139 28.83 9.13 29.00
C TYR C 139 28.02 8.09 29.75
N ARG C 140 26.82 7.79 29.25
CA ARG C 140 25.95 6.82 29.89
C ARG C 140 26.02 5.47 29.17
N GLY C 141 26.69 5.46 28.02
CA GLY C 141 26.96 4.22 27.31
C GLY C 141 25.77 3.56 26.63
N HIS C 142 24.87 4.38 26.09
CA HIS C 142 23.74 3.83 25.35
C HIS C 142 23.40 4.60 24.08
N TRP C 143 22.67 3.96 23.18
CA TRP C 143 22.23 4.60 21.95
C TRP C 143 21.20 5.66 22.29
N VAL C 144 21.07 6.64 21.40
CA VAL C 144 20.08 7.70 21.60
C VAL C 144 19.51 8.19 20.27
N ASP C 145 18.19 8.10 20.15
CA ASP C 145 17.47 8.48 18.95
C ASP C 145 16.00 8.62 19.34
N PRO C 146 15.29 9.59 18.74
CA PRO C 146 13.87 9.79 19.03
C PRO C 146 12.99 8.57 18.71
N LEU C 147 13.42 7.72 17.80
CA LEU C 147 12.64 6.54 17.42
C LEU C 147 12.60 5.49 18.52
N PHE C 148 13.57 5.53 19.42
CA PHE C 148 13.67 4.53 20.49
C PHE C 148 12.59 4.73 21.54
N VAL C 149 12.24 3.65 22.23
CA VAL C 149 11.35 3.72 23.37
C VAL C 149 12.09 4.37 24.54
N GLY C 150 11.67 5.58 24.90
CA GLY C 150 12.34 6.34 25.94
C GLY C 150 13.39 7.25 25.37
N GLY C 151 13.51 7.26 24.05
CA GLY C 151 14.48 8.09 23.35
C GLY C 151 15.89 7.55 23.42
N GLU C 152 16.02 6.33 23.93
CA GLU C 152 17.33 5.71 24.14
C GLU C 152 17.22 4.20 24.26
N CYS C 153 18.36 3.52 24.15
CA CYS C 153 18.43 2.07 24.28
C CYS C 153 19.88 1.62 24.43
N ASP C 154 20.09 0.47 25.07
CA ASP C 154 21.45 -0.04 25.28
C ASP C 154 21.61 -1.51 24.91
N GLN C 155 20.78 -1.99 23.98
CA GLN C 155 20.85 -3.39 23.53
C GLN C 155 21.35 -3.52 22.10
N SER C 156 21.41 -4.75 21.61
CA SER C 156 21.81 -4.99 20.22
C SER C 156 20.57 -5.20 19.36
N TYR C 157 19.41 -5.15 20.00
CA TYR C 157 18.12 -5.26 19.32
C TYR C 157 17.15 -4.30 19.99
N CYS C 158 17.24 -3.02 19.65
CA CYS C 158 16.48 -1.98 20.32
C CYS C 158 15.05 -1.83 19.79
N ASP C 159 14.10 -1.64 20.69
CA ASP C 159 12.71 -1.46 20.31
C ASP C 159 12.41 -0.01 19.96
N THR C 160 11.69 0.19 18.87
CA THR C 160 11.30 1.53 18.44
C THR C 160 9.88 1.84 18.88
N ILE C 161 9.39 3.02 18.53
CA ILE C 161 8.03 3.40 18.87
C ILE C 161 7.01 2.74 17.95
N HIS C 162 7.34 2.64 16.66
CA HIS C 162 6.48 1.96 15.71
C HIS C 162 6.49 0.47 15.98
N ASN C 163 5.30 -0.11 16.07
CA ASN C 163 5.16 -1.54 16.37
C ASN C 163 5.87 -2.42 15.35
N SER C 164 5.92 -1.96 14.11
CA SER C 164 6.45 -2.76 13.01
C SER C 164 7.97 -2.90 13.01
N SER C 165 8.67 -1.84 13.41
CA SER C 165 10.13 -1.80 13.26
C SER C 165 10.92 -1.83 14.57
N VAL C 166 12.12 -2.41 14.50
CA VAL C 166 13.09 -2.29 15.59
C VAL C 166 14.40 -1.75 15.02
N TRP C 167 15.41 -1.61 15.87
CA TRP C 167 16.70 -1.09 15.43
C TRP C 167 17.87 -2.00 15.79
N ILE C 168 18.69 -2.31 14.81
CA ILE C 168 19.88 -3.13 15.02
C ILE C 168 21.13 -2.31 14.68
N PRO C 169 22.10 -2.27 15.60
CA PRO C 169 23.36 -1.60 15.28
C PRO C 169 24.11 -2.40 14.22
N ALA C 170 24.72 -1.72 13.26
CA ALA C 170 25.44 -2.38 12.18
C ALA C 170 26.64 -3.18 12.68
N ASP C 171 27.05 -2.89 13.91
CA ASP C 171 28.08 -3.67 14.57
C ASP C 171 27.52 -4.23 15.87
N GLN C 172 27.28 -5.53 15.91
CA GLN C 172 26.69 -6.17 17.08
C GLN C 172 27.74 -6.78 18.02
N THR C 173 28.97 -6.28 17.93
CA THR C 173 30.03 -6.72 18.83
C THR C 173 29.70 -6.36 20.27
N LYS C 174 29.38 -7.38 21.06
CA LYS C 174 28.94 -7.19 22.43
C LYS C 174 29.98 -6.49 23.30
N LYS C 175 30.18 -5.20 23.06
CA LYS C 175 31.08 -4.38 23.87
C LYS C 175 30.38 -3.08 24.24
N ASN C 176 31.16 -2.09 24.67
CA ASN C 176 30.61 -0.81 25.08
C ASN C 176 30.03 0.00 23.91
N ILE C 177 28.88 0.60 24.13
CA ILE C 177 28.32 1.53 23.16
C ILE C 177 29.09 2.85 23.21
N CYS C 178 29.76 3.19 22.13
CA CYS C 178 30.62 4.36 22.09
C CYS C 178 30.65 4.97 20.68
N GLY C 179 30.56 6.30 20.61
CA GLY C 179 30.66 7.02 19.34
C GLY C 179 32.01 7.67 19.15
N GLN C 180 33.01 7.09 19.80
CA GLN C 180 34.34 7.67 19.86
C GLN C 180 35.41 6.63 19.58
N SER C 181 36.41 7.00 18.80
CA SER C 181 37.55 6.13 18.57
C SER C 181 38.68 6.42 19.55
N PHE C 182 39.45 5.40 19.89
CA PHE C 182 40.52 5.56 20.86
C PHE C 182 41.88 5.18 20.31
N THR C 183 42.92 5.42 21.10
CA THR C 183 44.25 4.93 20.78
C THR C 183 45.01 4.57 22.04
N PRO C 184 45.81 3.51 21.98
CA PRO C 184 46.66 3.15 23.11
C PRO C 184 47.69 4.24 23.35
N LEU C 185 48.11 4.37 24.60
CA LEU C 185 48.88 5.51 25.02
C LEU C 185 49.60 5.16 26.31
N THR C 186 50.90 5.39 26.35
CA THR C 186 51.61 5.27 27.62
C THR C 186 51.44 6.59 28.35
N VAL C 187 50.82 6.52 29.52
CA VAL C 187 50.71 7.69 30.38
C VAL C 187 51.69 7.54 31.52
N THR C 188 52.45 8.60 31.78
CA THR C 188 53.50 8.57 32.80
C THR C 188 53.12 9.45 33.97
N VAL C 189 53.28 8.92 35.18
CA VAL C 189 53.00 9.63 36.40
C VAL C 189 54.30 10.08 37.04
N ALA C 190 54.41 11.37 37.35
CA ALA C 190 55.58 11.88 38.07
C ALA C 190 55.17 12.39 39.44
N TYR C 191 55.92 11.99 40.46
CA TYR C 191 55.57 12.33 41.83
C TYR C 191 56.79 12.39 42.73
N ASP C 192 56.64 13.07 43.87
CA ASP C 192 57.75 13.19 44.81
C ASP C 192 58.03 11.84 45.46
N LYS C 193 59.24 11.35 45.24
CA LYS C 193 59.65 10.01 45.66
C LYS C 193 59.49 9.79 47.17
N THR C 194 59.68 10.87 47.93
CA THR C 194 59.74 10.78 49.37
C THR C 194 58.36 10.90 50.03
N LYS C 195 57.56 11.86 49.57
CA LYS C 195 56.24 12.09 50.14
C LYS C 195 55.27 10.96 49.81
N GLU C 196 54.14 10.94 50.53
CA GLU C 196 53.07 9.99 50.26
C GLU C 196 52.33 10.40 48.99
N ILE C 197 52.10 9.42 48.10
CA ILE C 197 51.44 9.70 46.82
C ILE C 197 50.03 10.26 46.99
N ALA C 198 49.75 11.37 46.33
CA ALA C 198 48.43 11.99 46.37
C ALA C 198 48.15 12.79 45.10
N ALA C 199 46.87 12.97 44.78
CA ALA C 199 46.46 13.63 43.55
C ALA C 199 47.14 14.96 43.31
N GLY C 200 47.39 15.70 44.37
CA GLY C 200 47.97 17.02 44.26
C GLY C 200 49.45 16.99 43.95
N GLY C 201 50.10 15.86 44.27
CA GLY C 201 51.53 15.74 44.06
C GLY C 201 51.89 14.86 42.89
N ILE C 202 50.93 14.73 41.97
CA ILE C 202 51.11 13.93 40.76
C ILE C 202 51.05 14.84 39.55
N VAL C 203 51.92 14.60 38.58
CA VAL C 203 51.85 15.26 37.27
C VAL C 203 51.84 14.22 36.17
N PHE C 204 50.86 14.32 35.27
CA PHE C 204 50.74 13.36 34.15
C PHE C 204 51.41 13.86 32.89
N LYS C 205 52.07 12.94 32.18
CA LYS C 205 52.67 13.24 30.90
C LYS C 205 52.28 12.15 29.92
N SER C 206 52.14 12.51 28.65
CA SER C 206 51.98 11.52 27.59
C SER C 206 52.46 12.16 26.31
N LYS C 207 52.50 11.41 25.22
CA LYS C 207 52.95 11.98 23.95
C LYS C 207 51.98 13.06 23.47
N TYR C 208 50.81 13.11 24.10
CA TYR C 208 49.75 14.03 23.71
C TYR C 208 49.43 15.02 24.82
N HIS C 209 49.97 14.78 26.00
CA HIS C 209 49.63 15.59 27.16
C HIS C 209 50.86 16.14 27.87
N SER C 210 50.97 17.46 27.87
CA SER C 210 52.13 18.14 28.44
C SER C 210 51.88 18.58 29.87
N HIS C 211 52.67 18.03 30.80
CA HIS C 211 52.65 18.41 32.21
C HIS C 211 51.25 18.72 32.73
N MET C 212 50.47 17.68 32.98
CA MET C 212 49.07 17.86 33.34
C MET C 212 48.87 17.70 34.84
N GLU C 213 48.39 18.76 35.48
CA GLU C 213 48.29 18.81 36.95
C GLU C 213 47.26 17.86 37.54
N GLY C 214 47.73 16.86 38.27
CA GLY C 214 46.83 15.89 38.89
C GLY C 214 45.93 16.55 39.91
N ALA C 215 46.39 17.66 40.45
CA ALA C 215 45.64 18.42 41.44
C ALA C 215 44.36 19.01 40.84
N ARG C 216 44.37 19.21 39.53
CA ARG C 216 43.19 19.68 38.81
C ARG C 216 42.67 18.58 37.89
N THR C 217 42.98 17.34 38.24
CA THR C 217 42.54 16.17 37.49
C THR C 217 41.47 15.42 38.26
N CYS C 218 40.37 15.08 37.57
CA CYS C 218 39.26 14.42 38.25
C CYS C 218 38.87 13.09 37.60
N ARG C 219 38.26 12.21 38.36
CA ARG C 219 37.90 10.87 37.89
C ARG C 219 36.60 10.92 37.08
N LEU C 220 36.56 10.20 35.96
CA LEU C 220 35.35 10.19 35.12
C LEU C 220 35.27 8.91 34.28
N SER C 221 34.06 8.38 34.17
CA SER C 221 33.81 7.16 33.41
C SER C 221 33.38 7.54 32.01
N TYR C 222 34.15 7.12 31.02
CA TYR C 222 33.89 7.51 29.65
C TYR C 222 33.87 6.29 28.74
N CYS C 223 32.80 6.19 27.96
CA CYS C 223 32.63 5.09 27.02
C CYS C 223 32.75 3.74 27.69
N GLY C 224 32.17 3.62 28.88
CA GLY C 224 32.11 2.36 29.57
C GLY C 224 33.40 1.95 30.28
N ARG C 225 34.31 2.89 30.47
CA ARG C 225 35.50 2.58 31.26
C ARG C 225 36.02 3.74 32.11
N ASN C 226 36.62 3.38 33.24
CA ASN C 226 37.14 4.37 34.18
C ASN C 226 38.34 5.10 33.62
N GLY C 227 38.41 6.39 33.91
CA GLY C 227 39.57 7.16 33.54
C GLY C 227 39.64 8.46 34.29
N ILE C 228 40.53 9.32 33.83
CA ILE C 228 40.68 10.63 34.43
C ILE C 228 40.61 11.69 33.35
N LYS C 229 39.88 12.75 33.67
CA LYS C 229 39.88 13.97 32.88
C LYS C 229 40.92 14.91 33.44
N PHE C 230 41.80 15.32 32.53
CA PHE C 230 42.84 16.29 32.78
C PHE C 230 42.28 17.72 32.81
N PRO C 231 43.02 18.66 33.43
CA PRO C 231 42.59 20.05 33.53
C PRO C 231 42.25 20.68 32.20
N ASN C 232 42.81 20.14 31.11
CA ASN C 232 42.50 20.66 29.79
C ASN C 232 41.29 19.96 29.18
N GLY C 233 40.58 19.19 29.98
CA GLY C 233 39.34 18.59 29.53
C GLY C 233 39.50 17.32 28.72
N GLU C 234 40.75 16.92 28.49
CA GLU C 234 41.02 15.67 27.81
C GLU C 234 41.04 14.50 28.79
N TRP C 235 40.88 13.29 28.26
CA TRP C 235 40.61 12.12 29.11
C TRP C 235 41.52 10.95 28.73
N VAL C 236 42.09 10.30 29.73
CA VAL C 236 42.79 9.05 29.46
C VAL C 236 42.21 7.96 30.35
N SER C 237 42.28 6.72 29.90
CA SER C 237 41.71 5.61 30.65
C SER C 237 42.65 5.15 31.78
N LEU C 238 42.06 4.75 32.88
CA LEU C 238 42.82 4.29 34.04
C LEU C 238 41.97 3.33 34.86
N ASP C 239 42.40 2.07 34.97
CA ASP C 239 41.62 1.08 35.70
C ASP C 239 41.99 1.03 37.18
N VAL C 240 41.08 0.47 37.98
CA VAL C 240 41.27 0.42 39.42
C VAL C 240 42.47 -0.42 39.81
N LYS C 241 42.90 -1.29 38.90
CA LYS C 241 44.00 -2.20 39.18
C LYS C 241 45.36 -1.52 39.17
N THR C 242 45.49 -0.45 38.39
CA THR C 242 46.79 0.20 38.20
C THR C 242 47.31 0.84 39.48
N ARG C 243 48.50 0.42 39.88
CA ARG C 243 49.12 0.91 41.10
C ARG C 243 50.27 1.87 40.82
N ILE C 244 50.36 2.91 41.63
CA ILE C 244 51.48 3.86 41.60
C ILE C 244 51.96 4.00 43.03
N GLN C 245 53.27 3.89 43.22
CA GLN C 245 53.86 3.80 44.55
C GLN C 245 53.15 2.69 45.33
N GLU C 246 52.98 1.55 44.67
CA GLU C 246 52.37 0.36 45.25
C GLU C 246 50.99 0.62 45.87
N LYS C 247 50.27 1.59 45.32
CA LYS C 247 48.92 1.91 45.76
C LYS C 247 48.03 2.15 44.56
N HIS C 248 46.78 1.75 44.67
CA HIS C 248 45.76 2.03 43.66
C HIS C 248 45.78 3.51 43.23
N LEU C 249 46.02 3.76 41.95
CA LEU C 249 46.15 5.13 41.45
C LEU C 249 44.82 5.86 41.26
N LEU C 250 43.86 5.18 40.65
CA LEU C 250 42.56 5.77 40.34
C LEU C 250 41.80 6.38 41.53
N PRO C 251 41.71 5.66 42.68
CA PRO C 251 40.93 6.21 43.80
C PRO C 251 41.48 7.51 44.39
N LEU C 252 42.70 7.87 44.03
CA LEU C 252 43.31 9.11 44.51
C LEU C 252 42.62 10.35 43.96
N PHE C 253 41.72 10.18 42.99
CA PHE C 253 41.14 11.31 42.27
C PHE C 253 39.66 11.47 42.52
N LYS C 254 39.27 12.71 42.81
CA LYS C 254 37.87 13.03 43.05
C LYS C 254 37.04 12.73 41.83
N GLU C 255 35.86 12.16 42.03
CA GLU C 255 34.91 11.94 40.94
C GLU C 255 34.59 13.30 40.32
N CYS C 256 34.39 13.33 39.00
CA CYS C 256 34.12 14.58 38.32
C CYS C 256 32.71 15.08 38.55
N PRO C 257 32.55 16.40 38.69
CA PRO C 257 31.26 17.08 38.82
C PRO C 257 30.26 16.52 37.83
N ALA C 258 29.03 16.26 38.27
CA ALA C 258 28.01 15.73 37.38
C ALA C 258 27.88 16.64 36.16
N GLY C 259 27.76 16.02 34.99
CA GLY C 259 27.62 16.77 33.75
C GLY C 259 28.93 17.26 33.20
N THR C 260 30.04 16.75 33.73
CA THR C 260 31.36 17.06 33.22
C THR C 260 31.51 16.44 31.84
N GLU C 261 31.96 17.23 30.86
CA GLU C 261 32.19 16.69 29.53
C GLU C 261 33.68 16.46 29.24
N VAL C 262 33.95 15.74 28.16
CA VAL C 262 35.31 15.33 27.80
C VAL C 262 35.58 15.66 26.34
N ARG C 263 36.77 16.18 26.04
CA ARG C 263 37.13 16.49 24.65
C ARG C 263 38.10 15.49 24.05
N SER C 264 38.08 15.35 22.73
CA SER C 264 39.02 14.52 22.02
C SER C 264 40.42 15.06 22.23
N THR C 265 41.39 14.15 22.22
CA THR C 265 42.78 14.52 22.41
C THR C 265 43.26 15.27 21.19
N LEU C 266 43.44 16.57 21.35
CA LEU C 266 43.72 17.45 20.23
C LEU C 266 45.05 17.11 19.62
N GLN C 267 46.01 16.75 20.48
CA GLN C 267 47.38 16.56 20.03
C GLN C 267 47.56 15.34 19.12
N SER C 268 46.54 14.51 19.03
CA SER C 268 46.61 13.32 18.21
C SER C 268 46.15 13.61 16.79
N ASP C 269 45.59 14.79 16.58
CA ASP C 269 45.14 15.21 15.26
C ASP C 269 46.34 15.45 14.36
N GLY C 270 46.22 15.09 13.10
CA GLY C 270 47.33 15.17 12.16
C GLY C 270 47.84 16.57 11.94
N ALA C 271 46.91 17.53 11.85
CA ALA C 271 47.30 18.92 11.71
C ALA C 271 48.11 19.31 12.92
N GLN C 272 47.62 18.89 14.09
CA GLN C 272 48.31 19.13 15.34
C GLN C 272 49.69 18.47 15.39
N VAL C 273 49.82 17.23 14.92
CA VAL C 273 51.16 16.63 14.92
C VAL C 273 52.11 17.37 13.98
N LEU C 274 51.62 17.81 12.83
CA LEU C 274 52.48 18.56 11.90
C LEU C 274 52.96 19.83 12.58
N THR C 275 52.01 20.59 13.13
CA THR C 275 52.33 21.84 13.79
C THR C 275 53.33 21.62 14.92
N SER C 276 53.11 20.54 15.66
CA SER C 276 53.97 20.19 16.78
C SER C 276 55.39 19.90 16.32
N GLU C 277 55.52 19.06 15.31
CA GLU C 277 56.83 18.65 14.81
C GLU C 277 57.61 19.84 14.24
N ILE C 278 56.97 20.61 13.38
CA ILE C 278 57.58 21.83 12.85
C ILE C 278 57.99 22.78 13.98
N GLN C 279 57.12 22.95 14.97
CA GLN C 279 57.46 23.81 16.11
C GLN C 279 58.65 23.25 16.89
N ARG C 280 58.73 21.93 17.01
CA ARG C 280 59.82 21.27 17.71
C ARG C 280 61.14 21.63 17.03
N ILE C 281 61.20 21.39 15.72
CA ILE C 281 62.44 21.63 14.99
C ILE C 281 62.80 23.12 14.96
N LEU C 282 61.78 23.98 14.86
CA LEU C 282 62.02 25.42 14.88
C LEU C 282 62.49 25.93 16.24
N ASP C 283 61.96 25.38 17.32
CA ASP C 283 62.39 25.75 18.66
C ASP C 283 63.86 25.38 18.83
N TYR C 284 64.18 24.14 18.44
CA TYR C 284 65.56 23.68 18.53
C TYR C 284 66.52 24.53 17.71
N SER C 285 66.20 24.71 16.44
CA SER C 285 67.10 25.43 15.56
C SER C 285 67.20 26.94 15.87
N LEU C 286 66.14 27.51 16.45
CA LEU C 286 66.18 28.93 16.79
C LEU C 286 66.99 29.13 18.05
N CYS C 287 66.90 28.16 18.95
CA CYS C 287 67.75 28.14 20.13
C CYS C 287 69.23 28.05 19.70
N GLN C 288 69.53 27.05 18.88
CA GLN C 288 70.89 26.88 18.37
C GLN C 288 71.38 28.12 17.63
N ASN C 289 70.47 28.79 16.92
CA ASN C 289 70.82 29.97 16.15
C ASN C 289 71.19 31.13 17.07
N THR C 290 70.42 31.30 18.14
CA THR C 290 70.75 32.29 19.16
C THR C 290 72.13 32.02 19.77
N TRP C 291 72.39 30.77 20.12
CA TRP C 291 73.70 30.42 20.68
C TRP C 291 74.83 30.61 19.66
N ASP C 292 74.48 30.52 18.38
CA ASP C 292 75.43 30.85 17.32
C ASP C 292 75.72 32.34 17.32
N LYS C 293 74.69 33.15 17.57
CA LYS C 293 74.90 34.59 17.68
C LYS C 293 75.81 34.88 18.86
N VAL C 294 75.58 34.19 19.98
CA VAL C 294 76.44 34.33 21.15
C VAL C 294 77.88 33.96 20.82
N GLU C 295 78.06 32.83 20.13
CA GLU C 295 79.38 32.35 19.76
C GLU C 295 80.11 33.36 18.91
N ARG C 296 79.40 33.92 17.92
CA ARG C 296 79.99 34.90 17.02
C ARG C 296 80.13 36.28 17.68
N LYS C 297 79.88 36.34 18.98
CA LYS C 297 79.97 37.58 19.74
C LYS C 297 79.04 38.67 19.23
N GLU C 298 77.98 38.27 18.53
CA GLU C 298 76.97 39.22 18.05
C GLU C 298 76.08 39.63 19.22
N PRO C 299 75.50 40.83 19.16
CA PRO C 299 74.61 41.28 20.24
C PRO C 299 73.30 40.50 20.20
N LEU C 300 72.60 40.44 21.34
CA LEU C 300 71.36 39.68 21.43
C LEU C 300 70.14 40.56 21.62
N SER C 301 69.08 40.26 20.88
CA SER C 301 67.81 40.95 21.05
C SER C 301 66.98 40.16 22.06
N PRO C 302 65.96 40.80 22.65
CA PRO C 302 65.05 40.10 23.57
C PRO C 302 64.48 38.82 22.96
N LEU C 303 64.16 38.86 21.66
CA LEU C 303 63.60 37.71 20.97
C LEU C 303 64.61 36.55 20.94
N ASP C 304 65.86 36.89 20.65
CA ASP C 304 66.95 35.92 20.65
C ASP C 304 67.02 35.26 22.02
N LEU C 305 66.87 36.06 23.06
CA LEU C 305 66.85 35.54 24.42
C LEU C 305 65.69 34.60 24.66
N SER C 306 64.54 34.94 24.09
CA SER C 306 63.34 34.13 24.28
C SER C 306 63.46 32.79 23.59
N TYR C 307 64.31 32.71 22.57
CA TYR C 307 64.55 31.40 21.94
C TYR C 307 65.27 30.42 22.87
N LEU C 308 65.74 30.91 24.02
CA LEU C 308 66.46 30.09 24.99
C LEU C 308 65.54 29.65 26.12
N ALA C 309 64.36 30.26 26.18
CA ALA C 309 63.40 29.99 27.24
C ALA C 309 62.85 28.58 27.19
N SER C 310 62.47 28.06 28.35
CA SER C 310 61.76 26.80 28.39
C SER C 310 60.31 27.10 28.04
N LYS C 311 59.70 26.23 27.25
CA LYS C 311 58.30 26.41 26.90
C LYS C 311 57.40 25.48 27.69
N SER C 312 58.00 24.65 28.54
CA SER C 312 57.24 23.72 29.37
C SER C 312 57.75 23.81 30.80
N PRO C 313 56.90 23.45 31.77
CA PRO C 313 57.33 23.47 33.18
C PRO C 313 58.48 22.50 33.40
N GLY C 314 59.30 22.76 34.41
CA GLY C 314 60.43 21.92 34.72
C GLY C 314 61.63 22.70 35.23
N LYS C 315 62.53 22.00 35.90
CA LYS C 315 63.77 22.59 36.35
C LYS C 315 64.59 22.98 35.11
N GLY C 316 64.95 24.26 35.02
CA GLY C 316 65.75 24.72 33.90
C GLY C 316 66.56 25.97 34.19
N LEU C 317 66.95 26.65 33.12
CA LEU C 317 67.72 27.90 33.23
C LEU C 317 66.99 29.03 32.53
N ALA C 318 67.19 30.24 33.03
CA ALA C 318 66.68 31.42 32.36
C ALA C 318 67.88 32.26 31.95
N TYR C 319 67.67 33.13 30.96
CA TYR C 319 68.75 33.95 30.45
C TYR C 319 68.32 35.42 30.35
N THR C 320 69.27 36.32 30.57
CA THR C 320 69.00 37.74 30.39
C THR C 320 70.30 38.49 30.07
N VAL C 321 70.19 39.80 29.85
CA VAL C 321 71.36 40.62 29.57
C VAL C 321 71.54 41.72 30.61
N ILE C 322 72.43 41.46 31.57
CA ILE C 322 72.71 42.42 32.63
C ILE C 322 73.93 43.26 32.27
N ASN C 323 73.72 44.56 32.09
CA ASN C 323 74.79 45.48 31.71
C ASN C 323 75.59 45.02 30.50
N GLY C 324 74.89 44.55 29.48
CA GLY C 324 75.52 44.10 28.26
C GLY C 324 76.15 42.72 28.35
N THR C 325 75.92 42.04 29.47
CA THR C 325 76.50 40.72 29.69
C THR C 325 75.45 39.60 29.74
N LEU C 326 75.69 38.54 28.98
CA LEU C 326 74.81 37.38 29.00
C LEU C 326 74.89 36.67 30.34
N SER C 327 73.75 36.60 31.02
CA SER C 327 73.69 35.96 32.32
C SER C 327 72.63 34.87 32.34
N PHE C 328 72.91 33.81 33.09
CA PHE C 328 71.94 32.73 33.26
C PHE C 328 71.52 32.66 34.73
N ALA C 329 70.48 31.88 35.00
CA ALA C 329 70.07 31.62 36.36
C ALA C 329 69.31 30.30 36.45
N HIS C 330 69.64 29.50 37.46
CA HIS C 330 68.86 28.30 37.74
C HIS C 330 67.47 28.70 38.18
N THR C 331 66.48 27.91 37.78
CA THR C 331 65.10 28.19 38.18
C THR C 331 64.25 26.97 37.89
N ARG C 332 63.01 27.00 38.38
CA ARG C 332 62.02 25.99 37.99
C ARG C 332 60.89 26.69 37.26
N TYR C 333 60.77 26.41 35.97
CA TYR C 333 59.68 26.96 35.19
C TYR C 333 58.38 26.33 35.65
N VAL C 334 57.32 27.13 35.68
CA VAL C 334 56.00 26.64 35.99
C VAL C 334 55.02 27.24 35.00
N ARG C 335 53.86 26.61 34.88
CA ARG C 335 52.84 27.11 33.97
C ARG C 335 52.06 28.25 34.61
N MET C 336 51.96 29.36 33.89
CA MET C 336 51.18 30.50 34.35
C MET C 336 50.23 30.94 33.24
N TRP C 337 49.13 31.57 33.63
CA TRP C 337 48.25 32.20 32.65
C TRP C 337 48.35 33.71 32.72
N ILE C 338 48.59 34.35 31.58
CA ILE C 338 48.68 35.80 31.52
C ILE C 338 47.52 36.37 30.73
N ASP C 339 47.24 37.66 30.94
CA ASP C 339 46.07 38.30 30.35
C ASP C 339 46.22 38.64 28.87
N GLY C 340 47.45 38.71 28.39
CA GLY C 340 47.71 38.98 26.98
C GLY C 340 49.19 39.08 26.69
N PRO C 341 49.56 39.08 25.39
CA PRO C 341 50.96 39.13 24.98
C PRO C 341 51.65 40.40 25.47
N VAL C 342 50.87 41.45 25.66
CA VAL C 342 51.36 42.68 26.27
C VAL C 342 50.49 43.01 27.48
N LEU C 343 51.14 43.36 28.59
CA LEU C 343 50.44 43.52 29.87
C LEU C 343 50.67 44.89 30.50
N LYS C 344 49.73 45.31 31.36
CA LYS C 344 49.86 46.56 32.10
C LYS C 344 50.79 46.41 33.31
N GLU C 345 50.55 45.36 34.10
CA GLU C 345 51.38 45.06 35.26
C GLU C 345 52.02 43.69 35.08
N PRO C 346 53.21 43.47 35.67
CA PRO C 346 53.94 42.22 35.44
C PRO C 346 53.37 41.08 36.27
N LYS C 347 52.08 40.82 36.09
CA LYS C 347 51.39 39.82 36.89
C LYS C 347 50.90 38.66 36.02
N GLY C 348 50.52 37.57 36.68
CA GLY C 348 49.97 36.42 35.99
C GLY C 348 49.26 35.50 36.94
N LYS C 349 48.32 34.72 36.41
CA LYS C 349 47.57 33.77 37.22
C LYS C 349 48.37 32.47 37.30
N ARG C 350 48.68 32.04 38.53
CA ARG C 350 49.68 31.00 38.73
C ARG C 350 49.11 29.60 38.92
N GLU C 351 47.85 29.50 39.34
CA GLU C 351 47.23 28.19 39.60
C GLU C 351 46.25 27.72 38.50
N SER C 352 45.47 28.65 37.95
CA SER C 352 44.52 28.32 36.90
C SER C 352 44.21 29.58 36.09
N PRO C 353 43.63 29.42 34.88
CA PRO C 353 43.29 30.58 34.06
C PRO C 353 42.26 31.49 34.71
N SER C 354 41.58 30.98 35.73
CA SER C 354 40.60 31.77 36.48
C SER C 354 41.08 31.98 37.90
N GLY C 355 42.39 31.85 38.09
CA GLY C 355 42.99 32.00 39.41
C GLY C 355 43.29 33.44 39.74
N ILE C 356 44.01 33.65 40.84
CA ILE C 356 44.35 35.01 41.27
C ILE C 356 45.67 35.48 40.66
N SER C 357 45.69 36.73 40.22
CA SER C 357 46.88 37.30 39.59
C SER C 357 47.90 37.71 40.63
N SER C 358 49.14 37.28 40.43
CA SER C 358 50.21 37.58 41.36
C SER C 358 51.42 38.13 40.60
N ASP C 359 52.32 38.80 41.33
CA ASP C 359 53.57 39.26 40.75
C ASP C 359 54.39 38.06 40.32
N ILE C 360 54.80 38.04 39.05
CA ILE C 360 55.52 36.89 38.51
C ILE C 360 57.00 37.18 38.30
N TRP C 361 57.33 38.46 38.07
CA TRP C 361 58.72 38.89 37.97
C TRP C 361 58.85 40.37 38.34
N THR C 362 59.86 40.70 39.15
CA THR C 362 60.04 42.05 39.63
C THR C 362 61.50 42.50 39.65
N GLN C 363 62.40 41.64 39.18
CA GLN C 363 63.83 41.93 39.18
C GLN C 363 64.28 42.41 37.80
N TRP C 364 64.05 43.68 37.51
CA TRP C 364 64.29 44.22 36.18
C TRP C 364 65.71 44.78 36.00
N PHE C 365 66.32 44.50 34.85
CA PHE C 365 67.68 44.96 34.59
C PHE C 365 67.72 46.07 33.54
N LYS C 366 68.66 46.99 33.70
CA LYS C 366 68.84 48.09 32.77
C LYS C 366 69.25 47.54 31.40
N TYR C 367 68.36 47.68 30.42
CA TYR C 367 68.62 47.19 29.08
C TYR C 367 68.38 48.31 28.07
N GLY C 368 69.37 49.19 27.94
CA GLY C 368 69.24 50.36 27.08
C GLY C 368 68.30 51.37 27.70
N ASP C 369 67.29 51.77 26.94
CA ASP C 369 66.31 52.74 27.41
C ASP C 369 65.26 52.09 28.30
N MET C 370 65.12 50.77 28.19
CA MET C 370 64.08 50.04 28.89
C MET C 370 64.65 48.96 29.81
N GLU C 371 63.78 48.36 30.62
CA GLU C 371 64.19 47.27 31.50
C GLU C 371 63.87 45.91 30.89
N ILE C 372 64.73 44.94 31.12
CA ILE C 372 64.55 43.60 30.60
C ILE C 372 64.58 42.58 31.72
N GLY C 373 63.89 41.46 31.51
CA GLY C 373 63.82 40.39 32.49
C GLY C 373 64.32 39.07 31.94
N PRO C 374 63.79 37.95 32.46
CA PRO C 374 64.23 36.62 32.02
C PRO C 374 63.73 36.30 30.62
N ASN C 375 64.61 35.75 29.79
CA ASN C 375 64.25 35.30 28.45
C ASN C 375 63.60 36.38 27.58
N GLY C 376 64.15 37.59 27.65
CA GLY C 376 63.71 38.69 26.81
C GLY C 376 62.33 39.22 27.15
N LEU C 377 61.98 39.19 28.43
CA LEU C 377 60.76 39.81 28.90
C LEU C 377 60.99 41.31 28.93
N LEU C 378 60.16 42.08 28.21
CA LEU C 378 60.40 43.51 28.13
C LEU C 378 59.54 44.37 29.04
N LYS C 379 60.17 45.31 29.74
CA LYS C 379 59.45 46.33 30.50
C LYS C 379 59.52 47.63 29.72
N THR C 380 58.42 47.99 29.07
CA THR C 380 58.40 49.17 28.22
C THR C 380 57.29 50.14 28.59
N ALA C 381 57.27 51.30 27.94
CA ALA C 381 56.25 52.31 28.18
C ALA C 381 54.88 51.80 27.74
N GLY C 382 54.86 50.97 26.71
CA GLY C 382 53.63 50.38 26.21
C GLY C 382 53.17 49.20 27.05
N GLY C 383 53.90 48.92 28.11
CA GLY C 383 53.57 47.82 29.00
C GLY C 383 54.66 46.78 29.11
N TYR C 384 54.26 45.55 29.47
CA TYR C 384 55.19 44.43 29.58
C TYR C 384 54.96 43.47 28.43
N LYS C 385 56.02 43.18 27.69
CA LYS C 385 55.91 42.41 26.45
C LYS C 385 56.59 41.04 26.51
N PHE C 386 55.81 40.02 26.17
CA PHE C 386 56.32 38.67 25.91
C PHE C 386 56.36 38.48 24.40
N PRO C 387 57.36 37.75 23.90
CA PRO C 387 57.36 37.34 22.50
C PRO C 387 56.25 36.31 22.28
N TRP C 388 55.50 36.45 21.19
CA TRP C 388 54.31 35.64 20.98
C TRP C 388 54.55 34.13 21.00
N HIS C 389 55.77 33.70 20.71
CA HIS C 389 56.04 32.28 20.56
C HIS C 389 56.16 31.57 21.91
N LEU C 390 56.39 32.33 22.97
CA LEU C 390 56.46 31.75 24.31
C LEU C 390 55.07 31.49 24.87
N ILE C 391 54.06 32.03 24.18
CA ILE C 391 52.68 31.93 24.61
C ILE C 391 51.97 30.80 23.90
N GLY C 392 51.18 30.03 24.64
CA GLY C 392 50.37 28.98 24.07
C GLY C 392 48.90 29.17 24.39
N MET C 393 48.06 28.54 23.59
CA MET C 393 46.61 28.66 23.74
C MET C 393 45.90 27.42 23.19
N GLY C 394 44.80 27.04 23.84
CA GLY C 394 43.96 25.97 23.34
C GLY C 394 44.54 24.57 23.44
N ILE C 395 45.66 24.42 24.14
CA ILE C 395 46.25 23.10 24.32
C ILE C 395 46.20 22.62 25.77
N VAL C 396 46.85 23.35 26.68
CA VAL C 396 46.95 22.91 28.07
C VAL C 396 45.77 23.31 28.95
N ASP C 397 44.80 24.01 28.38
CA ASP C 397 43.58 24.35 29.09
C ASP C 397 42.37 24.26 28.16
N ASN C 398 41.17 24.28 28.72
CA ASN C 398 39.96 24.16 27.92
C ASN C 398 39.36 25.52 27.56
N GLU C 399 40.16 26.56 27.70
CA GLU C 399 39.67 27.93 27.53
C GLU C 399 39.24 28.29 26.11
N LEU C 400 39.73 27.58 25.12
CA LEU C 400 39.39 27.90 23.74
C LEU C 400 38.83 26.70 22.99
N HIS C 401 38.01 25.91 23.68
CA HIS C 401 37.46 24.70 23.11
C HIS C 401 36.59 24.98 21.88
N GLU C 402 35.96 26.15 21.85
CA GLU C 402 35.08 26.49 20.75
C GLU C 402 35.84 26.53 19.43
N LEU C 403 37.12 26.90 19.51
CA LEU C 403 37.95 27.02 18.33
C LEU C 403 38.35 25.68 17.75
N SER C 404 38.60 24.70 18.62
CA SER C 404 39.08 23.39 18.16
C SER C 404 38.01 22.30 18.13
N GLU C 405 36.80 22.63 18.56
CA GLU C 405 35.71 21.67 18.51
C GLU C 405 35.12 21.52 17.12
N ALA C 406 35.16 20.29 16.61
CA ALA C 406 34.74 19.98 15.25
C ALA C 406 33.23 19.81 15.13
N ASN C 407 32.68 20.31 14.03
CA ASN C 407 31.25 20.20 13.76
C ASN C 407 31.01 19.77 12.31
N PRO C 408 30.11 18.81 12.11
CA PRO C 408 29.79 18.27 10.78
C PRO C 408 29.20 19.32 9.84
N LEU C 409 29.22 19.04 8.54
CA LEU C 409 28.71 19.99 7.56
C LEU C 409 27.43 19.49 6.87
N ASP C 410 26.83 20.37 6.07
CA ASP C 410 25.61 20.07 5.32
C ASP C 410 24.47 19.59 6.23
N TYR D 1 49.16 44.46 18.29
CA TYR D 1 50.44 43.87 18.67
C TYR D 1 50.74 42.61 17.85
N LEU D 2 49.70 41.91 17.43
CA LEU D 2 49.86 40.72 16.61
C LEU D 2 49.41 41.04 15.20
N SER D 3 50.31 40.90 14.24
CA SER D 3 49.98 41.12 12.84
C SER D 3 49.25 39.90 12.27
N ILE D 4 48.17 40.16 11.54
CA ILE D 4 47.47 39.12 10.83
C ILE D 4 47.13 39.59 9.43
N ALA D 5 46.62 38.67 8.62
CA ALA D 5 46.13 39.00 7.30
C ALA D 5 44.67 38.60 7.29
N PHE D 6 43.80 39.57 7.07
CA PHE D 6 42.38 39.38 7.21
C PHE D 6 41.71 40.01 6.00
N PRO D 7 40.56 39.46 5.56
CA PRO D 7 39.81 40.05 4.44
C PRO D 7 39.52 41.52 4.68
N GLU D 8 39.73 42.35 3.66
CA GLU D 8 39.66 43.79 3.86
C GLU D 8 38.23 44.28 4.10
N ASN D 9 37.25 43.44 3.78
CA ASN D 9 35.86 43.82 3.96
C ASN D 9 35.20 43.11 5.12
N THR D 10 34.29 43.80 5.81
CA THR D 10 33.61 43.24 6.96
C THR D 10 32.49 42.29 6.53
N LYS D 11 32.26 42.22 5.23
CA LYS D 11 31.30 41.27 4.66
C LYS D 11 31.69 40.90 3.22
N LEU D 12 31.37 39.67 2.83
CA LEU D 12 31.75 39.18 1.51
C LEU D 12 30.58 38.46 0.84
N ASP D 13 30.69 38.21 -0.46
CA ASP D 13 29.64 37.51 -1.20
C ASP D 13 29.91 36.00 -1.27
N TRP D 14 29.29 35.26 -0.36
CA TRP D 14 29.57 33.85 -0.18
C TRP D 14 28.86 32.94 -1.17
N LYS D 15 29.56 31.92 -1.63
CA LYS D 15 29.00 30.88 -2.49
C LYS D 15 29.35 29.53 -1.87
N PRO D 16 28.50 28.53 -2.09
CA PRO D 16 28.82 27.20 -1.56
C PRO D 16 30.01 26.59 -2.28
N VAL D 17 30.63 25.61 -1.67
CA VAL D 17 31.63 24.79 -2.35
C VAL D 17 31.26 23.31 -2.25
N THR D 18 30.75 22.76 -3.35
CA THR D 18 30.53 21.32 -3.46
C THR D 18 31.41 20.85 -4.61
N LYS D 19 31.95 21.85 -5.32
CA LYS D 19 32.80 21.62 -6.47
C LYS D 19 34.08 20.87 -6.13
N ASN D 20 34.61 21.12 -4.93
CA ASN D 20 35.88 20.54 -4.50
C ASN D 20 37.04 20.86 -5.44
N THR D 21 37.67 22.00 -5.22
CA THR D 21 38.72 22.49 -6.10
C THR D 21 40.10 22.24 -5.52
N ARG D 22 40.14 22.20 -4.19
CA ARG D 22 41.37 21.90 -3.46
C ARG D 22 42.40 23.01 -3.64
N TYR D 23 41.95 24.26 -3.55
CA TYR D 23 42.83 25.41 -3.63
C TYR D 23 43.47 25.69 -2.27
N CYS D 24 44.79 25.77 -2.26
CA CYS D 24 45.53 26.18 -1.07
C CYS D 24 46.33 27.42 -1.37
N PRO D 25 46.37 28.37 -0.44
CA PRO D 25 47.04 29.65 -0.69
C PRO D 25 48.53 29.52 -0.35
N MET D 26 49.35 30.40 -0.91
CA MET D 26 50.77 30.41 -0.53
C MET D 26 50.89 30.81 0.93
N GLY D 27 51.80 30.15 1.64
CA GLY D 27 51.90 30.28 3.08
C GLY D 27 52.25 31.66 3.61
N GLY D 28 52.46 31.73 4.92
CA GLY D 28 52.80 32.98 5.57
C GLY D 28 54.17 33.51 5.17
N GLU D 29 54.59 34.59 5.83
CA GLU D 29 55.90 35.16 5.57
C GLU D 29 56.89 34.66 6.61
N TRP D 30 58.16 34.85 6.33
CA TRP D 30 59.22 34.41 7.22
C TRP D 30 59.88 35.64 7.83
N PHE D 31 60.82 35.43 8.74
CA PHE D 31 61.56 36.52 9.37
C PHE D 31 62.28 37.39 8.35
N LEU D 32 62.35 38.69 8.63
CA LEU D 32 63.21 39.60 7.89
C LEU D 32 64.34 40.08 8.79
N GLU D 33 65.42 40.54 8.18
CA GLU D 33 66.53 41.09 8.96
C GLU D 33 66.05 42.31 9.73
N PRO D 34 66.26 42.28 11.06
CA PRO D 34 65.73 43.31 11.97
C PRO D 34 66.40 44.68 11.85
N GLY D 35 67.59 44.73 11.28
CA GLY D 35 68.33 45.99 11.19
C GLY D 35 67.99 46.80 9.96
N LEU D 36 66.87 46.47 9.33
CA LEU D 36 66.48 47.08 8.06
C LEU D 36 65.83 48.44 8.20
N GLN D 37 66.28 49.39 7.38
CA GLN D 37 65.66 50.70 7.30
C GLN D 37 64.40 50.61 6.45
N GLU D 38 63.36 51.30 6.88
CA GLU D 38 62.11 51.35 6.13
C GLU D 38 61.77 52.76 5.65
N GLU D 39 61.63 52.92 4.34
CA GLU D 39 61.15 54.17 3.77
C GLU D 39 59.97 53.87 2.86
N SER D 40 58.84 54.56 3.07
CA SER D 40 57.68 54.32 2.24
C SER D 40 57.42 55.47 1.27
N PHE D 41 56.95 55.13 0.07
CA PHE D 41 56.57 56.12 -0.91
C PHE D 41 55.10 55.95 -1.29
N LEU D 42 54.48 57.03 -1.77
CA LEU D 42 53.10 56.96 -2.20
C LEU D 42 53.04 56.43 -3.63
N SER D 43 52.08 55.53 -3.85
CA SER D 43 51.95 54.83 -5.13
C SER D 43 50.47 54.63 -5.45
N SER D 44 50.18 53.81 -6.45
CA SER D 44 48.79 53.55 -6.83
C SER D 44 48.63 52.17 -7.47
N THR D 45 47.39 51.72 -7.54
CA THR D 45 47.08 50.38 -8.04
C THR D 45 45.60 50.30 -8.40
N PRO D 46 45.28 49.51 -9.45
CA PRO D 46 43.88 49.29 -9.85
C PRO D 46 43.09 48.60 -8.75
N ILE D 47 43.80 47.94 -7.83
CA ILE D 47 43.17 47.29 -6.68
C ILE D 47 42.34 48.31 -5.92
N GLY D 48 41.03 48.21 -6.05
CA GLY D 48 40.13 49.14 -5.40
C GLY D 48 39.23 49.83 -6.41
N ALA D 49 39.79 50.10 -7.58
CA ALA D 49 39.02 50.69 -8.67
C ALA D 49 38.19 49.63 -9.38
N THR D 50 38.87 48.65 -9.98
CA THR D 50 38.24 47.52 -10.67
C THR D 50 37.27 46.79 -9.74
N PRO D 51 36.09 46.40 -10.27
CA PRO D 51 35.09 45.64 -9.49
C PRO D 51 35.65 44.31 -9.02
N SER D 52 35.16 43.84 -7.87
CA SER D 52 35.66 42.61 -7.25
C SER D 52 34.75 41.44 -7.56
N LYS D 53 33.60 41.74 -8.15
CA LYS D 53 32.55 40.75 -8.37
C LYS D 53 32.02 40.90 -9.78
N SER D 54 31.66 39.78 -10.38
CA SER D 54 31.10 39.79 -11.73
C SER D 54 29.97 38.78 -11.80
N ASP D 55 28.77 39.25 -12.12
CA ASP D 55 27.61 38.36 -12.19
C ASP D 55 27.60 37.58 -13.50
N GLY D 56 27.05 36.38 -13.45
CA GLY D 56 26.97 35.53 -14.61
C GLY D 56 25.94 34.43 -14.47
N PHE D 57 26.04 33.41 -15.30
CA PHE D 57 25.10 32.31 -15.30
C PHE D 57 25.78 30.99 -15.61
N LEU D 58 25.56 29.99 -14.76
CA LEU D 58 25.91 28.62 -15.07
C LEU D 58 24.81 28.02 -15.93
N CYS D 59 25.22 27.51 -17.08
CA CYS D 59 24.36 26.80 -18.01
C CYS D 59 24.69 25.33 -17.92
N HIS D 60 23.75 24.55 -17.38
CA HIS D 60 23.97 23.13 -17.11
C HIS D 60 23.07 22.27 -17.98
N ALA D 61 23.67 21.36 -18.75
CA ALA D 61 22.89 20.51 -19.64
C ALA D 61 22.80 19.08 -19.12
N ALA D 62 21.59 18.53 -19.17
CA ALA D 62 21.40 17.15 -18.76
C ALA D 62 20.31 16.49 -19.58
N LYS D 63 20.58 15.27 -20.06
CA LYS D 63 19.54 14.47 -20.70
C LYS D 63 18.79 13.68 -19.64
N TRP D 64 17.53 14.03 -19.43
CA TRP D 64 16.69 13.26 -18.51
C TRP D 64 16.07 12.11 -19.27
N VAL D 65 16.38 10.88 -18.87
CA VAL D 65 16.03 9.70 -19.64
C VAL D 65 15.05 8.79 -18.93
N THR D 66 13.89 8.60 -19.56
CA THR D 66 12.91 7.60 -19.14
C THR D 66 13.08 6.35 -19.98
N THR D 67 13.45 5.25 -19.33
CA THR D 67 13.74 4.01 -20.03
C THR D 67 12.68 2.94 -19.78
N CYS D 68 12.14 2.38 -20.85
CA CYS D 68 11.15 1.32 -20.76
C CYS D 68 11.77 -0.02 -21.14
N ASP D 69 11.73 -0.97 -20.20
CA ASP D 69 12.25 -2.30 -20.45
C ASP D 69 11.13 -3.32 -20.61
N PHE D 70 10.99 -3.85 -21.82
CA PHE D 70 9.99 -4.87 -22.11
C PHE D 70 10.66 -6.08 -22.76
N ARG D 71 10.91 -7.11 -21.96
CA ARG D 71 11.61 -8.30 -22.44
C ARG D 71 10.64 -9.40 -22.85
N TRP D 72 10.94 -10.63 -22.44
CA TRP D 72 10.10 -11.79 -22.76
C TRP D 72 8.68 -11.61 -22.23
N TYR D 73 8.58 -11.25 -20.96
CA TYR D 73 7.28 -11.01 -20.33
C TYR D 73 7.45 -10.14 -19.10
N GLY D 74 6.65 -10.41 -18.07
CA GLY D 74 6.75 -9.71 -16.80
C GLY D 74 6.19 -8.31 -16.87
N PRO D 75 6.22 -7.59 -15.74
CA PRO D 75 5.69 -6.23 -15.63
C PRO D 75 6.44 -5.24 -16.53
N LYS D 76 5.94 -4.02 -16.61
CA LYS D 76 6.62 -2.96 -17.34
C LYS D 76 7.65 -2.31 -16.45
N TYR D 77 8.93 -2.61 -16.68
CA TYR D 77 10.00 -2.05 -15.87
C TYR D 77 10.48 -0.71 -16.43
N ILE D 78 10.11 0.37 -15.73
CA ILE D 78 10.50 1.71 -16.13
C ILE D 78 11.55 2.26 -15.18
N THR D 79 12.67 2.73 -15.74
CA THR D 79 13.70 3.38 -14.92
C THR D 79 13.86 4.83 -15.32
N HIS D 80 14.36 5.64 -14.40
CA HIS D 80 14.59 7.05 -14.66
C HIS D 80 16.03 7.44 -14.34
N SER D 81 16.73 7.98 -15.32
CA SER D 81 18.12 8.39 -15.12
C SER D 81 18.34 9.82 -15.58
N ILE D 82 19.49 10.40 -15.20
CA ILE D 82 19.88 11.72 -15.67
C ILE D 82 21.34 11.71 -16.07
N HIS D 83 21.62 12.13 -17.30
CA HIS D 83 22.98 12.11 -17.82
C HIS D 83 23.49 13.53 -18.07
N ASN D 84 24.41 13.98 -17.24
CA ASN D 84 25.03 15.29 -17.44
C ASN D 84 25.82 15.33 -18.74
N ILE D 85 25.54 16.34 -19.57
CA ILE D 85 26.31 16.53 -20.80
C ILE D 85 26.73 17.98 -20.95
N LYS D 86 27.74 18.23 -21.79
CA LYS D 86 28.19 19.59 -22.02
C LYS D 86 27.29 20.26 -23.05
N PRO D 87 26.73 21.42 -22.70
CA PRO D 87 25.82 22.15 -23.58
C PRO D 87 26.55 22.77 -24.75
N THR D 88 25.86 22.90 -25.88
CA THR D 88 26.39 23.63 -27.01
C THR D 88 26.17 25.11 -26.72
N ARG D 89 26.76 25.97 -27.54
CA ARG D 89 26.55 27.41 -27.36
C ARG D 89 25.09 27.76 -27.67
N SER D 90 24.51 27.07 -28.66
CA SER D 90 23.12 27.30 -29.04
C SER D 90 22.16 26.97 -27.91
N ASP D 91 22.38 25.82 -27.28
CA ASP D 91 21.57 25.37 -26.15
C ASP D 91 21.56 26.42 -25.05
N CYS D 92 22.77 26.88 -24.69
CA CYS D 92 22.93 27.89 -23.65
C CYS D 92 22.28 29.21 -24.01
N ASP D 93 22.41 29.63 -25.27
CA ASP D 93 21.79 30.87 -25.72
C ASP D 93 20.27 30.82 -25.62
N THR D 94 19.68 29.77 -26.20
CA THR D 94 18.23 29.61 -26.17
C THR D 94 17.71 29.53 -24.74
N ALA D 95 18.36 28.71 -23.92
CA ALA D 95 17.93 28.51 -22.54
C ALA D 95 18.10 29.76 -21.70
N LEU D 96 19.12 30.56 -22.01
CA LEU D 96 19.36 31.80 -21.28
C LEU D 96 18.31 32.84 -21.66
N ALA D 97 17.97 32.89 -22.94
CA ALA D 97 16.89 33.75 -23.40
C ALA D 97 15.60 33.37 -22.70
N SER D 98 15.32 32.08 -22.66
CA SER D 98 14.14 31.57 -21.98
C SER D 98 14.15 31.95 -20.50
N TYR D 99 15.33 31.91 -19.88
CA TYR D 99 15.48 32.26 -18.48
C TYR D 99 15.17 33.73 -18.26
N LYS D 100 15.73 34.58 -19.11
CA LYS D 100 15.53 36.03 -19.00
C LYS D 100 14.06 36.40 -19.19
N SER D 101 13.41 35.77 -20.16
CA SER D 101 12.00 36.05 -20.43
C SER D 101 11.07 35.31 -19.47
N GLY D 102 11.62 34.36 -18.73
CA GLY D 102 10.84 33.58 -17.79
C GLY D 102 10.12 32.41 -18.44
N THR D 103 10.68 31.91 -19.54
CA THR D 103 10.07 30.81 -20.28
C THR D 103 10.66 29.47 -19.86
N LEU D 104 11.91 29.49 -19.42
CA LEU D 104 12.63 28.27 -19.08
C LEU D 104 11.95 27.48 -17.98
N VAL D 105 11.47 26.30 -18.35
CA VAL D 105 10.77 25.40 -17.46
C VAL D 105 11.38 24.01 -17.61
N SER D 106 11.69 23.35 -16.50
CA SER D 106 12.27 22.02 -16.57
C SER D 106 11.26 21.02 -17.13
N LEU D 107 11.69 20.26 -18.13
CA LEU D 107 10.81 19.35 -18.84
C LEU D 107 10.37 18.17 -17.97
N GLY D 108 11.06 17.97 -16.85
CA GLY D 108 10.79 16.82 -16.00
C GLY D 108 11.26 15.55 -16.69
N PHE D 109 10.72 14.41 -16.27
CA PHE D 109 11.04 13.15 -16.93
C PHE D 109 10.08 12.88 -18.07
N PRO D 110 10.64 12.50 -19.24
CA PRO D 110 9.82 12.24 -20.43
C PRO D 110 8.80 11.14 -20.17
N PRO D 111 7.65 11.20 -20.87
CA PRO D 111 6.63 10.15 -20.74
C PRO D 111 7.19 8.81 -21.21
N GLU D 112 6.68 7.73 -20.63
CA GLU D 112 7.17 6.39 -20.96
C GLU D 112 6.94 6.05 -22.42
N SER D 113 8.00 5.57 -23.08
CA SER D 113 7.91 5.14 -24.46
C SER D 113 8.21 3.65 -24.54
N CYS D 114 7.17 2.82 -24.46
CA CYS D 114 7.34 1.38 -24.35
C CYS D 114 7.14 0.63 -25.66
N GLY D 115 7.84 -0.50 -25.79
CA GLY D 115 7.69 -1.39 -26.92
C GLY D 115 7.60 -2.82 -26.42
N TYR D 116 8.19 -3.74 -27.18
CA TYR D 116 8.23 -5.14 -26.78
C TYR D 116 9.48 -5.82 -27.32
N ALA D 117 10.07 -6.69 -26.51
CA ALA D 117 11.30 -7.40 -26.87
C ALA D 117 12.43 -6.44 -27.24
N SER D 118 12.36 -5.21 -26.70
CA SER D 118 13.35 -4.19 -26.97
C SER D 118 13.30 -3.11 -25.90
N VAL D 119 14.44 -2.84 -25.27
CA VAL D 119 14.51 -1.79 -24.25
C VAL D 119 14.91 -0.45 -24.89
N THR D 120 13.91 0.37 -25.18
CA THR D 120 14.14 1.68 -25.77
C THR D 120 13.78 2.78 -24.79
N ASP D 121 14.46 3.92 -24.90
CA ASP D 121 14.23 5.02 -23.97
C ASP D 121 13.94 6.34 -24.67
N SER D 122 13.24 7.23 -23.97
CA SER D 122 12.97 8.57 -24.46
C SER D 122 13.67 9.58 -23.56
N GLU D 123 14.12 10.69 -24.13
CA GLU D 123 14.91 11.65 -23.36
C GLU D 123 14.51 13.10 -23.60
N PHE D 124 14.59 13.91 -22.55
CA PHE D 124 14.39 15.34 -22.66
C PHE D 124 15.72 16.04 -22.45
N LEU D 125 16.09 16.91 -23.39
CA LEU D 125 17.26 17.74 -23.19
C LEU D 125 16.88 18.89 -22.27
N VAL D 126 17.39 18.85 -21.06
CA VAL D 126 17.07 19.87 -20.07
C VAL D 126 18.28 20.77 -19.82
N ILE D 127 18.15 22.02 -20.24
CA ILE D 127 19.19 23.01 -19.99
C ILE D 127 18.73 23.98 -18.90
N MET D 128 19.51 24.08 -17.85
CA MET D 128 19.19 24.97 -16.74
C MET D 128 20.13 26.16 -16.71
N ILE D 129 19.63 27.28 -16.19
CA ILE D 129 20.41 28.49 -16.03
C ILE D 129 20.33 28.94 -14.58
N THR D 130 21.49 29.17 -13.96
CA THR D 130 21.55 29.58 -12.57
C THR D 130 22.46 30.79 -12.42
N PRO D 131 21.97 31.87 -11.80
CA PRO D 131 22.84 33.02 -11.53
C PRO D 131 24.04 32.60 -10.69
N HIS D 132 25.23 33.02 -11.08
CA HIS D 132 26.46 32.59 -10.43
C HIS D 132 27.55 33.63 -10.64
N HIS D 133 27.99 34.25 -9.55
CA HIS D 133 28.99 35.32 -9.64
C HIS D 133 30.40 34.81 -9.42
N VAL D 134 31.36 35.52 -10.00
CA VAL D 134 32.75 35.12 -9.96
C VAL D 134 33.63 36.32 -9.58
N GLY D 135 34.90 36.06 -9.28
CA GLY D 135 35.83 37.12 -8.96
C GLY D 135 36.36 37.77 -10.23
N VAL D 136 37.08 38.88 -10.07
CA VAL D 136 37.63 39.61 -11.21
C VAL D 136 39.11 39.87 -11.01
N ASP D 137 39.89 39.69 -12.08
CA ASP D 137 41.29 40.08 -12.08
C ASP D 137 41.38 41.60 -11.97
N ASP D 138 42.05 42.07 -10.92
CA ASP D 138 42.10 43.50 -10.65
C ASP D 138 42.87 44.29 -11.70
N TYR D 139 43.79 43.63 -12.39
CA TYR D 139 44.68 44.31 -13.34
C TYR D 139 44.29 44.11 -14.80
N ARG D 140 43.76 42.94 -15.13
CA ARG D 140 43.45 42.61 -16.51
C ARG D 140 41.94 42.64 -16.77
N GLY D 141 41.15 42.48 -15.72
CA GLY D 141 39.70 42.47 -15.85
C GLY D 141 39.17 41.11 -16.19
N HIS D 142 40.06 40.13 -16.32
CA HIS D 142 39.67 38.75 -16.55
C HIS D 142 38.77 38.26 -15.43
N TRP D 143 38.02 37.19 -15.69
CA TRP D 143 37.21 36.58 -14.64
C TRP D 143 38.02 35.54 -13.91
N VAL D 144 37.96 35.59 -12.58
CA VAL D 144 38.77 34.73 -11.73
C VAL D 144 37.87 33.97 -10.76
N ASP D 145 37.92 32.64 -10.84
CA ASP D 145 37.14 31.79 -9.94
C ASP D 145 37.63 30.34 -10.03
N PRO D 146 37.52 29.59 -8.92
CA PRO D 146 37.88 28.17 -8.94
C PRO D 146 37.04 27.36 -9.93
N LEU D 147 35.83 27.83 -10.21
CA LEU D 147 34.91 27.18 -11.14
C LEU D 147 35.50 27.03 -12.54
N PHE D 148 36.26 28.01 -12.97
CA PHE D 148 36.84 28.01 -14.29
C PHE D 148 37.98 27.02 -14.40
N VAL D 149 38.09 26.37 -15.55
CA VAL D 149 39.29 25.60 -15.88
C VAL D 149 40.46 26.59 -15.88
N GLY D 150 41.54 26.24 -15.19
CA GLY D 150 42.68 27.11 -15.13
C GLY D 150 42.45 28.28 -14.19
N GLY D 151 41.27 28.34 -13.59
CA GLY D 151 40.96 29.33 -12.58
C GLY D 151 40.55 30.68 -13.12
N GLU D 152 40.77 30.88 -14.42
CA GLU D 152 40.43 32.16 -15.03
C GLU D 152 39.79 31.98 -16.41
N CYS D 153 39.12 33.04 -16.87
CA CYS D 153 38.50 33.05 -18.19
C CYS D 153 38.27 34.50 -18.62
N ASP D 154 38.28 34.73 -19.94
CA ASP D 154 38.03 36.05 -20.50
C ASP D 154 37.22 35.96 -21.79
N GLN D 155 36.37 34.96 -21.88
CA GLN D 155 35.60 34.71 -23.09
C GLN D 155 34.10 34.84 -22.84
N SER D 156 33.32 34.83 -23.91
CA SER D 156 31.87 34.94 -23.82
C SER D 156 31.27 33.66 -23.27
N TYR D 157 31.94 32.53 -23.52
CA TYR D 157 31.55 31.25 -22.95
C TYR D 157 32.75 30.64 -22.24
N CYS D 158 32.56 30.24 -20.98
CA CYS D 158 33.66 29.79 -20.15
C CYS D 158 33.52 28.34 -19.69
N ASP D 159 34.51 27.52 -20.01
CA ASP D 159 34.53 26.13 -19.56
C ASP D 159 34.73 26.08 -18.06
N THR D 160 34.03 25.16 -17.41
CA THR D 160 34.16 25.00 -15.97
C THR D 160 34.76 23.64 -15.62
N ILE D 161 35.12 23.47 -14.35
CA ILE D 161 35.63 22.19 -13.87
C ILE D 161 34.53 21.14 -13.95
N HIS D 162 33.28 21.59 -13.88
CA HIS D 162 32.14 20.73 -14.17
C HIS D 162 32.11 20.51 -15.67
N ASN D 163 32.28 19.27 -16.10
CA ASN D 163 32.33 18.97 -17.53
C ASN D 163 30.98 19.19 -18.20
N SER D 164 29.95 19.45 -17.40
CA SER D 164 28.59 19.58 -17.91
C SER D 164 28.06 21.01 -17.79
N SER D 165 28.87 21.89 -17.22
CA SER D 165 28.44 23.26 -16.97
C SER D 165 29.28 24.27 -17.74
N VAL D 166 28.65 25.36 -18.17
CA VAL D 166 29.36 26.44 -18.85
C VAL D 166 28.97 27.78 -18.25
N TRP D 167 29.95 28.60 -17.88
CA TRP D 167 29.65 29.91 -17.29
C TRP D 167 29.62 31.01 -18.35
N ILE D 168 28.63 31.90 -18.22
CA ILE D 168 28.40 32.96 -19.18
C ILE D 168 28.27 34.28 -18.46
N PRO D 169 29.17 35.23 -18.75
CA PRO D 169 29.15 36.53 -18.07
C PRO D 169 27.91 37.33 -18.41
N ALA D 170 27.32 37.97 -17.41
CA ALA D 170 26.11 38.76 -17.60
C ALA D 170 26.39 40.01 -18.44
N ASP D 171 27.53 40.64 -18.16
CA ASP D 171 27.96 41.81 -18.92
C ASP D 171 29.31 41.53 -19.56
N GLN D 172 29.31 41.35 -20.87
CA GLN D 172 30.52 40.95 -21.60
C GLN D 172 31.31 42.15 -22.12
N THR D 173 31.43 43.18 -21.29
CA THR D 173 32.15 44.40 -21.67
C THR D 173 33.56 44.43 -21.09
N LYS D 174 33.74 43.75 -19.95
CA LYS D 174 35.04 43.64 -19.26
C LYS D 174 35.61 45.00 -18.83
N LYS D 175 34.78 46.04 -18.87
CA LYS D 175 35.13 47.37 -18.41
C LYS D 175 36.35 47.97 -19.12
N ASN D 176 36.89 49.03 -18.54
CA ASN D 176 38.11 49.66 -19.04
C ASN D 176 39.04 49.98 -17.89
N ILE D 177 39.96 49.08 -17.60
CA ILE D 177 40.82 49.19 -16.42
C ILE D 177 41.68 50.47 -16.44
N CYS D 178 42.33 50.72 -17.58
CA CYS D 178 43.27 51.82 -17.68
C CYS D 178 42.67 53.20 -17.39
N GLY D 179 41.39 53.39 -17.72
CA GLY D 179 40.76 54.68 -17.55
C GLY D 179 40.46 55.07 -16.12
N GLN D 180 40.43 54.08 -15.23
CA GLN D 180 40.04 54.28 -13.85
C GLN D 180 40.96 55.23 -13.07
N SER D 181 40.47 55.69 -11.92
CA SER D 181 41.30 56.43 -10.98
C SER D 181 41.93 55.46 -10.00
N PHE D 182 43.18 55.08 -10.27
CA PHE D 182 43.89 54.10 -9.45
C PHE D 182 43.92 54.48 -7.98
N THR D 183 43.63 53.51 -7.12
CA THR D 183 43.63 53.71 -5.68
C THR D 183 45.02 54.06 -5.16
N PRO D 184 45.12 55.13 -4.35
CA PRO D 184 46.41 55.45 -3.76
C PRO D 184 46.77 54.38 -2.74
N LEU D 185 48.03 53.95 -2.78
CA LEU D 185 48.51 52.86 -1.95
C LEU D 185 49.94 53.17 -1.49
N THR D 186 50.17 53.09 -0.19
CA THR D 186 51.50 53.33 0.35
C THR D 186 52.38 52.09 0.25
N VAL D 187 53.49 52.22 -0.45
CA VAL D 187 54.42 51.10 -0.60
C VAL D 187 55.65 51.28 0.29
N THR D 188 55.87 50.34 1.20
CA THR D 188 57.01 50.38 2.09
C THR D 188 58.19 49.64 1.48
N VAL D 189 59.36 50.26 1.57
CA VAL D 189 60.61 49.71 1.04
C VAL D 189 61.62 49.48 2.16
N ALA D 190 62.02 48.24 2.34
CA ALA D 190 63.00 47.89 3.36
C ALA D 190 64.35 47.59 2.72
N TYR D 191 65.40 48.18 3.27
CA TYR D 191 66.74 48.00 2.73
C TYR D 191 67.80 48.05 3.83
N ASP D 192 68.98 47.52 3.55
CA ASP D 192 70.08 47.61 4.51
C ASP D 192 70.60 49.05 4.55
N LYS D 193 70.53 49.68 5.70
CA LYS D 193 70.91 51.08 5.82
C LYS D 193 72.41 51.32 5.57
N THR D 194 73.22 50.35 5.96
CA THR D 194 74.68 50.46 5.84
C THR D 194 75.22 50.02 4.49
N LYS D 195 74.33 49.95 3.49
CA LYS D 195 74.75 49.59 2.14
C LYS D 195 74.17 50.54 1.09
N GLU D 196 74.84 50.63 -0.05
CA GLU D 196 74.32 51.40 -1.17
C GLU D 196 73.08 50.69 -1.68
N ILE D 197 71.95 51.39 -1.71
CA ILE D 197 70.68 50.76 -2.06
C ILE D 197 70.66 50.21 -3.49
N ALA D 198 70.20 48.97 -3.62
CA ALA D 198 70.13 48.30 -4.91
C ALA D 198 68.93 47.38 -4.96
N ALA D 199 68.55 46.99 -6.18
CA ALA D 199 67.38 46.13 -6.40
C ALA D 199 67.43 44.86 -5.55
N GLY D 200 68.60 44.25 -5.48
CA GLY D 200 68.76 43.00 -4.77
C GLY D 200 68.80 43.14 -3.26
N GLY D 201 68.83 44.39 -2.78
CA GLY D 201 68.83 44.65 -1.35
C GLY D 201 67.51 45.19 -0.83
N ILE D 202 66.49 45.17 -1.69
CA ILE D 202 65.20 45.75 -1.36
C ILE D 202 64.13 44.69 -1.12
N VAL D 203 63.30 44.91 -0.11
CA VAL D 203 62.09 44.14 0.08
C VAL D 203 60.89 45.08 0.12
N PHE D 204 59.96 44.91 -0.82
CA PHE D 204 58.73 45.71 -0.86
C PHE D 204 57.64 45.08 0.00
N LYS D 205 56.78 45.92 0.56
CA LYS D 205 55.55 45.42 1.19
C LYS D 205 54.50 46.51 1.20
N SER D 206 53.25 46.13 1.34
CA SER D 206 52.17 47.11 1.45
C SER D 206 51.02 46.45 2.18
N LYS D 207 49.92 47.17 2.37
CA LYS D 207 48.79 46.57 3.05
C LYS D 207 48.21 45.47 2.18
N TYR D 208 48.52 45.53 0.88
CA TYR D 208 48.00 44.58 -0.09
C TYR D 208 48.98 43.47 -0.44
N HIS D 209 50.27 43.75 -0.25
CA HIS D 209 51.32 42.85 -0.73
C HIS D 209 52.21 42.31 0.38
N SER D 210 52.31 40.98 0.45
CA SER D 210 53.31 40.35 1.30
C SER D 210 54.69 40.63 0.72
N HIS D 211 55.73 40.33 1.49
CA HIS D 211 57.11 40.67 1.11
C HIS D 211 57.49 40.32 -0.33
N MET D 212 57.84 41.34 -1.10
CA MET D 212 58.21 41.15 -2.49
C MET D 212 59.69 41.43 -2.67
N GLU D 213 60.41 40.45 -3.19
CA GLU D 213 61.86 40.56 -3.32
C GLU D 213 62.23 41.49 -4.47
N GLY D 214 62.89 42.59 -4.14
CA GLY D 214 63.32 43.56 -5.14
C GLY D 214 64.17 42.95 -6.23
N ALA D 215 64.95 41.93 -5.87
CA ALA D 215 65.82 41.25 -6.82
C ALA D 215 65.05 40.64 -7.98
N ARG D 216 63.77 40.36 -7.75
CA ARG D 216 62.92 39.80 -8.78
C ARG D 216 61.79 40.76 -9.13
N THR D 217 62.09 42.06 -9.07
CA THR D 217 61.10 43.08 -9.39
C THR D 217 61.63 43.94 -10.53
N CYS D 218 60.85 44.07 -11.59
CA CYS D 218 61.31 44.76 -12.79
C CYS D 218 60.45 45.98 -13.15
N ARG D 219 61.07 46.96 -13.80
CA ARG D 219 60.34 48.13 -14.29
C ARG D 219 59.42 47.71 -15.42
N LEU D 220 58.19 48.22 -15.39
CA LEU D 220 57.21 47.85 -16.41
C LEU D 220 56.10 48.89 -16.51
N SER D 221 55.94 49.46 -17.70
CA SER D 221 54.86 50.40 -17.95
C SER D 221 53.52 49.67 -17.97
N TYR D 222 52.54 50.23 -17.26
CA TYR D 222 51.22 49.62 -17.16
C TYR D 222 50.15 50.70 -17.27
N CYS D 223 49.28 50.56 -18.26
CA CYS D 223 48.23 51.53 -18.54
C CYS D 223 48.78 52.94 -18.71
N GLY D 224 49.92 53.04 -19.40
CA GLY D 224 50.54 54.33 -19.67
C GLY D 224 51.25 54.95 -18.48
N ARG D 225 51.16 54.29 -17.33
CA ARG D 225 51.78 54.82 -16.12
C ARG D 225 53.07 54.06 -15.80
N ASN D 226 54.13 54.80 -15.49
CA ASN D 226 55.39 54.19 -15.08
C ASN D 226 55.25 53.48 -13.76
N GLY D 227 55.80 52.28 -13.67
CA GLY D 227 55.69 51.51 -12.46
C GLY D 227 56.58 50.29 -12.39
N ILE D 228 56.35 49.49 -11.37
CA ILE D 228 57.20 48.35 -11.05
C ILE D 228 56.32 47.12 -10.85
N LYS D 229 56.81 45.96 -11.30
CA LYS D 229 56.03 44.73 -11.23
C LYS D 229 56.65 43.71 -10.29
N PHE D 230 55.96 43.46 -9.19
CA PHE D 230 56.40 42.50 -8.18
C PHE D 230 56.46 41.08 -8.74
N PRO D 231 57.23 40.20 -8.09
CA PRO D 231 57.35 38.81 -8.54
C PRO D 231 56.01 38.07 -8.58
N ASN D 232 55.00 38.56 -7.89
CA ASN D 232 53.69 37.89 -7.90
C ASN D 232 52.81 38.36 -9.05
N GLY D 233 53.40 39.09 -10.00
CA GLY D 233 52.71 39.49 -11.20
C GLY D 233 51.89 40.76 -11.04
N GLU D 234 51.79 41.25 -9.82
CA GLU D 234 51.07 42.48 -9.56
C GLU D 234 51.97 43.69 -9.83
N TRP D 235 51.36 44.87 -9.91
CA TRP D 235 52.07 46.07 -10.34
C TRP D 235 51.68 47.27 -9.48
N VAL D 236 52.65 48.13 -9.18
CA VAL D 236 52.34 49.40 -8.52
C VAL D 236 53.03 50.54 -9.25
N SER D 237 52.39 51.70 -9.29
CA SER D 237 52.96 52.84 -9.99
C SER D 237 54.21 53.39 -9.29
N LEU D 238 55.19 53.77 -10.11
CA LEU D 238 56.43 54.35 -9.61
C LEU D 238 57.12 55.12 -10.72
N ASP D 239 57.19 56.44 -10.57
CA ASP D 239 57.87 57.28 -11.55
C ASP D 239 59.27 57.67 -11.07
N VAL D 240 60.01 58.35 -11.94
CA VAL D 240 61.42 58.65 -11.67
C VAL D 240 61.61 59.68 -10.55
N LYS D 241 60.56 60.43 -10.25
CA LYS D 241 60.64 61.50 -9.25
C LYS D 241 60.85 60.97 -7.82
N THR D 242 60.53 59.69 -7.60
CA THR D 242 60.55 59.12 -6.26
C THR D 242 61.96 58.72 -5.80
N ARG D 243 62.42 59.37 -4.74
CA ARG D 243 63.73 59.10 -4.17
C ARG D 243 63.65 58.17 -2.97
N ILE D 244 64.62 57.27 -2.86
CA ILE D 244 64.80 56.46 -1.66
C ILE D 244 66.30 56.37 -1.35
N GLN D 245 66.65 56.60 -0.08
CA GLN D 245 68.04 56.79 0.33
C GLN D 245 68.65 57.90 -0.51
N GLU D 246 67.88 58.99 -0.67
CA GLU D 246 68.29 60.15 -1.45
C GLU D 246 68.78 59.75 -2.84
N LYS D 247 68.00 58.91 -3.51
CA LYS D 247 68.42 58.37 -4.80
C LYS D 247 67.22 57.86 -5.59
N HIS D 248 67.27 57.99 -6.91
CA HIS D 248 66.20 57.52 -7.79
C HIS D 248 65.90 56.04 -7.60
N LEU D 249 64.64 55.71 -7.30
CA LEU D 249 64.26 54.33 -7.02
C LEU D 249 64.05 53.51 -8.29
N LEU D 250 63.17 54.00 -9.17
CA LEU D 250 62.82 53.30 -10.40
C LEU D 250 63.98 52.76 -11.26
N PRO D 251 65.04 53.57 -11.46
CA PRO D 251 66.11 53.05 -12.33
C PRO D 251 66.89 51.86 -11.76
N LEU D 252 66.62 51.48 -10.51
CA LEU D 252 67.33 50.37 -9.89
C LEU D 252 66.90 49.01 -10.44
N PHE D 253 65.83 49.01 -11.25
CA PHE D 253 65.22 47.77 -11.70
C PHE D 253 65.26 47.65 -13.22
N LYS D 254 65.63 46.47 -13.72
CA LYS D 254 65.68 46.21 -15.15
C LYS D 254 64.29 46.25 -15.76
N GLU D 255 64.21 46.43 -17.07
CA GLU D 255 62.94 46.37 -17.77
C GLU D 255 62.39 44.96 -17.68
N CYS D 256 61.07 44.82 -17.73
CA CYS D 256 60.47 43.50 -17.76
C CYS D 256 60.72 42.83 -19.11
N PRO D 257 61.03 41.52 -19.08
CA PRO D 257 61.27 40.72 -20.29
C PRO D 257 60.18 40.88 -21.34
N ALA D 258 60.52 40.57 -22.59
CA ALA D 258 59.58 40.71 -23.70
C ALA D 258 58.24 40.06 -23.41
N GLY D 259 57.18 40.86 -23.47
CA GLY D 259 55.82 40.38 -23.29
C GLY D 259 55.53 39.91 -21.87
N THR D 260 55.91 40.73 -20.90
CA THR D 260 55.58 40.43 -19.51
C THR D 260 54.13 40.83 -19.24
N GLU D 261 53.34 39.89 -18.75
CA GLU D 261 51.95 40.17 -18.47
C GLU D 261 51.74 40.41 -16.98
N VAL D 262 51.17 41.56 -16.65
CA VAL D 262 50.83 41.88 -15.28
C VAL D 262 49.44 41.34 -14.97
N ARG D 263 49.36 40.40 -14.04
CA ARG D 263 48.11 39.69 -13.76
C ARG D 263 47.79 39.74 -12.27
N SER D 264 46.66 39.15 -11.89
CA SER D 264 46.27 39.04 -10.50
C SER D 264 45.20 37.98 -10.31
N THR D 265 45.58 36.71 -10.45
CA THR D 265 44.64 35.62 -10.26
C THR D 265 44.76 35.09 -8.84
N LEU D 266 44.32 33.85 -8.61
CA LEU D 266 44.41 33.26 -7.28
C LEU D 266 45.80 32.67 -7.01
N GLN D 267 46.47 32.23 -8.07
CA GLN D 267 47.83 31.69 -7.95
C GLN D 267 48.90 32.78 -8.15
N SER D 268 49.30 32.97 -9.40
CA SER D 268 50.30 33.98 -9.76
C SER D 268 51.60 33.85 -8.98
N ALA D 271 56.70 28.27 -10.19
CA ALA D 271 55.36 27.97 -9.67
C ALA D 271 54.91 26.57 -10.07
N GLN D 272 55.62 25.57 -9.60
CA GLN D 272 55.24 24.17 -9.85
C GLN D 272 55.83 23.20 -8.83
N VAL D 273 57.15 23.25 -8.66
CA VAL D 273 57.81 22.39 -7.68
C VAL D 273 57.47 22.86 -6.27
N LEU D 274 57.54 21.95 -5.30
CA LEU D 274 57.19 22.28 -3.93
C LEU D 274 58.13 23.35 -3.37
N THR D 275 57.57 24.29 -2.63
CA THR D 275 58.38 25.30 -1.96
C THR D 275 59.28 24.60 -0.96
N SER D 276 60.41 25.21 -0.63
CA SER D 276 61.28 24.65 0.37
C SER D 276 61.13 25.43 1.69
N GLU D 277 60.32 26.48 1.66
CA GLU D 277 60.15 27.31 2.84
C GLU D 277 59.31 26.59 3.89
N ILE D 278 59.87 26.37 5.06
CA ILE D 278 59.26 25.52 6.07
C ILE D 278 57.86 25.97 6.48
N GLN D 279 57.67 27.27 6.65
CA GLN D 279 56.38 27.80 7.03
C GLN D 279 55.37 27.57 5.91
N ARG D 280 55.83 27.68 4.66
CA ARG D 280 54.94 27.50 3.51
C ARG D 280 54.56 26.03 3.35
N ILE D 281 55.51 25.15 3.63
CA ILE D 281 55.26 23.72 3.60
C ILE D 281 54.26 23.33 4.67
N LEU D 282 54.46 23.84 5.88
CA LEU D 282 53.54 23.61 6.99
C LEU D 282 52.13 24.10 6.66
N ASP D 283 52.01 25.37 6.28
CA ASP D 283 50.71 25.96 5.92
C ASP D 283 50.00 25.17 4.81
N TYR D 284 50.74 24.84 3.77
CA TYR D 284 50.25 24.01 2.69
C TYR D 284 49.70 22.67 3.19
N SER D 285 50.50 22.00 4.02
CA SER D 285 50.14 20.71 4.58
C SER D 285 48.88 20.79 5.41
N LEU D 286 48.73 21.88 6.17
CA LEU D 286 47.57 22.06 7.03
C LEU D 286 46.31 22.29 6.19
N CYS D 287 46.45 23.12 5.17
CA CYS D 287 45.35 23.36 4.23
C CYS D 287 44.89 22.04 3.62
N GLN D 288 45.86 21.30 3.10
CA GLN D 288 45.57 20.02 2.48
C GLN D 288 44.96 19.05 3.47
N ASN D 289 45.35 19.18 4.73
CA ASN D 289 44.80 18.32 5.76
C ASN D 289 43.33 18.61 5.93
N THR D 290 42.99 19.90 5.92
CA THR D 290 41.60 20.28 6.03
C THR D 290 40.79 19.79 4.83
N TRP D 291 41.36 19.91 3.63
CA TRP D 291 40.67 19.37 2.44
C TRP D 291 40.51 17.86 2.51
N ASP D 292 41.49 17.16 3.07
CA ASP D 292 41.37 15.72 3.31
C ASP D 292 40.16 15.47 4.19
N LYS D 293 40.03 16.26 5.26
CA LYS D 293 38.87 16.15 6.13
C LYS D 293 37.57 16.38 5.37
N VAL D 294 37.55 17.39 4.51
CA VAL D 294 36.37 17.72 3.74
C VAL D 294 35.97 16.55 2.84
N GLU D 295 36.93 16.01 2.08
CA GLU D 295 36.67 14.90 1.18
C GLU D 295 36.26 13.63 1.91
N ARG D 296 36.82 13.40 3.09
CA ARG D 296 36.43 12.24 3.89
C ARG D 296 35.11 12.47 4.63
N LYS D 297 34.53 13.66 4.44
CA LYS D 297 33.29 14.04 5.08
C LYS D 297 33.36 13.97 6.61
N GLU D 298 34.55 14.27 7.14
CA GLU D 298 34.76 14.33 8.57
C GLU D 298 34.34 15.70 9.08
N PRO D 299 33.90 15.78 10.35
CA PRO D 299 33.51 17.05 10.96
C PRO D 299 34.68 18.05 10.99
N LEU D 300 34.35 19.34 10.91
CA LEU D 300 35.35 20.40 10.83
C LEU D 300 35.27 21.37 12.01
N SER D 301 36.42 21.73 12.55
CA SER D 301 36.51 22.74 13.59
C SER D 301 36.82 24.07 12.94
N PRO D 302 36.55 25.18 13.64
CA PRO D 302 36.94 26.51 13.13
C PRO D 302 38.43 26.61 12.85
N LEU D 303 39.22 25.84 13.58
CA LEU D 303 40.67 25.80 13.39
C LEU D 303 41.02 25.17 12.03
N ASP D 304 40.44 24.01 11.76
CA ASP D 304 40.50 23.37 10.46
C ASP D 304 40.17 24.37 9.35
N LEU D 305 39.09 25.12 9.55
CA LEU D 305 38.69 26.13 8.58
C LEU D 305 39.79 27.16 8.40
N SER D 306 40.40 27.57 9.51
CA SER D 306 41.44 28.59 9.45
C SER D 306 42.61 28.11 8.60
N TYR D 307 42.86 26.80 8.60
CA TYR D 307 43.94 26.27 7.76
C TYR D 307 43.79 26.57 6.27
N LEU D 308 42.57 26.90 5.84
CA LEU D 308 42.27 27.17 4.44
C LEU D 308 42.55 28.62 4.08
N ALA D 309 42.68 29.45 5.11
CA ALA D 309 42.84 30.88 4.90
C ALA D 309 44.26 31.24 4.49
N SER D 310 44.38 32.33 3.76
CA SER D 310 45.67 32.92 3.49
C SER D 310 46.19 33.55 4.79
N LYS D 311 47.50 33.50 5.00
CA LYS D 311 48.10 34.09 6.20
C LYS D 311 49.02 35.24 5.84
N SER D 312 49.04 35.60 4.56
CA SER D 312 49.80 36.76 4.11
C SER D 312 48.88 37.57 3.21
N PRO D 313 49.19 38.86 3.03
CA PRO D 313 48.33 39.71 2.19
C PRO D 313 48.30 39.23 0.75
N GLY D 314 47.13 39.29 0.12
CA GLY D 314 47.01 38.90 -1.28
C GLY D 314 45.61 38.52 -1.69
N LYS D 315 45.38 38.49 -3.00
CA LYS D 315 44.08 38.10 -3.53
C LYS D 315 43.84 36.63 -3.21
N GLY D 316 42.72 36.34 -2.57
CA GLY D 316 42.46 34.98 -2.15
C GLY D 316 41.01 34.67 -1.83
N LEU D 317 40.80 33.50 -1.23
CA LEU D 317 39.48 33.08 -0.83
C LEU D 317 39.36 33.02 0.68
N ALA D 318 38.19 33.38 1.20
CA ALA D 318 37.89 33.17 2.59
C ALA D 318 36.83 32.08 2.68
N TYR D 319 36.79 31.38 3.80
CA TYR D 319 35.83 30.30 3.97
C TYR D 319 34.99 30.49 5.24
N THR D 320 33.79 29.92 5.24
CA THR D 320 32.94 29.95 6.41
C THR D 320 31.92 28.85 6.27
N VAL D 321 31.07 28.68 7.28
CA VAL D 321 30.00 27.69 7.20
C VAL D 321 28.63 28.35 7.37
N ILE D 322 27.82 28.27 6.31
CA ILE D 322 26.50 28.90 6.29
C ILE D 322 25.41 27.84 6.23
N ASN D 323 24.60 27.77 7.29
CA ASN D 323 23.55 26.76 7.38
C ASN D 323 24.10 25.36 7.14
N GLY D 324 25.30 25.12 7.66
CA GLY D 324 25.91 23.80 7.55
C GLY D 324 26.64 23.58 6.24
N THR D 325 26.50 24.52 5.30
CA THR D 325 27.16 24.41 4.02
C THR D 325 28.52 25.11 4.02
N LEU D 326 29.57 24.37 3.67
CA LEU D 326 30.88 24.97 3.51
C LEU D 326 30.84 25.97 2.37
N SER D 327 31.20 27.21 2.65
CA SER D 327 31.03 28.29 1.71
C SER D 327 32.33 29.06 1.59
N PHE D 328 32.54 29.67 0.43
CA PHE D 328 33.73 30.47 0.21
C PHE D 328 33.39 31.76 -0.49
N ALA D 329 34.27 32.74 -0.38
CA ALA D 329 34.07 34.02 -1.02
C ALA D 329 35.39 34.60 -1.50
N HIS D 330 35.36 35.33 -2.61
CA HIS D 330 36.53 36.07 -3.03
C HIS D 330 36.76 37.23 -2.09
N THR D 331 38.03 37.48 -1.79
CA THR D 331 38.40 38.65 -1.01
C THR D 331 39.86 38.97 -1.22
N ARG D 332 40.27 40.12 -0.69
CA ARG D 332 41.67 40.44 -0.62
C ARG D 332 42.11 40.44 0.83
N TYR D 333 43.17 39.69 1.12
CA TYR D 333 43.74 39.72 2.43
C TYR D 333 44.66 40.93 2.53
N VAL D 334 44.52 41.66 3.62
CA VAL D 334 45.33 42.84 3.88
C VAL D 334 45.97 42.74 5.26
N ARG D 335 47.14 43.36 5.44
CA ARG D 335 47.76 43.34 6.75
C ARG D 335 46.91 44.11 7.75
N MET D 336 46.70 43.50 8.90
CA MET D 336 46.03 44.16 10.01
C MET D 336 46.77 43.79 11.28
N TRP D 337 46.46 44.52 12.35
CA TRP D 337 47.01 44.21 13.65
C TRP D 337 45.89 44.01 14.64
N ILE D 338 46.06 43.00 15.48
CA ILE D 338 45.02 42.52 16.36
C ILE D 338 45.62 42.57 17.77
N ASP D 339 44.80 42.85 18.78
CA ASP D 339 45.33 42.98 20.14
C ASP D 339 45.70 41.64 20.75
N GLY D 340 44.96 40.61 20.36
CA GLY D 340 45.21 39.25 20.81
C GLY D 340 44.23 38.33 20.11
N PRO D 341 44.27 37.03 20.42
CA PRO D 341 43.40 36.08 19.73
C PRO D 341 41.94 36.19 20.16
N VAL D 342 41.71 36.63 21.39
CA VAL D 342 40.34 36.87 21.85
C VAL D 342 40.10 38.37 22.05
N LEU D 343 39.05 38.88 21.45
CA LEU D 343 38.78 40.32 21.45
C LEU D 343 37.38 40.62 21.95
N LYS D 344 37.23 41.77 22.61
CA LYS D 344 35.91 42.18 23.10
C LYS D 344 35.05 42.68 21.94
N GLU D 345 35.67 43.44 21.03
CA GLU D 345 34.98 43.91 19.83
C GLU D 345 35.65 43.35 18.60
N PRO D 346 34.89 43.11 17.51
CA PRO D 346 35.47 42.56 16.29
C PRO D 346 36.23 43.63 15.51
N LYS D 347 37.23 44.22 16.16
CA LYS D 347 37.98 45.33 15.59
C LYS D 347 39.45 45.00 15.43
N GLY D 348 40.09 45.66 14.46
CA GLY D 348 41.51 45.48 14.24
C GLY D 348 42.12 46.76 13.71
N LYS D 349 43.44 46.84 13.75
CA LYS D 349 44.12 48.02 13.26
C LYS D 349 44.49 47.83 11.79
N ARG D 350 44.01 48.72 10.94
CA ARG D 350 44.19 48.56 9.50
C ARG D 350 45.45 49.24 8.98
N GLU D 351 45.81 50.39 9.56
CA GLU D 351 46.90 51.18 9.02
C GLU D 351 48.24 50.93 9.68
N SER D 352 48.22 50.69 10.99
CA SER D 352 49.45 50.58 11.77
C SER D 352 49.16 50.02 13.15
N PRO D 353 50.13 49.27 13.70
CA PRO D 353 49.98 48.73 15.06
C PRO D 353 49.85 49.84 16.10
N SER D 354 50.33 51.03 15.77
CA SER D 354 50.18 52.17 16.64
C SER D 354 48.95 53.01 16.27
N GLY D 355 48.17 52.52 15.31
CA GLY D 355 47.01 53.23 14.83
C GLY D 355 45.76 52.95 15.63
N ILE D 356 44.60 53.12 15.01
CA ILE D 356 43.33 52.90 15.68
C ILE D 356 42.62 51.64 15.18
N SER D 357 41.68 51.14 15.96
CA SER D 357 40.90 49.96 15.59
C SER D 357 39.66 50.36 14.80
N SER D 358 39.24 49.46 13.91
CA SER D 358 38.01 49.63 13.15
C SER D 358 37.38 48.26 13.00
N ASP D 359 36.07 48.24 12.76
CA ASP D 359 35.37 46.98 12.53
C ASP D 359 36.03 46.25 11.38
N ILE D 360 36.28 44.95 11.56
CA ILE D 360 36.91 44.17 10.51
C ILE D 360 36.03 43.02 10.03
N TRP D 361 35.06 42.63 10.85
CA TRP D 361 34.05 41.67 10.40
C TRP D 361 32.65 41.93 10.95
N THR D 362 31.66 41.78 10.08
CA THR D 362 30.29 42.20 10.37
C THR D 362 29.27 41.09 10.19
N GLN D 363 29.33 40.37 9.07
CA GLN D 363 28.33 39.34 8.83
C GLN D 363 28.64 38.02 9.52
N TRP D 364 27.86 37.72 10.55
CA TRP D 364 28.02 36.52 11.32
C TRP D 364 26.96 35.52 10.93
N PHE D 365 27.36 34.26 10.79
CA PHE D 365 26.40 33.21 10.44
C PHE D 365 26.18 32.35 11.68
N LYS D 366 24.98 31.84 11.86
CA LYS D 366 24.71 31.00 13.03
C LYS D 366 25.57 29.75 12.96
N TYR D 367 26.36 29.53 14.01
CA TYR D 367 27.22 28.38 14.09
C TYR D 367 26.97 27.68 15.41
N GLY D 368 25.87 26.93 15.47
CA GLY D 368 25.45 26.31 16.70
C GLY D 368 24.97 27.38 17.66
N ASP D 369 25.41 27.30 18.91
CA ASP D 369 25.05 28.32 19.88
C ASP D 369 25.88 29.56 19.68
N MET D 370 26.88 29.47 18.80
CA MET D 370 27.75 30.60 18.49
C MET D 370 27.44 31.19 17.13
N GLU D 371 28.30 32.12 16.72
CA GLU D 371 28.25 32.66 15.38
C GLU D 371 29.66 32.64 14.80
N ILE D 372 29.76 32.24 13.54
CA ILE D 372 31.05 32.09 12.88
C ILE D 372 31.18 33.14 11.78
N GLY D 373 32.41 33.53 11.51
CA GLY D 373 32.69 34.47 10.43
C GLY D 373 33.64 33.80 9.46
N PRO D 374 34.58 34.57 8.90
CA PRO D 374 35.50 34.04 7.90
C PRO D 374 36.68 33.28 8.53
N ASN D 375 37.02 32.14 7.94
CA ASN D 375 38.23 31.41 8.29
C ASN D 375 38.33 31.03 9.76
N GLY D 376 37.19 30.74 10.38
CA GLY D 376 37.17 30.21 11.72
C GLY D 376 36.96 31.24 12.81
N LEU D 377 36.88 32.51 12.44
CA LEU D 377 36.63 33.57 13.40
C LEU D 377 35.29 33.37 14.08
N LEU D 378 35.30 33.20 15.40
CA LEU D 378 34.09 32.93 16.15
C LEU D 378 33.59 34.15 16.91
N LYS D 379 32.27 34.35 16.89
CA LYS D 379 31.63 35.35 17.73
C LYS D 379 30.93 34.59 18.84
N THR D 380 31.45 34.70 20.05
CA THR D 380 30.94 33.93 21.17
C THR D 380 30.68 34.85 22.36
N ALA D 381 29.91 34.35 23.33
CA ALA D 381 29.61 35.11 24.53
C ALA D 381 30.87 35.59 25.25
N GLY D 382 31.94 34.81 25.14
CA GLY D 382 33.19 35.13 25.80
C GLY D 382 34.13 35.98 24.97
N GLY D 383 33.62 36.50 23.86
CA GLY D 383 34.40 37.39 23.01
C GLY D 383 34.55 36.88 21.59
N TYR D 384 35.26 37.64 20.76
CA TYR D 384 35.55 37.23 19.40
C TYR D 384 36.87 36.49 19.38
N LYS D 385 36.82 35.22 18.95
CA LYS D 385 37.97 34.33 19.04
C LYS D 385 38.54 33.96 17.66
N PHE D 386 39.80 34.30 17.45
CA PHE D 386 40.51 33.94 16.24
C PHE D 386 41.19 32.60 16.45
N PRO D 387 41.13 31.72 15.44
CA PRO D 387 41.94 30.51 15.51
C PRO D 387 43.41 30.92 15.49
N TRP D 388 44.20 30.38 16.42
CA TRP D 388 45.57 30.84 16.61
C TRP D 388 46.46 30.64 15.39
N HIS D 389 46.05 29.76 14.48
CA HIS D 389 46.81 29.54 13.26
C HIS D 389 47.00 30.83 12.48
N LEU D 390 45.96 31.66 12.45
CA LEU D 390 45.93 32.87 11.64
C LEU D 390 46.98 33.91 12.03
N ILE D 391 47.54 33.77 13.23
CA ILE D 391 48.58 34.68 13.72
C ILE D 391 49.95 34.16 13.31
N GLY D 392 50.20 32.88 13.61
CA GLY D 392 51.37 32.17 13.10
C GLY D 392 52.66 32.42 13.83
N MET D 393 53.55 33.19 13.19
CA MET D 393 54.87 33.49 13.72
C MET D 393 54.79 34.63 14.75
N GLU D 399 56.18 43.71 16.50
CA GLU D 399 56.76 44.60 17.51
C GLU D 399 58.23 44.85 17.24
N LEU D 400 58.64 46.12 17.30
CA LEU D 400 60.02 46.50 17.04
C LEU D 400 60.86 46.55 18.32
N HIS D 401 60.19 46.61 19.46
CA HIS D 401 60.86 46.61 20.76
C HIS D 401 61.59 45.30 20.99
N GLU D 402 60.99 44.21 20.48
CA GLU D 402 61.51 42.87 20.68
C GLU D 402 62.80 42.62 19.90
N LEU D 403 63.02 43.42 18.86
CA LEU D 403 64.17 43.27 17.98
C LEU D 403 65.07 44.49 18.02
N SER D 404 65.94 44.55 19.03
CA SER D 404 66.82 45.70 19.20
C SER D 404 68.05 45.40 20.05
N GLU D 405 69.17 46.02 19.68
CA GLU D 405 70.41 45.96 20.46
C GLU D 405 70.92 44.54 20.63
C1 NAG E . -16.76 -41.07 2.58
C2 NAG E . -15.75 -41.54 1.53
C3 NAG E . -14.47 -42.02 2.21
C4 NAG E . -14.72 -42.49 3.65
C5 NAG E . -16.13 -43.06 3.82
C6 NAG E . -16.40 -43.46 5.27
C7 NAG E . -15.71 -43.66 0.27
C8 NAG E . -16.29 -44.96 0.77
N2 NAG E . -16.34 -42.54 0.65
O3 NAG E . -13.54 -40.96 2.19
O4 NAG E . -13.77 -43.45 4.10
O5 NAG E . -17.15 -42.17 3.39
O6 NAG E . -17.73 -43.88 5.41
O7 NAG E . -14.72 -43.66 -0.45
C1 NAG E . -12.54 -42.84 4.56
C2 NAG E . -11.40 -43.09 3.56
C3 NAG E . -10.16 -42.24 3.81
C4 NAG E . -10.50 -40.81 4.23
C5 NAG E . -11.53 -40.83 5.35
C6 NAG E . -11.86 -39.42 5.83
C7 NAG E . -11.43 -45.35 2.65
C8 NAG E . -10.39 -46.28 2.12
N2 NAG E . -11.06 -44.50 3.59
O3 NAG E . -9.37 -42.20 2.65
O4 NAG E . -9.33 -40.15 4.68
O5 NAG E . -12.71 -41.47 4.87
O6 NAG E . -10.71 -38.85 6.42
O7 NAG E . -12.59 -45.38 2.21
C1 NAG F . -33.61 -12.68 6.55
C2 NAG F . -34.88 -12.22 7.29
C3 NAG F . -34.70 -10.87 8.00
C4 NAG F . -33.31 -10.61 8.56
C5 NAG F . -32.22 -11.10 7.62
C6 NAG F . -30.82 -10.95 8.24
C7 NAG F . -37.16 -12.78 6.49
C8 NAG F . -38.33 -12.25 5.70
N2 NAG F . -35.99 -12.14 6.34
O3 NAG F . -35.63 -10.78 9.06
O4 NAG F . -33.14 -9.23 8.78
O5 NAG F . -32.45 -12.46 7.32
O6 NAG F . -29.81 -11.44 7.38
O7 NAG F . -37.31 -13.75 7.23
C1 NAG F . -32.91 -8.87 10.17
C2 NAG F . -34.00 -7.97 10.75
C3 NAG F . -33.40 -7.35 12.01
C4 NAG F . -32.99 -8.46 12.98
C5 NAG F . -32.19 -9.57 12.29
C6 NAG F . -32.11 -10.81 13.19
C7 NAG F . -35.71 -6.55 9.81
C8 NAG F . -35.95 -5.09 10.04
N2 NAG F . -34.43 -6.94 9.84
O3 NAG F . -34.34 -6.49 12.62
O4 NAG F . -32.21 -7.89 14.01
O5 NAG F . -32.73 -9.96 11.04
O6 NAG F . -33.41 -11.33 13.40
O7 NAG F . -36.64 -7.31 9.61
C1 FUC F . -29.59 -10.55 6.26
C2 FUC F . -28.47 -9.55 6.59
C3 FUC F . -27.16 -10.32 6.81
C4 FUC F . -26.81 -11.14 5.56
C5 FUC F . -28.01 -12.01 5.10
C6 FUC F . -27.85 -12.59 3.70
O2 FUC F . -28.76 -8.71 7.71
O3 FUC F . -26.08 -9.41 7.05
O4 FUC F . -26.41 -10.29 4.49
O5 FUC F . -29.28 -11.26 5.08
S SO4 G . -39.42 -23.69 -36.47
O1 SO4 G . -38.86 -22.42 -36.03
O2 SO4 G . -40.80 -23.81 -36.04
O3 SO4 G . -39.41 -23.79 -37.92
O4 SO4 G . -38.62 -24.76 -35.88
C1 NAG H . 74.78 47.38 36.10
C2 NAG H . 73.93 46.74 37.20
C3 NAG H . 74.69 46.62 38.53
C4 NAG H . 75.44 47.90 38.93
C5 NAG H . 75.49 48.92 37.79
C6 NAG H . 76.52 50.00 38.07
C7 NAG H . 71.47 46.87 37.40
C8 NAG H . 70.83 46.62 38.74
N2 NAG H . 72.68 47.46 37.41
O3 NAG H . 75.61 45.56 38.44
O4 NAG H . 74.81 48.48 40.05
O5 NAG H . 75.81 48.24 36.59
O6 NAG H . 76.16 50.74 39.22
O7 NAG H . 70.89 46.54 36.37
C1 NAG I . 20.09 29.92 6.60
C2 NAG I . 19.94 31.32 7.18
C3 NAG I . 18.52 31.61 7.70
C4 NAG I . 17.40 30.95 6.89
C5 NAG I . 17.76 29.53 6.49
C6 NAG I . 16.67 28.93 5.60
C7 NAG I . 21.79 32.50 8.32
C8 NAG I . 22.38 32.81 9.67
N2 NAG I . 20.89 31.51 8.27
O3 NAG I . 18.30 33.00 7.68
O4 NAG I . 16.22 30.93 7.67
O5 NAG I . 18.99 29.56 5.80
O6 NAG I . 17.03 27.63 5.20
O7 NAG I . 22.14 33.15 7.33
#